data_7VQM
#
_entry.id   7VQM
#
_cell.length_a   83.413
_cell.length_b   154.006
_cell.length_c   115.925
_cell.angle_alpha   90.000
_cell.angle_beta   109.780
_cell.angle_gamma   90.000
#
_symmetry.space_group_name_H-M   'P 1 21 1'
#
loop_
_entity.id
_entity.type
_entity.pdbx_description
1 polymer 'GH2 beta-galacturonate AqGalA'
2 non-polymer 'CHLORIDE ION'
3 non-polymer 'beta-D-galactopyranuronic acid'
4 water water
#
_entity_poly.entity_id   1
_entity_poly.type   'polypeptide(L)'
_entity_poly.pdbx_seq_one_letter_code
;QTPLLQNVYNRESTLLNGNWKYVIDPYETGYRNHRNWIPFDQMESTKNSAKPYYTDKVIKERWDRVEYNFNTSAEIKVPG
DWNSQDRMLLYYEGSLWYRTKFDYTITDNNRLFIYFGAANYQTDVYVNGQKVGQHLGGFDPFNFDITNVVKPKDNSLMVR
VDNRREKHRVPNYTTDWWNYGGITRDVKLVEVPSTYIQDYAIQLDKDNPKNIKGYVQLAGSSLETNVSINIPEAKINFST
TTDRTGRVHFEIPAKKIKKWYPKRPKLYDVQIQAGNDKLEDQIGLRTIETKGADILLNGQSIFLRGISLHEENPIKIGRA
RSIEDAQMQMGWAKELNCNFIRLAHYPHNENMPRLADKLGLLLWEEIPVYWGIDYENPEAFAQAKSQLETMVHRDKNRAS
VIVWSVANETPDTESRLEFLRQLKKIAIDIDNTRFISAALERNEKDVQDVVKIPDPFAEDVDMLACNEYIGWYSGLPEKC
DKVTWQLPEDKPFFVSEFGGGALYNHHGDKLTRWTEEYQEYLYQEQIKMLKKIPTLRGMTPWILVDFRSPRRNLPIIQDG
WNRKGLISDGGFKKKAFHVLKAYYDEMEKKYNYQIKDLEHHHHHH
;
_entity_poly.pdbx_strand_id   A,B,C,D
#
loop_
_chem_comp.id
_chem_comp.type
_chem_comp.name
_chem_comp.formula
CL non-polymer 'CHLORIDE ION' 'Cl -1'
GTR D-saccharide, beta linking 'beta-D-galactopyranuronic acid' 'C6 H10 O7'
#
# COMPACT_ATOMS: atom_id res chain seq x y z
N THR A 2 9.74 6.47 38.39
CA THR A 2 8.51 7.02 39.07
C THR A 2 7.55 5.88 39.36
N PRO A 3 7.30 5.54 40.66
CA PRO A 3 6.55 4.32 40.99
C PRO A 3 5.19 4.26 40.29
N LEU A 4 4.79 3.06 39.89
CA LEU A 4 3.51 2.81 39.20
C LEU A 4 2.35 3.01 40.17
N LEU A 5 1.38 3.84 39.75
CA LEU A 5 0.10 4.08 40.47
C LEU A 5 -0.75 2.82 40.39
N GLN A 6 -1.01 2.21 41.55
CA GLN A 6 -1.89 1.03 41.70
C GLN A 6 -3.33 1.42 41.37
N ASN A 7 -3.97 0.65 40.52
CA ASN A 7 -5.44 0.66 40.33
C ASN A 7 -5.89 1.97 39.67
N VAL A 8 -5.07 2.53 38.79
CA VAL A 8 -5.51 3.61 37.87
C VAL A 8 -6.71 3.08 37.08
N TYR A 9 -6.80 1.76 36.89
CA TYR A 9 -7.91 1.09 36.18
C TYR A 9 -9.24 1.65 36.68
N ASN A 10 -9.32 1.94 37.98
CA ASN A 10 -10.56 2.38 38.67
C ASN A 10 -10.53 3.87 39.02
N ARG A 11 -9.45 4.59 38.74
CA ARG A 11 -9.38 6.06 39.03
C ARG A 11 -9.95 6.82 37.85
N GLU A 12 -10.41 8.04 38.11
CA GLU A 12 -10.98 8.91 37.05
C GLU A 12 -9.84 9.48 36.21
N SER A 13 -9.92 9.30 34.90
CA SER A 13 -8.83 9.67 33.96
C SER A 13 -9.41 10.46 32.78
N THR A 14 -8.59 11.32 32.18
CA THR A 14 -8.89 12.01 30.91
C THR A 14 -8.09 11.26 29.84
N LEU A 15 -8.79 10.54 28.96
CA LEU A 15 -8.16 9.76 27.87
C LEU A 15 -7.58 10.75 26.86
N LEU A 16 -6.35 10.50 26.41
CA LEU A 16 -5.72 11.28 25.31
C LEU A 16 -5.78 10.48 24.02
N ASN A 17 -6.55 9.39 24.01
CA ASN A 17 -6.81 8.55 22.80
C ASN A 17 -7.40 9.46 21.71
N GLY A 18 -7.06 9.16 20.45
CA GLY A 18 -7.58 9.87 19.28
C GLY A 18 -6.67 9.73 18.07
N ASN A 19 -6.74 10.73 17.19
CA ASN A 19 -5.82 10.83 16.02
C ASN A 19 -4.69 11.73 16.49
N TRP A 20 -3.45 11.27 16.40
CA TRP A 20 -2.25 12.09 16.73
C TRP A 20 -1.46 12.37 15.46
N LYS A 21 -0.72 13.48 15.47
CA LYS A 21 0.27 13.81 14.41
C LYS A 21 1.39 12.76 14.53
N TYR A 22 2.11 12.47 13.46
CA TYR A 22 3.24 11.53 13.52
C TYR A 22 4.24 11.81 12.39
N VAL A 23 5.51 11.53 12.65
CA VAL A 23 6.62 11.60 11.67
C VAL A 23 7.43 10.31 11.80
N ILE A 24 7.67 9.59 10.71
CA ILE A 24 8.59 8.40 10.74
C ILE A 24 10.03 8.94 10.72
N ASP A 25 10.93 8.45 11.57
CA ASP A 25 12.28 9.04 11.75
C ASP A 25 13.33 7.94 11.88
N PRO A 26 13.66 7.23 10.77
CA PRO A 26 14.58 6.10 10.83
C PRO A 26 15.99 6.48 11.31
N TYR A 27 16.54 7.62 10.86
CA TYR A 27 17.91 8.05 11.16
C TYR A 27 17.93 8.91 12.43
N GLU A 28 16.82 8.90 13.18
CA GLU A 28 16.69 9.59 14.50
C GLU A 28 17.05 11.09 14.36
N THR A 29 16.77 11.69 13.21
CA THR A 29 17.06 13.11 12.85
C THR A 29 16.55 14.04 13.96
N GLY A 30 15.36 13.77 14.49
CA GLY A 30 14.67 14.62 15.47
C GLY A 30 15.19 14.49 16.90
N TYR A 31 15.91 13.40 17.19
CA TYR A 31 16.30 12.94 18.55
C TYR A 31 17.82 13.08 18.80
N ARG A 32 18.64 12.82 17.78
CA ARG A 32 20.12 12.77 17.97
C ARG A 32 20.82 13.73 17.02
N ASN A 33 21.95 14.27 17.45
CA ASN A 33 22.88 15.06 16.61
C ASN A 33 23.39 14.12 15.51
N HIS A 34 23.18 14.48 14.24
CA HIS A 34 23.55 13.65 13.07
C HIS A 34 25.07 13.47 12.93
N ARG A 35 25.91 14.24 13.64
CA ARG A 35 27.40 14.19 13.53
C ARG A 35 28.01 13.28 14.61
N ASN A 36 27.53 13.32 15.84
CA ASN A 36 28.18 12.60 16.98
C ASN A 36 27.23 11.55 17.58
N TRP A 37 25.98 11.51 17.14
CA TRP A 37 24.93 10.51 17.51
C TRP A 37 24.42 10.74 18.94
N ILE A 38 24.81 11.85 19.60
CA ILE A 38 24.42 12.13 21.02
C ILE A 38 23.00 12.69 21.04
N PRO A 39 22.10 12.18 21.92
CA PRO A 39 20.74 12.69 21.99
C PRO A 39 20.77 14.17 22.39
N PHE A 40 19.99 15.00 21.68
CA PHE A 40 19.76 16.43 22.00
C PHE A 40 19.40 16.55 23.49
N ASP A 41 18.65 15.59 24.03
CA ASP A 41 18.21 15.48 25.45
C ASP A 41 19.31 15.76 26.47
N GLN A 42 20.56 15.38 26.19
CA GLN A 42 21.69 15.37 27.15
C GLN A 42 22.54 16.62 26.99
N MET A 43 22.33 17.38 25.92
CA MET A 43 23.04 18.64 25.57
C MET A 43 22.10 19.82 25.83
N ALA A 50 15.76 24.47 18.16
CA ALA A 50 15.01 24.28 16.88
C ALA A 50 15.06 22.81 16.42
N LYS A 51 16.26 22.27 16.18
CA LYS A 51 16.53 20.91 15.61
C LYS A 51 15.67 19.82 16.25
N PRO A 52 15.51 19.77 17.60
CA PRO A 52 14.83 18.65 18.23
C PRO A 52 13.33 18.71 17.96
N TYR A 53 12.78 17.62 17.43
CA TYR A 53 11.35 17.52 17.08
C TYR A 53 10.50 17.83 18.33
N TYR A 54 10.97 17.54 19.56
CA TYR A 54 10.18 17.71 20.82
C TYR A 54 9.99 19.19 21.20
N THR A 55 10.77 20.13 20.65
CA THR A 55 10.50 21.59 20.86
C THR A 55 9.21 22.01 20.13
N ASP A 56 8.68 21.21 19.20
CA ASP A 56 7.36 21.46 18.55
C ASP A 56 7.27 22.93 18.13
N LYS A 57 8.33 23.46 17.52
CA LYS A 57 8.46 24.86 17.05
C LYS A 57 7.71 25.04 15.72
N VAL A 58 7.22 26.25 15.48
CA VAL A 58 6.86 26.75 14.13
C VAL A 58 7.72 28.02 13.85
N ILE A 59 7.89 28.39 12.59
CA ILE A 59 8.57 29.65 12.18
C ILE A 59 7.83 30.85 12.77
N LYS A 60 8.54 31.93 13.10
CA LYS A 60 7.95 33.24 13.50
C LYS A 60 7.94 34.21 12.30
N GLU A 61 8.94 34.13 11.43
CA GLU A 61 9.00 34.89 10.17
C GLU A 61 9.22 33.93 9.00
N ARG A 62 8.97 34.41 7.79
CA ARG A 62 8.92 33.59 6.56
C ARG A 62 10.35 33.24 6.08
N TRP A 63 11.39 33.86 6.63
CA TRP A 63 12.82 33.59 6.28
C TRP A 63 13.45 32.58 7.24
N ASP A 64 12.75 32.20 8.31
CA ASP A 64 13.24 31.17 9.26
C ASP A 64 13.20 29.80 8.59
N ARG A 65 13.90 28.83 9.16
CA ARG A 65 13.96 27.42 8.68
C ARG A 65 13.66 26.44 9.81
N VAL A 66 12.61 25.63 9.66
CA VAL A 66 12.31 24.48 10.57
C VAL A 66 11.92 23.30 9.69
N GLU A 67 12.64 22.19 9.76
CA GLU A 67 12.54 21.07 8.79
C GLU A 67 11.58 20.02 9.34
N TYR A 68 10.58 20.46 10.10
CA TYR A 68 9.43 19.65 10.59
C TYR A 68 8.28 20.61 10.92
N ASN A 69 7.09 20.05 11.05
CA ASN A 69 5.87 20.81 11.41
C ASN A 69 4.76 19.80 11.72
N PHE A 70 4.60 19.45 12.99
CA PHE A 70 3.62 18.45 13.46
C PHE A 70 2.20 18.92 13.09
N ASN A 71 1.95 20.23 13.01
CA ASN A 71 0.60 20.75 12.65
C ASN A 71 0.19 20.31 11.26
N THR A 72 1.15 20.10 10.35
CA THR A 72 0.88 19.71 8.94
C THR A 72 1.24 18.25 8.70
N SER A 73 1.63 17.50 9.72
CA SER A 73 2.16 16.12 9.55
C SER A 73 0.99 15.15 9.38
N ALA A 74 1.24 13.93 8.90
CA ALA A 74 0.19 12.91 8.72
C ALA A 74 -0.32 12.48 10.10
N GLU A 75 -1.51 11.87 10.15
CA GLU A 75 -2.20 11.48 11.41
C GLU A 75 -2.18 9.95 11.60
N ILE A 76 -2.26 9.50 12.86
CA ILE A 76 -2.26 8.05 13.21
C ILE A 76 -3.16 7.82 14.42
N LYS A 77 -3.75 6.62 14.49
CA LYS A 77 -4.70 6.25 15.56
C LYS A 77 -3.89 5.87 16.80
N VAL A 78 -4.19 6.52 17.93
CA VAL A 78 -3.71 6.17 19.30
C VAL A 78 -4.92 5.82 20.14
N PRO A 79 -4.93 4.67 20.84
CA PRO A 79 -3.84 3.70 20.80
C PRO A 79 -3.93 2.74 19.59
N GLY A 80 -2.87 1.95 19.44
CA GLY A 80 -2.75 0.80 18.51
C GLY A 80 -1.31 0.62 18.09
N ASP A 81 -0.89 -0.59 17.76
CA ASP A 81 0.39 -0.80 17.02
C ASP A 81 0.35 0.07 15.76
N TRP A 82 1.50 0.50 15.27
CA TRP A 82 1.55 1.26 13.99
C TRP A 82 1.50 0.30 12.80
N ASN A 83 2.02 -0.91 12.94
CA ASN A 83 2.26 -1.85 11.80
C ASN A 83 0.97 -2.14 11.03
N SER A 84 -0.17 -2.23 11.72
CA SER A 84 -1.47 -2.65 11.13
C SER A 84 -2.26 -1.46 10.55
N GLN A 85 -1.72 -0.23 10.63
CA GLN A 85 -2.44 1.02 10.27
C GLN A 85 -2.11 1.45 8.84
N ASP A 86 -1.05 0.89 8.26
CA ASP A 86 -0.59 1.24 6.89
C ASP A 86 0.42 0.18 6.45
N ARG A 87 0.21 -0.38 5.25
CA ARG A 87 1.19 -1.28 4.57
C ARG A 87 2.64 -0.76 4.73
N MET A 88 2.85 0.57 4.62
CA MET A 88 4.16 1.25 4.80
C MET A 88 4.80 0.92 6.17
N LEU A 89 3.99 0.70 7.22
CA LEU A 89 4.44 0.56 8.63
C LEU A 89 4.55 -0.92 9.05
N LEU A 90 4.17 -1.85 8.18
CA LEU A 90 4.05 -3.29 8.56
C LEU A 90 5.39 -3.84 9.05
N TYR A 91 6.49 -3.57 8.35
CA TYR A 91 7.83 -4.05 8.76
C TYR A 91 8.65 -2.91 9.37
N TYR A 92 8.08 -1.73 9.64
CA TYR A 92 8.86 -0.60 10.21
C TYR A 92 9.34 -0.93 11.62
N GLU A 93 10.66 -0.93 11.76
CA GLU A 93 11.40 -1.18 13.02
C GLU A 93 12.33 0.01 13.23
N GLY A 94 12.00 0.91 14.15
CA GLY A 94 12.72 2.19 14.23
C GLY A 94 12.00 3.17 15.11
N SER A 95 12.35 4.44 15.05
CA SER A 95 11.67 5.48 15.85
C SER A 95 10.61 6.22 15.03
N LEU A 96 9.58 6.67 15.75
CA LEU A 96 8.40 7.39 15.23
C LEU A 96 7.99 8.44 16.26
N TRP A 97 7.65 9.67 15.83
CA TRP A 97 7.19 10.74 16.75
C TRP A 97 5.66 10.81 16.69
N TYR A 98 5.03 10.73 17.86
CA TYR A 98 3.59 10.99 18.08
C TYR A 98 3.44 12.34 18.74
N ARG A 99 2.42 13.10 18.34
CA ARG A 99 2.23 14.47 18.86
C ARG A 99 0.73 14.75 18.94
N THR A 100 0.33 15.33 20.06
CA THR A 100 -1.03 15.88 20.24
C THR A 100 -0.96 17.14 21.10
N LYS A 101 -2.12 17.70 21.39
CA LYS A 101 -2.27 18.87 22.25
C LYS A 101 -3.45 18.64 23.17
N PHE A 102 -3.45 19.31 24.32
CA PHE A 102 -4.49 19.16 25.36
C PHE A 102 -4.47 20.39 26.26
N ASP A 103 -5.66 20.74 26.73
CA ASP A 103 -5.92 21.76 27.77
C ASP A 103 -6.22 21.04 29.06
N TYR A 104 -5.72 21.52 30.19
CA TYR A 104 -6.05 20.95 31.51
C TYR A 104 -5.80 22.03 32.57
N THR A 105 -6.81 22.29 33.40
CA THR A 105 -6.66 23.08 34.65
C THR A 105 -6.64 22.08 35.82
N ILE A 106 -5.49 21.91 36.47
CA ILE A 106 -5.36 21.13 37.73
C ILE A 106 -6.15 21.88 38.81
N THR A 107 -6.99 21.18 39.58
CA THR A 107 -7.70 21.75 40.75
C THR A 107 -6.71 21.89 41.92
N ASP A 108 -6.60 23.09 42.49
CA ASP A 108 -5.93 23.40 43.78
C ASP A 108 -4.49 22.87 43.73
N ASN A 109 -4.05 22.09 44.71
CA ASN A 109 -2.64 21.63 44.84
C ASN A 109 -2.52 20.15 44.44
N ASN A 110 -3.49 19.62 43.70
CA ASN A 110 -3.45 18.22 43.20
C ASN A 110 -2.22 18.06 42.28
N ARG A 111 -1.91 16.81 41.96
CA ARG A 111 -0.82 16.45 41.03
C ARG A 111 -1.45 15.85 39.78
N LEU A 112 -0.78 16.01 38.65
CA LEU A 112 -1.22 15.43 37.35
C LEU A 112 -0.16 14.43 36.86
N PHE A 113 -0.62 13.22 36.59
CA PHE A 113 0.19 12.12 36.02
C PHE A 113 -0.30 11.87 34.59
N ILE A 114 0.63 11.67 33.69
CA ILE A 114 0.32 10.98 32.40
C ILE A 114 0.62 9.51 32.60
N TYR A 115 -0.32 8.66 32.22
CA TYR A 115 -0.27 7.18 32.36
C TYR A 115 -0.36 6.51 30.98
N PHE A 116 0.58 5.60 30.74
CA PHE A 116 0.70 4.77 29.51
C PHE A 116 0.53 3.30 29.89
N GLY A 117 -0.50 2.65 29.36
CA GLY A 117 -0.73 1.20 29.53
C GLY A 117 0.41 0.40 28.92
N ALA A 118 1.03 0.93 27.84
CA ALA A 118 2.23 0.33 27.21
C ALA A 118 2.62 1.13 25.96
N ALA A 119 3.91 1.10 25.65
CA ALA A 119 4.47 1.52 24.35
C ALA A 119 5.72 0.67 24.06
N ASN A 120 5.80 0.08 22.86
CA ASN A 120 6.93 -0.80 22.47
C ASN A 120 7.88 -0.07 21.53
N TYR A 121 9.15 0.09 21.89
CA TYR A 121 9.78 -0.51 23.04
C TYR A 121 10.24 0.58 24.01
N GLN A 122 10.94 1.59 23.47
CA GLN A 122 11.48 2.73 24.23
C GLN A 122 10.62 3.97 23.95
N THR A 123 10.03 4.50 25.03
CA THR A 123 9.26 5.75 25.03
C THR A 123 10.13 6.87 25.63
N ASP A 124 10.15 8.01 24.96
CA ASP A 124 10.68 9.30 25.50
C ASP A 124 9.56 10.33 25.39
N VAL A 125 9.15 10.90 26.52
CA VAL A 125 7.90 11.72 26.61
C VAL A 125 8.32 13.13 26.98
N TYR A 126 7.69 14.11 26.34
CA TYR A 126 7.98 15.55 26.50
C TYR A 126 6.65 16.30 26.61
N VAL A 127 6.63 17.35 27.43
CA VAL A 127 5.47 18.27 27.55
C VAL A 127 6.05 19.68 27.49
N ASN A 128 5.50 20.51 26.60
CA ASN A 128 5.93 21.91 26.35
C ASN A 128 7.46 21.93 26.18
N GLY A 129 7.96 21.01 25.35
CA GLY A 129 9.38 20.90 25.01
C GLY A 129 10.21 20.49 26.22
N GLN A 130 9.59 20.06 27.31
CA GLN A 130 10.37 19.60 28.50
C GLN A 130 10.25 18.08 28.63
N LYS A 131 11.41 17.43 28.74
CA LYS A 131 11.47 15.98 28.96
C LYS A 131 10.91 15.68 30.34
N VAL A 132 10.00 14.72 30.40
CA VAL A 132 9.23 14.32 31.61
C VAL A 132 9.61 12.89 32.00
N GLY A 133 10.04 12.02 31.07
CA GLY A 133 10.40 10.63 31.42
C GLY A 133 10.88 9.80 30.26
N GLN A 134 11.47 8.64 30.59
CA GLN A 134 11.83 7.57 29.64
C GLN A 134 11.30 6.23 30.15
N HIS A 135 10.85 5.34 29.25
CA HIS A 135 10.49 3.95 29.59
C HIS A 135 11.10 2.98 28.57
N LEU A 136 11.75 1.96 29.09
CA LEU A 136 12.28 0.78 28.36
C LEU A 136 11.42 -0.42 28.76
N GLY A 137 10.96 -1.19 27.77
CA GLY A 137 10.03 -2.31 27.97
C GLY A 137 8.73 -2.07 27.22
N GLY A 138 8.31 -3.05 26.42
CA GLY A 138 7.30 -2.83 25.36
C GLY A 138 5.87 -3.09 25.79
N PHE A 139 5.64 -3.68 26.98
CA PHE A 139 4.32 -4.23 27.38
C PHE A 139 3.94 -3.93 28.83
N ASP A 140 4.67 -3.06 29.53
CA ASP A 140 4.44 -2.78 30.97
C ASP A 140 4.08 -1.31 31.13
N PRO A 141 3.05 -0.93 31.94
CA PRO A 141 2.60 0.46 32.00
C PRO A 141 3.63 1.33 32.74
N PHE A 142 3.45 2.65 32.69
CA PHE A 142 4.37 3.65 33.31
C PHE A 142 3.69 5.01 33.38
N ASN A 143 4.04 5.81 34.39
CA ASN A 143 3.40 7.13 34.61
C ASN A 143 4.46 8.13 35.03
N PHE A 144 4.30 9.37 34.59
CA PHE A 144 5.17 10.53 34.92
C PHE A 144 4.31 11.65 35.49
N ASP A 145 4.78 12.20 36.62
CA ASP A 145 4.23 13.44 37.23
C ASP A 145 4.54 14.61 36.31
N ILE A 146 3.52 15.29 35.78
CA ILE A 146 3.74 16.45 34.86
C ILE A 146 3.23 17.75 35.48
N THR A 147 2.81 17.72 36.76
CA THR A 147 2.16 18.87 37.46
C THR A 147 2.89 20.21 37.18
N ASN A 148 4.21 20.27 37.33
CA ASN A 148 4.95 21.56 37.29
C ASN A 148 5.14 22.05 35.86
N VAL A 149 4.75 21.26 34.85
CA VAL A 149 5.14 21.54 33.44
C VAL A 149 3.90 21.76 32.57
N VAL A 150 2.67 21.59 33.07
CA VAL A 150 1.49 21.87 32.21
C VAL A 150 1.00 23.30 32.45
N LYS A 151 0.22 23.82 31.49
CA LYS A 151 -0.49 25.11 31.58
C LYS A 151 -1.96 24.86 31.27
N PRO A 152 -2.85 25.84 31.48
CA PRO A 152 -4.27 25.64 31.22
C PRO A 152 -4.61 25.28 29.76
N LYS A 153 -3.90 25.86 28.77
CA LYS A 153 -4.28 25.76 27.34
C LYS A 153 -3.09 25.34 26.47
N ASP A 154 -3.41 24.60 25.40
CA ASP A 154 -2.51 24.42 24.22
C ASP A 154 -1.19 23.80 24.68
N ASN A 155 -1.25 22.74 25.50
CA ASN A 155 -0.06 21.95 25.89
C ASN A 155 0.41 21.11 24.69
N SER A 156 1.68 21.18 24.32
CA SER A 156 2.33 20.25 23.37
C SER A 156 2.67 18.94 24.11
N LEU A 157 2.11 17.79 23.69
CA LEU A 157 2.46 16.45 24.21
C LEU A 157 3.26 15.71 23.13
N MET A 158 4.53 15.41 23.37
CA MET A 158 5.38 14.75 22.34
C MET A 158 5.81 13.37 22.86
N VAL A 159 5.49 12.32 22.11
CA VAL A 159 5.72 10.91 22.54
C VAL A 159 6.54 10.21 21.45
N ARG A 160 7.85 10.06 21.71
CA ARG A 160 8.74 9.30 20.80
C ARG A 160 8.68 7.84 21.21
N VAL A 161 8.55 6.96 20.23
CA VAL A 161 8.59 5.50 20.49
C VAL A 161 9.56 4.86 19.49
N ASP A 162 10.55 4.14 20.00
CA ASP A 162 11.53 3.41 19.17
C ASP A 162 11.38 1.91 19.46
N ASN A 163 11.10 1.09 18.44
CA ASN A 163 11.01 -0.40 18.61
C ASN A 163 12.17 -1.13 17.91
N ARG A 164 13.25 -0.44 17.53
CA ARG A 164 14.45 -1.08 16.90
C ARG A 164 15.01 -2.19 17.79
N ARG A 165 15.26 -3.37 17.22
CA ARG A 165 15.87 -4.52 17.95
C ARG A 165 17.33 -4.17 18.29
N GLU A 166 17.72 -4.30 19.57
CA GLU A 166 19.11 -4.03 20.04
C GLU A 166 19.54 -5.16 20.98
N LYS A 167 20.85 -5.43 21.06
CA LYS A 167 21.45 -6.59 21.78
C LYS A 167 21.04 -6.61 23.25
N HIS A 168 21.02 -5.45 23.90
CA HIS A 168 20.83 -5.27 25.37
C HIS A 168 19.34 -5.26 25.75
N ARG A 169 18.43 -5.20 24.77
CA ARG A 169 16.96 -5.07 25.04
C ARG A 169 16.37 -6.44 25.37
N VAL A 170 15.15 -6.42 25.90
CA VAL A 170 14.43 -7.60 26.41
C VAL A 170 13.02 -7.52 25.83
N PRO A 171 12.67 -8.22 24.72
CA PRO A 171 13.58 -9.13 24.01
C PRO A 171 14.52 -8.40 23.03
N ASN A 172 15.48 -9.13 22.43
CA ASN A 172 16.55 -8.54 21.58
C ASN A 172 16.35 -8.97 20.11
N TYR A 173 17.28 -9.73 19.53
CA TYR A 173 17.43 -9.88 18.06
C TYR A 173 16.25 -10.62 17.42
N THR A 174 15.65 -11.56 18.14
CA THR A 174 14.59 -12.41 17.52
C THR A 174 13.67 -13.04 18.56
N THR A 175 12.40 -13.10 18.19
CA THR A 175 11.36 -13.87 18.90
C THR A 175 10.48 -14.49 17.82
N ASP A 176 9.52 -15.29 18.24
CA ASP A 176 8.56 -15.88 17.29
C ASP A 176 7.27 -15.07 17.29
N TRP A 177 7.35 -13.75 17.33
CA TRP A 177 6.15 -12.89 17.16
C TRP A 177 6.54 -11.55 16.52
N TRP A 178 5.55 -10.85 15.98
CA TRP A 178 5.72 -9.60 15.18
C TRP A 178 6.12 -8.43 16.09
N ASN A 179 7.14 -7.66 15.69
CA ASN A 179 7.60 -6.43 16.40
C ASN A 179 6.57 -5.33 16.14
N TYR A 180 5.52 -5.31 16.95
CA TYR A 180 4.47 -4.25 16.91
C TYR A 180 4.99 -3.02 17.67
N GLY A 181 5.35 -1.98 16.92
CA GLY A 181 5.80 -0.70 17.50
C GLY A 181 4.64 0.20 17.91
N GLY A 182 4.93 1.17 18.79
CA GLY A 182 4.08 2.35 19.03
C GLY A 182 3.31 2.30 20.34
N ILE A 183 2.37 3.24 20.48
CA ILE A 183 1.50 3.43 21.68
C ILE A 183 0.33 2.43 21.58
N THR A 184 0.52 1.25 22.18
CA THR A 184 -0.32 0.04 21.92
C THR A 184 -1.49 -0.03 22.90
N ARG A 185 -1.56 0.87 23.87
CA ARG A 185 -2.67 0.86 24.88
C ARG A 185 -3.02 2.30 25.21
N ASP A 186 -4.16 2.46 25.90
CA ASP A 186 -4.72 3.76 26.32
C ASP A 186 -3.63 4.61 26.98
N VAL A 187 -3.65 5.89 26.62
CA VAL A 187 -2.85 6.97 27.25
C VAL A 187 -3.86 7.91 27.91
N LYS A 188 -3.58 8.36 29.13
CA LYS A 188 -4.58 9.13 29.92
C LYS A 188 -3.88 9.96 30.99
N LEU A 189 -4.62 10.98 31.44
CA LEU A 189 -4.23 11.92 32.50
C LEU A 189 -4.97 11.51 33.77
N VAL A 190 -4.25 11.41 34.89
CA VAL A 190 -4.81 10.95 36.19
C VAL A 190 -4.48 12.03 37.22
N GLU A 191 -5.51 12.75 37.66
CA GLU A 191 -5.40 13.80 38.71
C GLU A 191 -5.69 13.15 40.07
N VAL A 192 -4.77 13.35 41.03
CA VAL A 192 -4.86 12.80 42.41
C VAL A 192 -4.47 13.91 43.37
N PRO A 193 -4.94 13.85 44.65
CA PRO A 193 -4.70 14.92 45.61
C PRO A 193 -3.20 14.97 45.96
N SER A 194 -2.77 16.02 46.67
CA SER A 194 -1.34 16.29 46.97
C SER A 194 -0.76 15.15 47.81
N THR A 195 -1.61 14.46 48.57
CA THR A 195 -1.25 13.19 49.26
C THR A 195 -2.20 12.15 48.69
N TYR A 196 -1.66 11.08 48.09
CA TYR A 196 -2.49 10.11 47.32
C TYR A 196 -2.08 8.68 47.67
N ILE A 197 -3.03 7.77 47.52
CA ILE A 197 -2.78 6.31 47.56
C ILE A 197 -1.96 5.91 46.34
N GLN A 198 -0.67 5.60 46.55
CA GLN A 198 0.29 5.25 45.46
C GLN A 198 0.22 3.75 45.17
N ASP A 199 0.15 2.93 46.22
CA ASP A 199 0.25 1.45 46.13
C ASP A 199 -0.43 0.80 47.34
N TYR A 200 -0.76 -0.49 47.18
CA TYR A 200 -1.32 -1.33 48.24
C TYR A 200 -1.39 -2.78 47.77
N ALA A 201 -1.35 -3.71 48.72
CA ALA A 201 -1.59 -5.16 48.56
C ALA A 201 -2.69 -5.56 49.54
N ILE A 202 -3.65 -6.38 49.11
CA ILE A 202 -4.78 -6.87 49.93
C ILE A 202 -5.11 -8.29 49.46
N GLN A 203 -4.65 -9.30 50.19
CA GLN A 203 -4.71 -10.72 49.78
C GLN A 203 -4.91 -11.57 51.04
N LEU A 204 -5.53 -12.76 50.92
CA LEU A 204 -5.62 -13.69 52.06
C LEU A 204 -4.17 -14.01 52.48
N ASP A 205 -3.92 -14.08 53.79
CA ASP A 205 -2.65 -14.58 54.37
C ASP A 205 -2.54 -16.07 54.02
N LYS A 206 -1.62 -16.43 53.13
CA LYS A 206 -1.29 -17.82 52.72
C LYS A 206 -1.20 -18.69 53.97
N ASP A 207 -0.49 -18.20 55.00
CA ASP A 207 -0.16 -18.94 56.26
C ASP A 207 -1.35 -18.99 57.23
N ASN A 208 -2.32 -18.07 57.11
CA ASN A 208 -3.59 -18.13 57.90
C ASN A 208 -4.72 -17.46 57.13
N PRO A 209 -5.46 -18.26 56.33
CA PRO A 209 -6.55 -17.76 55.49
C PRO A 209 -7.77 -17.17 56.20
N LYS A 210 -7.83 -17.26 57.54
CA LYS A 210 -8.84 -16.56 58.37
C LYS A 210 -8.59 -15.06 58.28
N ASN A 211 -7.39 -14.62 57.86
CA ASN A 211 -7.05 -13.17 57.83
C ASN A 211 -6.71 -12.68 56.43
N ILE A 212 -6.94 -11.37 56.27
CA ILE A 212 -6.46 -10.54 55.13
C ILE A 212 -5.22 -9.79 55.61
N LYS A 213 -4.17 -9.85 54.81
CA LYS A 213 -2.84 -9.23 55.06
C LYS A 213 -2.61 -8.17 53.96
N GLY A 214 -1.79 -7.17 54.25
CA GLY A 214 -1.34 -6.24 53.20
C GLY A 214 -0.68 -5.01 53.78
N TYR A 215 -0.52 -4.01 52.93
CA TYR A 215 0.07 -2.70 53.24
C TYR A 215 -0.65 -1.66 52.37
N VAL A 216 -0.53 -0.40 52.76
CA VAL A 216 -0.90 0.77 51.95
C VAL A 216 0.33 1.69 51.94
N GLN A 217 0.69 2.17 50.75
CA GLN A 217 1.78 3.14 50.50
C GLN A 217 1.16 4.43 49.98
N LEU A 218 1.33 5.51 50.74
CA LEU A 218 0.94 6.88 50.34
C LEU A 218 2.18 7.58 49.78
N ALA A 219 1.98 8.53 48.87
CA ALA A 219 3.05 9.45 48.41
C ALA A 219 2.53 10.88 48.38
N GLY A 220 3.44 11.86 48.30
CA GLY A 220 3.09 13.29 48.19
C GLY A 220 3.49 14.08 49.42
N SER A 221 2.74 15.13 49.75
CA SER A 221 3.20 16.27 50.60
C SER A 221 3.17 15.92 52.10
N SER A 222 2.11 15.32 52.64
CA SER A 222 1.98 15.03 54.10
C SER A 222 1.55 13.55 54.32
N LEU A 223 2.52 12.71 54.68
CA LEU A 223 2.42 11.22 54.59
C LEU A 223 1.80 10.63 55.85
N GLU A 224 1.71 11.40 56.93
CA GLU A 224 1.09 11.00 58.22
C GLU A 224 -0.37 11.42 58.22
N THR A 225 -1.29 10.47 58.06
CA THR A 225 -2.76 10.74 57.92
C THR A 225 -3.54 9.45 58.25
N ASN A 226 -4.87 9.56 58.32
CA ASN A 226 -5.78 8.40 58.48
C ASN A 226 -5.83 7.63 57.16
N VAL A 227 -5.91 6.32 57.28
CA VAL A 227 -6.07 5.34 56.17
C VAL A 227 -7.19 4.41 56.60
N SER A 228 -8.20 4.19 55.76
CA SER A 228 -9.27 3.19 55.99
C SER A 228 -9.34 2.20 54.82
N ILE A 229 -9.78 0.98 55.13
CA ILE A 229 -10.11 -0.09 54.14
C ILE A 229 -11.47 -0.64 54.56
N ASN A 230 -12.51 -0.35 53.77
CA ASN A 230 -13.87 -0.89 53.93
C ASN A 230 -14.13 -1.99 52.91
N ILE A 231 -14.58 -3.17 53.36
CA ILE A 231 -15.15 -4.23 52.49
C ILE A 231 -16.58 -4.51 52.96
N PRO A 232 -17.54 -3.62 52.62
CA PRO A 232 -18.84 -3.57 53.29
C PRO A 232 -19.55 -4.93 53.37
N GLU A 233 -19.57 -5.68 52.26
CA GLU A 233 -20.29 -6.98 52.13
C GLU A 233 -19.69 -7.97 53.13
N ALA A 234 -18.41 -7.81 53.42
CA ALA A 234 -17.64 -8.70 54.31
C ALA A 234 -17.69 -8.17 55.74
N LYS A 235 -18.33 -7.03 55.98
CA LYS A 235 -18.49 -6.48 57.35
C LYS A 235 -17.15 -5.97 57.87
N ILE A 236 -16.23 -5.62 56.97
CA ILE A 236 -14.86 -5.18 57.36
C ILE A 236 -14.77 -3.65 57.22
N ASN A 237 -14.43 -3.00 58.34
CA ASN A 237 -14.31 -1.54 58.51
C ASN A 237 -13.02 -1.27 59.27
N PHE A 238 -11.88 -1.61 58.67
CA PHE A 238 -10.51 -1.35 59.20
C PHE A 238 -10.16 0.12 59.00
N SER A 239 -9.47 0.68 59.99
CA SER A 239 -9.00 2.09 60.02
C SER A 239 -7.67 2.13 60.80
N THR A 240 -6.70 2.93 60.35
CA THR A 240 -5.39 3.08 61.04
C THR A 240 -4.76 4.42 60.66
N THR A 241 -3.54 4.67 61.13
CA THR A 241 -2.74 5.89 60.84
C THR A 241 -1.40 5.46 60.25
N THR A 242 -0.78 6.36 59.47
CA THR A 242 0.56 6.15 58.89
C THR A 242 1.61 7.00 59.60
N ASP A 243 2.84 6.53 59.49
CA ASP A 243 4.02 7.25 60.01
C ASP A 243 4.62 8.12 58.90
N ARG A 244 5.80 8.72 59.12
CA ARG A 244 6.47 9.66 58.16
C ARG A 244 6.76 8.99 56.80
N THR A 245 6.78 7.65 56.69
CA THR A 245 7.08 6.90 55.43
C THR A 245 5.86 6.77 54.53
N GLY A 246 4.65 6.98 55.07
CA GLY A 246 3.38 6.71 54.37
C GLY A 246 3.06 5.22 54.17
N ARG A 247 3.89 4.29 54.66
CA ARG A 247 3.76 2.83 54.43
C ARG A 247 3.26 2.18 55.72
N VAL A 248 2.10 1.53 55.71
CA VAL A 248 1.53 0.83 56.89
C VAL A 248 1.12 -0.59 56.49
N HIS A 249 1.51 -1.58 57.31
CA HIS A 249 1.12 -3.01 57.19
C HIS A 249 -0.07 -3.27 58.12
N PHE A 250 -0.89 -4.28 57.83
CA PHE A 250 -2.16 -4.55 58.56
C PHE A 250 -2.47 -6.06 58.49
N GLU A 251 -3.32 -6.51 59.42
CA GLU A 251 -3.76 -7.93 59.58
C GLU A 251 -5.21 -7.91 60.06
N ILE A 252 -6.15 -7.89 59.13
CA ILE A 252 -7.63 -7.79 59.37
C ILE A 252 -8.19 -9.20 59.35
N PRO A 253 -8.96 -9.66 60.36
CA PRO A 253 -9.73 -10.90 60.23
C PRO A 253 -10.71 -10.90 59.03
N ALA A 254 -11.17 -12.09 58.61
CA ALA A 254 -12.27 -12.28 57.62
C ALA A 254 -13.37 -13.14 58.26
N LYS A 256 -15.82 -14.79 57.34
CA LYS A 256 -17.06 -14.29 56.67
C LYS A 256 -16.95 -14.28 55.14
N ILE A 257 -15.76 -14.47 54.59
CA ILE A 257 -15.45 -14.16 53.17
C ILE A 257 -15.70 -15.41 52.32
N LYS A 258 -16.47 -15.25 51.26
CA LYS A 258 -16.66 -16.28 50.19
C LYS A 258 -15.45 -16.22 49.26
N LYS A 259 -14.67 -17.30 49.19
CA LYS A 259 -13.36 -17.32 48.48
C LYS A 259 -13.57 -17.44 46.97
N TRP A 260 -12.60 -16.94 46.18
CA TRP A 260 -12.67 -16.90 44.69
C TRP A 260 -12.26 -18.26 44.12
N TYR A 261 -13.10 -18.84 43.25
CA TYR A 261 -12.87 -20.11 42.51
C TYR A 261 -13.27 -19.91 41.04
N PRO A 262 -12.61 -20.56 40.05
CA PRO A 262 -13.01 -20.43 38.64
C PRO A 262 -14.53 -20.62 38.46
N LYS A 263 -15.11 -21.62 39.12
CA LYS A 263 -16.56 -21.94 39.05
C LYS A 263 -17.38 -20.92 39.86
N ARG A 264 -16.78 -20.10 40.74
CA ARG A 264 -17.54 -19.12 41.55
C ARG A 264 -16.62 -17.94 41.86
N PRO A 265 -16.37 -17.04 40.87
CA PRO A 265 -15.35 -16.00 41.00
C PRO A 265 -15.86 -14.79 41.78
N LYS A 266 -16.00 -14.98 43.09
CA LYS A 266 -16.49 -13.93 44.01
C LYS A 266 -15.42 -12.83 44.12
N LEU A 267 -15.81 -11.61 43.76
CA LEU A 267 -15.01 -10.37 43.96
C LEU A 267 -15.71 -9.47 44.98
N TYR A 268 -14.94 -8.85 45.86
CA TYR A 268 -15.45 -7.90 46.88
C TYR A 268 -15.20 -6.47 46.40
N ASP A 269 -16.19 -5.58 46.52
CA ASP A 269 -16.01 -4.12 46.40
C ASP A 269 -15.15 -3.69 47.59
N VAL A 270 -14.03 -3.02 47.32
CA VAL A 270 -13.08 -2.51 48.36
C VAL A 270 -12.96 -0.99 48.19
N GLN A 271 -13.07 -0.23 49.28
CA GLN A 271 -12.78 1.22 49.31
C GLN A 271 -11.51 1.43 50.14
N ILE A 272 -10.47 1.94 49.51
CA ILE A 272 -9.23 2.40 50.21
C ILE A 272 -9.32 3.93 50.24
N GLN A 273 -9.16 4.53 51.41
CA GLN A 273 -9.30 5.99 51.60
C GLN A 273 -8.16 6.49 52.49
N ALA A 274 -7.51 7.57 52.09
CA ALA A 274 -6.41 8.25 52.82
C ALA A 274 -6.49 9.75 52.55
N GLY A 275 -6.55 10.58 53.59
CA GLY A 275 -6.79 12.03 53.44
C GLY A 275 -7.97 12.30 52.54
N ASN A 276 -7.78 13.07 51.47
CA ASN A 276 -8.86 13.41 50.51
C ASN A 276 -8.90 12.42 49.35
N ASP A 277 -8.05 11.40 49.31
CA ASP A 277 -7.95 10.46 48.16
C ASP A 277 -8.84 9.25 48.46
N LYS A 278 -9.54 8.75 47.45
CA LYS A 278 -10.50 7.62 47.59
C LYS A 278 -10.47 6.75 46.33
N LEU A 279 -10.34 5.44 46.52
CA LEU A 279 -10.13 4.47 45.43
C LEU A 279 -11.07 3.28 45.64
N GLU A 280 -11.82 2.89 44.61
CA GLU A 280 -12.57 1.61 44.62
C GLU A 280 -11.74 0.54 43.90
N ASP A 281 -11.76 -0.69 44.41
CA ASP A 281 -11.18 -1.88 43.75
C ASP A 281 -12.20 -3.03 43.82
N GLN A 282 -12.03 -4.01 42.94
CA GLN A 282 -12.80 -5.28 42.91
C GLN A 282 -11.74 -6.37 43.08
N ILE A 283 -11.73 -7.03 44.25
CA ILE A 283 -10.69 -8.00 44.69
C ILE A 283 -11.34 -9.34 45.06
N GLY A 284 -10.77 -10.42 44.51
CA GLY A 284 -11.05 -11.80 44.90
C GLY A 284 -10.00 -12.32 45.87
N LEU A 285 -10.48 -13.16 46.79
CA LEU A 285 -9.70 -13.65 47.95
C LEU A 285 -9.61 -15.17 47.82
N ARG A 286 -8.38 -15.67 47.71
CA ARG A 286 -8.09 -17.10 47.53
C ARG A 286 -6.66 -17.42 47.97
N THR A 287 -6.40 -18.69 48.24
CA THR A 287 -5.05 -19.23 48.47
C THR A 287 -4.67 -20.14 47.31
N ILE A 288 -3.46 -19.98 46.80
CA ILE A 288 -2.83 -20.91 45.83
C ILE A 288 -1.56 -21.43 46.49
N GLU A 289 -1.33 -22.74 46.41
CA GLU A 289 -0.19 -23.38 47.09
C GLU A 289 0.04 -24.76 46.46
N THR A 290 1.12 -25.41 46.87
CA THR A 290 1.52 -26.73 46.35
C THR A 290 1.68 -27.70 47.51
N LYS A 291 1.09 -28.88 47.43
CA LYS A 291 1.32 -29.99 48.40
C LYS A 291 1.94 -31.16 47.64
N GLY A 292 3.25 -31.36 47.78
CA GLY A 292 4.00 -32.26 46.87
C GLY A 292 3.64 -31.98 45.42
N ALA A 293 2.94 -32.92 44.76
CA ALA A 293 2.57 -32.87 43.33
C ALA A 293 1.25 -32.12 43.12
N ASP A 294 0.44 -31.98 44.16
CA ASP A 294 -0.92 -31.39 44.09
C ASP A 294 -0.82 -29.85 44.07
N ILE A 295 -1.65 -29.23 43.23
CA ILE A 295 -1.96 -27.77 43.22
C ILE A 295 -3.27 -27.57 43.97
N LEU A 296 -3.22 -26.75 45.01
CA LEU A 296 -4.30 -26.52 46.00
C LEU A 296 -4.80 -25.07 45.88
N LEU A 297 -6.04 -24.91 45.46
CA LEU A 297 -6.76 -23.63 45.44
C LEU A 297 -7.77 -23.61 46.60
N ASN A 298 -7.56 -22.75 47.59
CA ASN A 298 -8.39 -22.77 48.81
C ASN A 298 -8.36 -24.20 49.36
N GLY A 299 -7.17 -24.80 49.35
CA GLY A 299 -6.91 -26.15 49.85
C GLY A 299 -7.63 -27.24 49.07
N GLN A 300 -8.18 -26.94 47.89
CA GLN A 300 -8.85 -27.95 47.03
C GLN A 300 -7.92 -28.29 45.86
N SER A 301 -7.63 -29.57 45.63
CA SER A 301 -6.75 -30.07 44.53
C SER A 301 -7.41 -29.81 43.17
N ILE A 302 -6.69 -29.17 42.25
CA ILE A 302 -7.27 -28.73 40.95
C ILE A 302 -6.33 -29.15 39.82
N PHE A 303 -6.84 -29.06 38.60
CA PHE A 303 -6.12 -29.31 37.34
C PHE A 303 -6.26 -28.09 36.42
N LEU A 304 -5.17 -27.63 35.82
CA LEU A 304 -5.20 -26.42 34.95
C LEU A 304 -5.45 -26.83 33.50
N ARG A 305 -6.72 -26.75 33.11
CA ARG A 305 -7.22 -27.01 31.73
C ARG A 305 -7.01 -25.72 30.96
N GLY A 306 -5.88 -25.61 30.27
CA GLY A 306 -5.35 -24.31 29.86
C GLY A 306 -5.25 -24.16 28.36
N ILE A 307 -4.98 -22.94 27.93
CA ILE A 307 -4.49 -22.67 26.56
C ILE A 307 -3.53 -21.49 26.61
N SER A 308 -2.48 -21.50 25.77
CA SER A 308 -1.59 -20.34 25.52
C SER A 308 -2.30 -19.30 24.62
N LEU A 309 -1.90 -18.02 24.69
CA LEU A 309 -2.58 -16.89 23.98
C LEU A 309 -1.64 -15.68 23.87
N HIS A 310 -1.42 -15.17 22.64
CA HIS A 310 -0.72 -13.91 22.33
C HIS A 310 -1.69 -12.73 22.34
N GLU A 311 -1.21 -11.52 22.63
CA GLU A 311 -2.02 -10.28 22.72
C GLU A 311 -2.27 -9.70 21.33
N GLU A 312 -2.97 -10.47 20.50
CA GLU A 312 -3.17 -10.12 19.07
C GLU A 312 -4.63 -10.34 18.72
N ASN A 313 -5.19 -9.39 17.97
CA ASN A 313 -6.52 -9.52 17.35
C ASN A 313 -6.31 -9.99 15.92
N PRO A 314 -6.63 -11.26 15.59
CA PRO A 314 -6.30 -11.82 14.29
C PRO A 314 -7.13 -11.23 13.13
N ILE A 315 -8.34 -10.77 13.43
CA ILE A 315 -9.25 -10.11 12.44
C ILE A 315 -8.60 -8.81 11.96
N LYS A 316 -8.11 -7.99 12.90
CA LYS A 316 -7.39 -6.71 12.64
C LYS A 316 -5.98 -6.98 12.11
N ILE A 317 -5.46 -8.18 12.38
CA ILE A 317 -4.01 -8.43 12.27
C ILE A 317 -3.26 -7.29 12.97
N GLY A 318 -3.60 -7.00 14.23
CA GLY A 318 -2.88 -6.00 15.03
C GLY A 318 -2.93 -6.31 16.50
N ARG A 319 -2.41 -5.42 17.33
CA ARG A 319 -2.28 -5.67 18.79
C ARG A 319 -3.66 -5.57 19.46
N ALA A 320 -4.01 -6.58 20.24
CA ALA A 320 -5.14 -6.55 21.20
C ALA A 320 -4.84 -5.54 22.32
N ARG A 321 -5.87 -4.90 22.89
CA ARG A 321 -5.72 -3.79 23.88
C ARG A 321 -6.98 -3.58 24.75
N SER A 322 -8.19 -3.89 24.27
CA SER A 322 -9.47 -3.47 24.91
C SER A 322 -10.18 -4.62 25.64
N ILE A 323 -11.15 -4.24 26.47
CA ILE A 323 -12.13 -5.17 27.13
C ILE A 323 -12.87 -6.03 26.10
N GLU A 324 -13.15 -5.48 24.90
CA GLU A 324 -13.84 -6.18 23.79
C GLU A 324 -12.92 -7.29 23.28
N ASP A 325 -11.63 -6.99 23.10
CA ASP A 325 -10.62 -8.01 22.71
C ASP A 325 -10.61 -9.12 23.77
N ALA A 326 -10.49 -8.75 25.04
CA ALA A 326 -10.53 -9.68 26.19
C ALA A 326 -11.79 -10.57 26.14
N GLN A 327 -12.95 -9.98 25.92
CA GLN A 327 -14.24 -10.71 25.91
C GLN A 327 -14.20 -11.77 24.82
N MET A 328 -13.67 -11.42 23.65
CA MET A 328 -13.59 -12.35 22.51
C MET A 328 -12.64 -13.53 22.84
N GLN A 329 -11.40 -13.25 23.24
CA GLN A 329 -10.35 -14.26 23.50
C GLN A 329 -10.85 -15.25 24.57
N MET A 330 -11.39 -14.71 25.66
CA MET A 330 -11.80 -15.50 26.84
C MET A 330 -13.11 -16.25 26.52
N GLY A 331 -14.01 -15.66 25.73
CA GLY A 331 -15.15 -16.36 25.13
C GLY A 331 -14.68 -17.62 24.43
N TRP A 332 -13.62 -17.53 23.61
CA TRP A 332 -13.01 -18.68 22.91
C TRP A 332 -12.38 -19.67 23.91
N ALA A 333 -11.73 -19.19 24.98
CA ALA A 333 -11.13 -20.05 26.02
C ALA A 333 -12.24 -20.84 26.74
N LYS A 334 -13.39 -20.18 26.99
CA LYS A 334 -14.56 -20.81 27.65
C LYS A 334 -15.18 -21.88 26.73
N GLU A 335 -15.23 -21.67 25.41
CA GLU A 335 -15.77 -22.66 24.43
C GLU A 335 -14.93 -23.94 24.46
N LEU A 336 -13.63 -23.80 24.74
CA LEU A 336 -12.62 -24.88 24.79
C LEU A 336 -12.71 -25.55 26.17
N ASN A 337 -13.52 -24.99 27.07
CA ASN A 337 -13.70 -25.46 28.47
C ASN A 337 -12.39 -25.27 29.26
N CYS A 338 -11.71 -24.15 29.05
CA CYS A 338 -10.49 -23.77 29.83
C CYS A 338 -10.91 -23.23 31.21
N ASN A 339 -10.07 -23.45 32.24
CA ASN A 339 -10.16 -22.75 33.54
C ASN A 339 -8.90 -21.92 33.76
N PHE A 340 -8.01 -21.89 32.74
CA PHE A 340 -6.64 -21.33 32.81
C PHE A 340 -6.22 -20.80 31.44
N ILE A 341 -5.58 -19.62 31.41
CA ILE A 341 -4.90 -19.09 30.19
C ILE A 341 -3.45 -18.75 30.52
N ARG A 342 -2.51 -19.22 29.70
CA ARG A 342 -1.10 -18.79 29.71
C ARG A 342 -0.97 -17.57 28.80
N LEU A 343 -0.70 -16.40 29.37
CA LEU A 343 -0.63 -15.13 28.61
C LEU A 343 0.79 -14.87 28.09
N ALA A 344 1.02 -15.32 26.84
CA ALA A 344 1.94 -14.83 25.77
C ALA A 344 3.37 -14.95 26.24
N HIS A 345 4.21 -13.97 25.92
CA HIS A 345 5.57 -13.93 26.49
C HIS A 345 5.83 -12.57 27.14
N TYR A 346 4.77 -11.84 27.49
CA TYR A 346 4.83 -10.43 27.97
C TYR A 346 3.56 -10.12 28.76
N PRO A 347 3.54 -9.11 29.66
CA PRO A 347 2.29 -8.69 30.26
C PRO A 347 1.32 -8.21 29.17
N HIS A 348 0.12 -8.80 29.10
CA HIS A 348 -0.97 -8.30 28.25
C HIS A 348 -1.55 -7.04 28.89
N ASN A 349 -2.43 -6.35 28.18
CA ASN A 349 -3.17 -5.16 28.70
C ASN A 349 -3.95 -5.58 29.96
N GLU A 350 -4.21 -4.62 30.85
CA GLU A 350 -4.77 -4.90 32.18
C GLU A 350 -6.21 -5.41 32.10
N ASN A 351 -6.89 -5.28 30.95
CA ASN A 351 -8.27 -5.83 30.78
C ASN A 351 -8.25 -7.36 30.96
N MET A 352 -7.16 -8.04 30.59
CA MET A 352 -7.08 -9.53 30.68
C MET A 352 -7.21 -9.97 32.13
N PRO A 353 -6.27 -9.67 33.08
CA PRO A 353 -6.41 -10.10 34.47
C PRO A 353 -7.68 -9.58 35.18
N ARG A 354 -8.16 -8.38 34.88
CA ARG A 354 -9.40 -7.85 35.52
C ARG A 354 -10.61 -8.64 35.05
N LEU A 355 -10.67 -9.00 33.77
CA LEU A 355 -11.82 -9.78 33.22
C LEU A 355 -11.68 -11.25 33.64
N ALA A 356 -10.45 -11.75 33.73
CA ALA A 356 -10.14 -13.09 34.28
C ALA A 356 -10.67 -13.16 35.72
N ASP A 357 -10.47 -12.09 36.50
CA ASP A 357 -11.09 -11.95 37.83
C ASP A 357 -12.61 -12.14 37.70
N LYS A 358 -13.26 -11.44 36.75
CA LYS A 358 -14.74 -11.43 36.64
C LYS A 358 -15.30 -12.78 36.17
N LEU A 359 -14.71 -13.41 35.15
CA LEU A 359 -15.28 -14.61 34.48
C LEU A 359 -14.78 -15.91 35.14
N GLY A 360 -13.77 -15.88 35.99
CA GLY A 360 -13.30 -17.12 36.66
C GLY A 360 -12.33 -17.93 35.80
N LEU A 361 -11.31 -17.28 35.27
CA LEU A 361 -10.17 -17.92 34.60
C LEU A 361 -8.92 -17.59 35.40
N LEU A 362 -8.10 -18.60 35.66
CA LEU A 362 -6.76 -18.47 36.28
C LEU A 362 -5.76 -18.17 35.16
N LEU A 363 -4.65 -17.52 35.51
CA LEU A 363 -3.74 -16.88 34.54
C LEU A 363 -2.29 -17.10 34.94
N TRP A 364 -1.44 -17.38 33.95
CA TRP A 364 0.04 -17.34 34.01
C TRP A 364 0.49 -16.06 33.29
N GLU A 365 1.34 -15.25 33.92
CA GLU A 365 1.76 -13.94 33.38
C GLU A 365 3.27 -14.00 33.29
N GLU A 366 3.85 -13.40 32.24
CA GLU A 366 5.24 -13.67 31.82
C GLU A 366 5.92 -12.35 31.41
N ILE A 367 7.25 -12.32 31.50
CA ILE A 367 8.13 -11.28 30.88
C ILE A 367 8.95 -11.92 29.77
N PRO A 368 9.28 -11.15 28.71
CA PRO A 368 10.00 -11.69 27.55
C PRO A 368 11.52 -11.89 27.70
N VAL A 369 11.97 -12.51 28.79
CA VAL A 369 13.33 -13.14 28.85
C VAL A 369 13.22 -14.45 28.07
N TYR A 370 13.64 -14.42 26.81
CA TYR A 370 13.20 -15.31 25.72
C TYR A 370 14.41 -15.55 24.80
N TRP A 371 14.87 -16.79 24.71
CA TRP A 371 16.03 -17.19 23.86
C TRP A 371 17.30 -16.42 24.28
N GLY A 372 18.00 -15.80 23.33
CA GLY A 372 19.40 -15.37 23.51
C GLY A 372 19.51 -13.96 24.08
N ILE A 373 18.86 -13.70 25.22
CA ILE A 373 18.97 -12.43 25.99
C ILE A 373 20.45 -12.25 26.36
N ASP A 374 20.91 -11.00 26.42
CA ASP A 374 22.33 -10.73 26.75
C ASP A 374 22.52 -10.88 28.27
N TYR A 375 22.59 -12.12 28.78
CA TYR A 375 22.52 -12.49 30.22
C TYR A 375 23.76 -12.04 30.99
N GLU A 376 24.86 -11.69 30.32
CA GLU A 376 26.08 -11.16 30.99
C GLU A 376 26.00 -9.63 31.14
N ASN A 377 25.11 -8.96 30.43
CA ASN A 377 25.06 -7.47 30.37
C ASN A 377 24.17 -6.99 31.52
N PRO A 378 24.66 -6.05 32.37
CA PRO A 378 23.82 -5.46 33.43
C PRO A 378 22.66 -4.59 32.89
N GLU A 379 22.80 -3.96 31.71
CA GLU A 379 21.72 -3.12 31.11
C GLU A 379 20.48 -4.02 30.90
N ALA A 380 20.69 -5.23 30.36
CA ALA A 380 19.65 -6.21 29.98
C ALA A 380 18.93 -6.70 31.23
N PHE A 381 19.73 -6.99 32.26
CA PHE A 381 19.21 -7.36 33.59
C PHE A 381 18.28 -6.24 34.08
N ALA A 382 18.76 -5.00 34.05
CA ALA A 382 18.05 -3.81 34.56
C ALA A 382 16.69 -3.73 33.86
N GLN A 383 16.68 -4.03 32.56
CA GLN A 383 15.45 -3.90 31.74
C GLN A 383 14.49 -5.06 32.02
N ALA A 384 14.99 -6.29 32.26
CA ALA A 384 14.16 -7.44 32.65
C ALA A 384 13.58 -7.14 34.03
N LYS A 385 14.42 -6.68 34.95
CA LYS A 385 14.03 -6.35 36.33
C LYS A 385 12.88 -5.34 36.32
N SER A 386 12.95 -4.28 35.52
CA SER A 386 11.96 -3.18 35.61
C SER A 386 10.61 -3.66 35.05
N GLN A 387 10.65 -4.52 34.03
CA GLN A 387 9.44 -5.14 33.44
C GLN A 387 8.80 -6.09 34.46
N LEU A 388 9.62 -6.90 35.14
CA LEU A 388 9.11 -7.84 36.17
C LEU A 388 8.46 -7.07 37.31
N GLU A 389 9.17 -6.06 37.83
CA GLU A 389 8.67 -5.19 38.93
C GLU A 389 7.34 -4.60 38.51
N THR A 390 7.28 -4.01 37.31
CA THR A 390 6.05 -3.31 36.86
C THR A 390 4.90 -4.31 36.82
N MET A 391 5.08 -5.48 36.19
CA MET A 391 4.05 -6.53 36.01
C MET A 391 3.51 -6.98 37.38
N VAL A 392 4.40 -7.39 38.28
CA VAL A 392 3.98 -7.98 39.59
C VAL A 392 3.23 -6.88 40.34
N HIS A 393 3.69 -5.62 40.27
CA HIS A 393 3.08 -4.51 41.04
C HIS A 393 1.67 -4.24 40.49
N ARG A 394 1.52 -4.32 39.17
CA ARG A 394 0.23 -3.96 38.51
C ARG A 394 -0.87 -4.96 38.88
N ASP A 395 -0.52 -6.25 39.02
CA ASP A 395 -1.50 -7.38 39.04
C ASP A 395 -1.46 -8.17 40.37
N LYS A 396 -0.68 -7.74 41.38
CA LYS A 396 -0.58 -8.49 42.67
C LYS A 396 -1.92 -8.53 43.43
N ASN A 397 -2.92 -7.72 43.08
CA ASN A 397 -4.26 -7.80 43.77
C ASN A 397 -5.28 -8.56 42.91
N ARG A 398 -4.86 -9.26 41.86
CA ARG A 398 -5.76 -10.05 40.96
C ARG A 398 -5.76 -11.52 41.36
N ALA A 399 -6.93 -12.07 41.70
CA ALA A 399 -7.12 -13.48 42.13
C ALA A 399 -6.86 -14.43 40.97
N SER A 400 -7.13 -13.99 39.73
CA SER A 400 -6.98 -14.83 38.52
C SER A 400 -5.51 -15.25 38.41
N VAL A 401 -4.59 -14.32 38.68
CA VAL A 401 -3.13 -14.53 38.45
C VAL A 401 -2.56 -15.42 39.56
N ILE A 402 -2.01 -16.58 39.20
CA ILE A 402 -1.36 -17.52 40.16
C ILE A 402 0.07 -17.88 39.75
N VAL A 403 0.54 -17.55 38.55
CA VAL A 403 1.95 -17.83 38.13
C VAL A 403 2.57 -16.56 37.57
N TRP A 404 3.73 -16.17 38.12
CA TRP A 404 4.70 -15.23 37.51
C TRP A 404 5.73 -16.06 36.76
N SER A 405 5.89 -15.83 35.45
CA SER A 405 6.85 -16.55 34.59
C SER A 405 7.98 -15.59 34.21
N VAL A 406 9.19 -16.06 34.46
CA VAL A 406 10.42 -15.26 34.54
C VAL A 406 11.25 -15.48 33.27
N ALA A 407 10.95 -16.52 32.49
CA ALA A 407 11.73 -16.92 31.30
C ALA A 407 10.92 -17.87 30.42
N ASN A 408 11.22 -17.89 29.12
CA ASN A 408 10.73 -18.92 28.16
C ASN A 408 11.89 -19.35 27.26
N GLU A 409 12.24 -20.64 27.31
CA GLU A 409 13.25 -21.29 26.41
C GLU A 409 14.57 -20.48 26.41
N THR A 410 15.25 -20.45 27.56
CA THR A 410 16.52 -19.72 27.80
C THR A 410 17.65 -20.73 27.90
N PRO A 411 18.89 -20.38 27.50
CA PRO A 411 19.96 -21.38 27.39
C PRO A 411 20.52 -21.74 28.77
N ASP A 412 20.85 -23.03 28.96
CA ASP A 412 21.42 -23.56 30.22
C ASP A 412 22.88 -23.10 30.37
N THR A 413 23.10 -21.85 30.77
CA THR A 413 24.44 -21.29 31.10
C THR A 413 24.41 -20.79 32.53
N GLU A 414 25.58 -20.42 33.05
CA GLU A 414 25.76 -19.99 34.47
C GLU A 414 25.20 -18.58 34.61
N SER A 415 25.43 -17.73 33.60
CA SER A 415 24.95 -16.32 33.57
C SER A 415 23.41 -16.33 33.56
N ARG A 416 22.82 -17.17 32.73
CA ARG A 416 21.34 -17.27 32.60
C ARG A 416 20.74 -17.72 33.93
N LEU A 417 21.42 -18.65 34.63
CA LEU A 417 20.88 -19.29 35.86
C LEU A 417 20.85 -18.22 36.97
N GLU A 418 21.92 -17.43 37.08
CA GLU A 418 22.03 -16.32 38.06
C GLU A 418 20.99 -15.26 37.70
N PHE A 419 20.84 -14.98 36.40
CA PHE A 419 19.86 -14.01 35.85
C PHE A 419 18.45 -14.38 36.31
N LEU A 420 18.07 -15.65 36.15
CA LEU A 420 16.71 -16.16 36.47
C LEU A 420 16.50 -16.20 37.98
N ARG A 421 17.55 -16.50 38.74
CA ARG A 421 17.43 -16.64 40.22
C ARG A 421 17.23 -15.25 40.84
N GLN A 422 17.97 -14.25 40.31
CA GLN A 422 17.83 -12.84 40.73
C GLN A 422 16.40 -12.40 40.41
N LEU A 423 15.89 -12.68 39.20
CA LEU A 423 14.49 -12.35 38.82
C LEU A 423 13.52 -12.97 39.85
N LYS A 424 13.67 -14.25 40.18
CA LYS A 424 12.75 -14.92 41.13
C LYS A 424 12.74 -14.16 42.46
N LYS A 425 13.90 -13.75 42.96
CA LYS A 425 14.05 -13.04 44.26
C LYS A 425 13.34 -11.68 44.19
N ILE A 426 13.59 -10.90 43.14
CA ILE A 426 12.93 -9.59 42.90
C ILE A 426 11.41 -9.77 42.97
N ALA A 427 10.89 -10.78 42.27
CA ALA A 427 9.45 -11.08 42.26
C ALA A 427 9.01 -11.42 43.68
N ILE A 428 9.72 -12.30 44.38
CA ILE A 428 9.31 -12.76 45.75
C ILE A 428 9.21 -11.56 46.69
N ASP A 429 10.13 -10.60 46.62
CA ASP A 429 10.23 -9.46 47.58
C ASP A 429 9.02 -8.54 47.43
N ILE A 430 8.38 -8.53 46.25
CA ILE A 430 7.17 -7.70 46.00
C ILE A 430 5.95 -8.53 46.44
N ASP A 431 5.91 -9.80 46.03
CA ASP A 431 4.75 -10.70 46.21
C ASP A 431 5.28 -12.11 46.40
N ASN A 432 4.99 -12.72 47.55
CA ASN A 432 5.41 -14.11 47.89
C ASN A 432 4.21 -15.06 47.77
N THR A 433 3.05 -14.59 47.30
CA THR A 433 1.76 -15.34 47.43
C THR A 433 1.47 -16.22 46.23
N ARG A 434 2.21 -16.09 45.12
CA ARG A 434 1.90 -16.83 43.87
C ARG A 434 3.06 -17.77 43.52
N PHE A 435 2.82 -18.72 42.62
CA PHE A 435 3.87 -19.64 42.12
C PHE A 435 4.85 -18.82 41.29
N ILE A 436 6.14 -19.06 41.45
CA ILE A 436 7.18 -18.60 40.50
C ILE A 436 7.47 -19.77 39.55
N SER A 437 7.46 -19.54 38.24
CA SER A 437 7.83 -20.56 37.22
C SER A 437 8.51 -19.92 36.01
N ALA A 438 8.83 -20.76 35.03
CA ALA A 438 9.50 -20.43 33.76
C ALA A 438 9.22 -21.59 32.79
N ALA A 439 9.22 -21.33 31.47
CA ALA A 439 9.03 -22.39 30.46
C ALA A 439 10.41 -22.98 30.13
N LEU A 440 10.59 -24.25 30.49
CA LEU A 440 11.89 -24.96 30.39
C LEU A 440 11.84 -25.96 29.24
N GLU A 441 12.98 -26.58 28.94
CA GLU A 441 13.07 -27.57 27.83
C GLU A 441 13.57 -28.90 28.36
N ARG A 442 13.14 -29.97 27.71
CA ARG A 442 13.53 -31.37 28.04
C ARG A 442 14.93 -31.66 27.49
N ASN A 443 15.43 -32.85 27.82
CA ASN A 443 16.70 -33.48 27.35
C ASN A 443 16.41 -34.94 26.95
N GLU A 444 17.04 -35.40 25.85
CA GLU A 444 16.84 -36.75 25.22
C GLU A 444 18.20 -37.34 24.81
N ASP A 449 14.24 -42.37 23.80
CA ASP A 449 13.84 -43.29 24.90
C ASP A 449 13.17 -42.47 26.02
N VAL A 450 13.96 -41.97 26.97
CA VAL A 450 13.43 -41.39 28.24
C VAL A 450 13.68 -39.87 28.27
N VAL A 451 12.73 -39.13 28.84
CA VAL A 451 12.67 -37.64 28.83
C VAL A 451 12.84 -37.15 30.27
N LYS A 452 13.90 -36.35 30.51
CA LYS A 452 14.26 -35.71 31.81
C LYS A 452 14.26 -34.18 31.66
N ILE A 453 14.27 -33.44 32.77
CA ILE A 453 14.49 -31.97 32.80
C ILE A 453 15.66 -31.67 33.72
N PRO A 454 16.91 -31.85 33.24
CA PRO A 454 18.11 -31.57 34.04
C PRO A 454 18.38 -30.09 34.38
N ASP A 455 17.65 -29.14 33.79
CA ASP A 455 17.75 -27.68 34.12
C ASP A 455 17.95 -27.42 35.63
N PRO A 456 19.10 -26.85 36.04
CA PRO A 456 19.34 -26.49 37.45
C PRO A 456 18.23 -25.60 38.01
N PHE A 457 17.54 -24.87 37.14
CA PHE A 457 16.44 -23.93 37.50
C PHE A 457 15.15 -24.70 37.81
N ALA A 458 15.04 -25.96 37.38
CA ALA A 458 13.93 -26.85 37.79
C ALA A 458 13.76 -26.89 39.32
N GLU A 459 14.85 -26.75 40.09
CA GLU A 459 14.79 -26.84 41.57
C GLU A 459 14.17 -25.55 42.12
N ASP A 460 14.20 -24.46 41.34
CA ASP A 460 13.84 -23.10 41.81
C ASP A 460 12.35 -22.82 41.62
N VAL A 461 11.63 -23.66 40.89
CA VAL A 461 10.24 -23.35 40.43
C VAL A 461 9.24 -24.11 41.30
N ASP A 462 8.14 -23.45 41.66
CA ASP A 462 7.02 -24.03 42.44
C ASP A 462 6.21 -25.01 41.60
N MET A 463 6.09 -24.70 40.31
CA MET A 463 5.41 -25.56 39.30
C MET A 463 6.40 -25.84 38.15
N LEU A 464 6.67 -27.11 37.87
CA LEU A 464 7.67 -27.53 36.84
C LEU A 464 6.98 -27.46 35.47
N ALA A 465 7.31 -26.43 34.69
CA ALA A 465 6.71 -26.16 33.37
C ALA A 465 7.71 -26.54 32.29
N CYS A 466 7.25 -27.35 31.33
CA CYS A 466 8.08 -27.76 30.17
C CYS A 466 7.35 -27.42 28.86
N ASN A 467 8.08 -26.87 27.91
CA ASN A 467 7.70 -26.81 26.48
C ASN A 467 8.17 -28.11 25.84
N GLU A 468 7.34 -28.75 25.02
CA GLU A 468 7.75 -29.93 24.22
C GLU A 468 6.88 -30.06 22.96
N TYR A 469 7.53 -30.43 21.85
CA TYR A 469 6.93 -30.46 20.50
C TYR A 469 7.20 -31.83 19.86
N ILE A 470 7.10 -32.89 20.68
CA ILE A 470 7.45 -34.29 20.29
C ILE A 470 6.74 -34.64 18.97
N GLY A 471 5.45 -34.44 18.78
CA GLY A 471 4.91 -34.96 17.49
C GLY A 471 5.21 -34.06 16.26
N TRP A 472 5.96 -32.96 16.43
CA TRP A 472 6.00 -31.83 15.47
C TRP A 472 7.43 -31.42 15.10
N TYR A 473 8.23 -30.92 16.04
CA TYR A 473 9.65 -30.53 15.77
C TYR A 473 10.51 -31.77 15.97
N SER A 474 10.12 -32.69 16.85
CA SER A 474 10.96 -33.87 17.14
C SER A 474 10.14 -35.15 16.97
N GLY A 475 10.25 -35.81 15.81
CA GLY A 475 9.53 -37.05 15.48
C GLY A 475 8.17 -36.77 14.85
N LEU A 476 7.44 -37.84 14.52
CA LEU A 476 6.03 -37.79 14.07
C LEU A 476 5.17 -38.22 15.26
N PRO A 477 3.86 -37.93 15.24
CA PRO A 477 3.02 -38.19 16.41
C PRO A 477 3.18 -39.58 17.05
N GLU A 478 3.55 -40.63 16.30
CA GLU A 478 3.74 -42.02 16.84
C GLU A 478 4.79 -42.01 17.96
N LYS A 479 5.71 -41.06 17.95
CA LYS A 479 6.74 -40.97 19.01
C LYS A 479 6.08 -40.76 20.38
N CYS A 480 5.00 -39.98 20.45
CA CYS A 480 4.35 -39.61 21.75
C CYS A 480 4.26 -40.87 22.64
N ASP A 481 3.76 -41.98 22.09
CA ASP A 481 3.44 -43.23 22.84
C ASP A 481 4.72 -44.02 23.17
N LYS A 482 5.80 -43.86 22.40
CA LYS A 482 7.06 -44.61 22.56
C LYS A 482 7.88 -44.07 23.75
N VAL A 483 7.51 -42.90 24.26
CA VAL A 483 8.41 -42.05 25.11
C VAL A 483 7.99 -42.22 26.58
N THR A 484 8.96 -42.12 27.50
CA THR A 484 8.71 -42.28 28.96
C THR A 484 9.35 -41.08 29.68
N TRP A 485 8.53 -40.30 30.39
CA TRP A 485 8.92 -39.07 31.12
C TRP A 485 9.38 -39.44 32.52
N GLN A 486 10.57 -39.01 32.92
CA GLN A 486 11.12 -39.18 34.30
C GLN A 486 11.20 -37.81 34.98
N LEU A 487 10.32 -37.56 35.96
CA LEU A 487 10.10 -36.22 36.60
C LEU A 487 10.11 -36.37 38.13
N PRO A 488 10.21 -35.29 38.94
CA PRO A 488 10.13 -35.42 40.39
C PRO A 488 8.71 -35.87 40.75
N GLU A 489 8.57 -36.73 41.78
CA GLU A 489 7.27 -37.26 42.28
C GLU A 489 6.68 -36.25 43.27
N ASP A 490 7.36 -35.11 43.39
CA ASP A 490 7.49 -34.16 44.52
C ASP A 490 6.79 -32.83 44.20
N LYS A 491 6.54 -32.55 42.93
CA LYS A 491 6.31 -31.19 42.40
C LYS A 491 5.36 -31.26 41.23
N PRO A 492 4.28 -30.43 41.19
CA PRO A 492 3.31 -30.51 40.10
C PRO A 492 3.98 -30.27 38.76
N PHE A 493 3.62 -31.06 37.73
CA PHE A 493 4.15 -30.98 36.34
C PHE A 493 3.15 -30.25 35.43
N PHE A 494 3.68 -29.43 34.52
CA PHE A 494 2.90 -28.49 33.67
C PHE A 494 3.46 -28.48 32.26
N VAL A 495 2.61 -28.67 31.24
CA VAL A 495 3.09 -28.57 29.83
C VAL A 495 2.74 -27.17 29.32
N SER A 496 3.74 -26.28 29.33
CA SER A 496 3.56 -24.82 29.09
C SER A 496 3.39 -24.57 27.58
N GLU A 497 3.84 -25.53 26.76
CA GLU A 497 3.64 -25.58 25.28
C GLU A 497 3.71 -27.03 24.77
N PHE A 498 2.74 -27.41 23.95
CA PHE A 498 2.89 -28.43 22.88
C PHE A 498 1.96 -28.01 21.76
N GLY A 499 2.15 -28.55 20.56
CA GLY A 499 1.27 -28.23 19.44
C GLY A 499 1.86 -28.59 18.09
N GLY A 500 1.12 -28.24 17.04
CA GLY A 500 1.54 -28.35 15.64
C GLY A 500 0.84 -27.33 14.79
N GLY A 501 1.49 -26.92 13.70
CA GLY A 501 0.92 -26.04 12.66
C GLY A 501 -0.13 -26.75 11.83
N ALA A 502 -1.14 -26.01 11.39
CA ALA A 502 -2.11 -26.48 10.39
C ALA A 502 -2.85 -25.30 9.75
N LEU A 503 -2.98 -25.31 8.43
CA LEU A 503 -3.76 -24.30 7.69
C LEU A 503 -5.25 -24.63 7.80
N TYR A 504 -6.07 -23.76 8.37
CA TYR A 504 -7.54 -24.00 8.44
C TYR A 504 -8.06 -24.43 7.06
N ASN A 505 -8.88 -25.49 7.04
CA ASN A 505 -9.56 -26.05 5.84
C ASN A 505 -8.55 -26.56 4.80
N HIS A 506 -7.28 -26.80 5.17
CA HIS A 506 -6.35 -27.70 4.45
C HIS A 506 -6.51 -29.10 5.06
N HIS A 507 -7.17 -30.01 4.31
CA HIS A 507 -7.56 -31.36 4.76
C HIS A 507 -6.85 -32.41 3.92
N GLY A 508 -6.48 -33.51 4.55
CA GLY A 508 -6.13 -34.77 3.86
C GLY A 508 -5.81 -35.85 4.87
N ASP A 509 -4.77 -36.62 4.59
CA ASP A 509 -4.31 -37.75 5.42
C ASP A 509 -3.71 -37.23 6.74
N LYS A 510 -3.84 -37.97 7.85
CA LYS A 510 -3.31 -37.51 9.16
C LYS A 510 -1.78 -37.48 9.13
N LEU A 511 -1.14 -37.99 8.07
CA LEU A 511 0.33 -37.91 7.92
C LEU A 511 0.70 -36.86 6.86
N THR A 512 -0.25 -36.04 6.44
CA THR A 512 0.05 -34.87 5.59
C THR A 512 0.23 -33.65 6.50
N ARG A 513 1.49 -33.30 6.74
CA ARG A 513 1.89 -32.14 7.56
C ARG A 513 1.18 -30.88 7.07
N TRP A 514 0.61 -30.11 8.00
CA TRP A 514 -0.11 -28.83 7.78
C TRP A 514 -1.60 -29.08 7.54
N THR A 515 -2.05 -30.34 7.44
CA THR A 515 -3.52 -30.61 7.38
C THR A 515 -4.11 -30.46 8.79
N GLU A 516 -5.44 -30.31 8.91
CA GLU A 516 -6.14 -30.33 10.23
C GLU A 516 -6.03 -31.74 10.83
N GLU A 517 -6.19 -32.77 10.00
CA GLU A 517 -6.09 -34.21 10.37
C GLU A 517 -4.71 -34.52 10.97
N TYR A 518 -3.64 -33.85 10.54
CA TYR A 518 -2.29 -34.11 11.12
C TYR A 518 -2.31 -33.54 12.53
N GLN A 519 -2.82 -32.31 12.69
CA GLN A 519 -2.96 -31.60 13.99
C GLN A 519 -3.85 -32.39 14.95
N GLU A 520 -5.03 -32.81 14.50
CA GLU A 520 -5.97 -33.67 15.26
C GLU A 520 -5.21 -34.87 15.84
N TYR A 521 -4.46 -35.58 14.99
CA TYR A 521 -3.71 -36.83 15.30
C TYR A 521 -2.63 -36.50 16.34
N LEU A 522 -1.87 -35.43 16.11
CA LEU A 522 -0.81 -34.99 17.04
C LEU A 522 -1.43 -34.73 18.42
N TYR A 523 -2.63 -34.16 18.47
CA TYR A 523 -3.25 -33.76 19.75
C TYR A 523 -3.67 -35.02 20.51
N GLN A 524 -4.27 -35.96 19.79
CA GLN A 524 -4.70 -37.28 20.31
C GLN A 524 -3.50 -37.98 20.97
N GLU A 525 -2.42 -38.16 20.20
CA GLU A 525 -1.20 -38.91 20.62
C GLU A 525 -0.52 -38.18 21.78
N GLN A 526 -0.45 -36.85 21.69
CA GLN A 526 0.22 -36.02 22.71
C GLN A 526 -0.57 -36.12 24.04
N ILE A 527 -1.90 -36.02 23.99
CA ILE A 527 -2.77 -36.15 25.19
C ILE A 527 -2.56 -37.55 25.81
N LYS A 528 -2.45 -38.61 25.00
CA LYS A 528 -2.28 -40.00 25.50
C LYS A 528 -0.95 -40.11 26.24
N MET A 529 0.10 -39.44 25.74
CA MET A 529 1.45 -39.43 26.36
C MET A 529 1.37 -38.76 27.74
N LEU A 530 0.67 -37.63 27.88
CA LEU A 530 0.68 -36.79 29.11
C LEU A 530 -0.25 -37.36 30.20
N LYS A 531 -1.37 -37.97 29.82
CA LYS A 531 -2.28 -38.71 30.74
C LYS A 531 -1.53 -39.80 31.53
N LYS A 532 -0.40 -40.30 31.04
CA LYS A 532 0.39 -41.37 31.70
C LYS A 532 1.22 -40.79 32.85
N ILE A 533 1.42 -39.47 32.89
CA ILE A 533 2.35 -38.81 33.85
C ILE A 533 1.58 -38.53 35.13
N PRO A 534 1.89 -39.22 36.25
CA PRO A 534 1.07 -39.08 37.46
C PRO A 534 1.18 -37.68 38.10
N THR A 535 2.29 -36.95 37.91
CA THR A 535 2.46 -35.60 38.51
C THR A 535 1.86 -34.49 37.61
N LEU A 536 1.22 -34.85 36.49
CA LEU A 536 0.67 -33.82 35.56
C LEU A 536 -0.51 -33.14 36.25
N ARG A 537 -0.48 -31.81 36.36
CA ARG A 537 -1.63 -31.04 36.94
C ARG A 537 -2.10 -29.92 36.01
N GLY A 538 -1.46 -29.73 34.85
CA GLY A 538 -2.01 -28.83 33.83
C GLY A 538 -1.20 -28.73 32.54
N MET A 539 -1.78 -27.99 31.58
CA MET A 539 -1.21 -27.74 30.24
C MET A 539 -1.84 -26.47 29.66
N THR A 540 -1.06 -25.76 28.83
CA THR A 540 -1.52 -24.60 28.03
C THR A 540 -0.97 -24.78 26.61
N PRO A 541 -1.61 -25.63 25.77
CA PRO A 541 -1.10 -25.91 24.44
C PRO A 541 -0.89 -24.64 23.58
N TRP A 542 0.12 -24.69 22.71
CA TRP A 542 0.46 -23.61 21.76
C TRP A 542 -0.28 -23.85 20.45
N ILE A 543 -1.35 -23.07 20.13
CA ILE A 543 -1.85 -21.93 20.89
C ILE A 543 -3.35 -21.78 20.56
N LEU A 544 -4.10 -20.90 21.23
CA LEU A 544 -5.57 -20.81 21.01
C LEU A 544 -5.86 -20.42 19.55
N VAL A 545 -5.20 -19.38 19.08
CA VAL A 545 -5.52 -18.75 17.77
C VAL A 545 -4.21 -18.38 17.06
N ASP A 546 -4.15 -18.68 15.76
CA ASP A 546 -3.06 -18.29 14.84
C ASP A 546 -2.68 -16.84 15.13
N PHE A 547 -1.39 -16.51 15.05
CA PHE A 547 -0.85 -15.15 15.33
C PHE A 547 0.29 -14.88 14.37
N ARG A 548 0.68 -13.62 14.28
CA ARG A 548 1.65 -13.15 13.26
C ARG A 548 3.06 -13.41 13.78
N SER A 549 3.95 -13.88 12.90
CA SER A 549 5.39 -14.09 13.19
C SER A 549 6.22 -13.99 11.91
N PRO A 550 7.21 -13.06 11.83
CA PRO A 550 8.08 -12.96 10.66
C PRO A 550 9.12 -14.08 10.58
N ARG A 551 9.01 -15.09 11.44
CA ARG A 551 9.85 -16.31 11.42
C ARG A 551 9.16 -17.41 10.60
N ARG A 552 7.91 -17.18 10.17
CA ARG A 552 7.00 -18.20 9.59
C ARG A 552 6.66 -17.78 8.15
N ASN A 553 7.49 -18.22 7.20
CA ASN A 553 7.67 -17.59 5.86
C ASN A 553 7.30 -18.58 4.76
N LEU A 554 6.56 -19.64 5.12
CA LEU A 554 6.11 -20.69 4.19
C LEU A 554 4.93 -20.16 3.41
N PRO A 555 5.07 -19.88 2.10
CA PRO A 555 3.96 -19.34 1.33
C PRO A 555 2.84 -20.38 1.26
N ILE A 556 1.60 -19.88 1.16
CA ILE A 556 0.32 -20.65 1.08
C ILE A 556 -0.05 -21.17 2.46
N ILE A 557 0.87 -21.82 3.19
CA ILE A 557 0.56 -22.37 4.54
C ILE A 557 0.65 -21.27 5.61
N GLN A 558 1.81 -20.63 5.75
CA GLN A 558 2.14 -19.65 6.83
C GLN A 558 1.80 -18.23 6.34
N ASP A 559 2.54 -17.68 5.35
CA ASP A 559 2.40 -16.27 4.88
C ASP A 559 2.44 -15.31 6.07
N GLY A 560 3.37 -15.51 7.00
CA GLY A 560 3.64 -14.60 8.12
C GLY A 560 2.84 -14.95 9.37
N TRP A 561 2.09 -16.06 9.36
CA TRP A 561 1.37 -16.56 10.55
C TRP A 561 2.03 -17.83 11.11
N ASN A 562 2.24 -17.84 12.43
CA ASN A 562 2.32 -19.10 13.20
C ASN A 562 0.96 -19.77 13.11
N ARG A 563 0.90 -20.99 12.56
CA ARG A 563 -0.38 -21.68 12.22
C ARG A 563 -0.76 -22.73 13.28
N LYS A 564 -0.19 -22.67 14.48
CA LYS A 564 -0.47 -23.67 15.55
C LYS A 564 -1.73 -23.29 16.34
N GLY A 565 -2.47 -22.27 15.91
CA GLY A 565 -3.79 -21.97 16.50
C GLY A 565 -4.70 -23.19 16.46
N LEU A 566 -5.51 -23.37 17.48
CA LEU A 566 -6.66 -24.29 17.41
C LEU A 566 -7.80 -23.57 16.66
N ILE A 567 -7.70 -22.24 16.57
CA ILE A 567 -8.61 -21.34 15.80
C ILE A 567 -7.81 -20.70 14.65
N SER A 568 -8.39 -20.59 13.45
CA SER A 568 -7.80 -19.92 12.28
C SER A 568 -7.69 -18.40 12.54
N ASP A 569 -7.03 -17.66 11.64
CA ASP A 569 -6.88 -16.19 11.68
C ASP A 569 -8.24 -15.53 11.40
N GLY A 570 -9.16 -16.24 10.74
CA GLY A 570 -10.52 -15.74 10.47
C GLY A 570 -11.48 -16.02 11.62
N GLY A 571 -11.08 -16.84 12.59
CA GLY A 571 -11.86 -17.16 13.80
C GLY A 571 -12.58 -18.48 13.70
N PHE A 572 -12.13 -19.41 12.85
CA PHE A 572 -12.80 -20.72 12.64
C PHE A 572 -12.04 -21.82 13.40
N LYS A 573 -12.80 -22.72 14.01
CA LYS A 573 -12.28 -23.85 14.82
C LYS A 573 -11.77 -24.95 13.88
N LYS A 574 -10.56 -25.45 14.14
CA LYS A 574 -9.94 -26.60 13.44
C LYS A 574 -10.30 -27.88 14.21
N LYS A 575 -10.22 -29.05 13.58
CA LYS A 575 -10.62 -30.34 14.21
C LYS A 575 -9.97 -30.49 15.60
N ALA A 576 -8.66 -30.19 15.71
CA ALA A 576 -7.83 -30.39 16.93
C ALA A 576 -8.48 -29.71 18.14
N PHE A 577 -9.24 -28.65 17.91
CA PHE A 577 -9.99 -27.95 18.98
C PHE A 577 -10.92 -28.94 19.69
N HIS A 578 -11.67 -29.74 18.95
CA HIS A 578 -12.73 -30.63 19.52
C HIS A 578 -12.09 -31.78 20.33
N VAL A 579 -10.81 -32.08 20.06
CA VAL A 579 -10.04 -33.14 20.78
C VAL A 579 -9.65 -32.64 22.18
N LEU A 580 -9.04 -31.45 22.27
CA LEU A 580 -8.62 -30.86 23.56
C LEU A 580 -9.87 -30.61 24.41
N LYS A 581 -10.94 -30.08 23.82
CA LYS A 581 -12.21 -29.77 24.54
C LYS A 581 -12.77 -31.04 25.20
N ALA A 582 -12.84 -32.15 24.45
CA ALA A 582 -13.35 -33.45 24.96
C ALA A 582 -12.44 -33.94 26.10
N TYR A 583 -11.13 -33.77 25.98
CA TYR A 583 -10.20 -34.14 27.07
C TYR A 583 -10.49 -33.26 28.28
N TYR A 584 -10.69 -31.95 28.07
CA TYR A 584 -10.97 -30.98 29.16
C TYR A 584 -12.34 -31.28 29.79
N ASP A 585 -13.34 -31.75 29.04
CA ASP A 585 -14.64 -32.22 29.59
C ASP A 585 -14.40 -33.37 30.57
N GLU A 586 -13.49 -34.30 30.22
CA GLU A 586 -13.10 -35.45 31.09
C GLU A 586 -12.48 -34.92 32.39
N MET A 587 -11.44 -34.11 32.28
CA MET A 587 -10.68 -33.60 33.45
C MET A 587 -11.59 -32.75 34.36
N GLU A 588 -12.60 -32.08 33.79
CA GLU A 588 -13.60 -31.32 34.59
C GLU A 588 -14.35 -32.30 35.51
N LYS A 589 -14.87 -33.42 34.97
CA LYS A 589 -15.59 -34.47 35.75
C LYS A 589 -14.64 -35.12 36.76
N LYS A 590 -13.40 -35.39 36.40
CA LYS A 590 -12.46 -36.11 37.30
C LYS A 590 -12.01 -35.24 38.48
N TYR A 591 -11.97 -33.91 38.32
CA TYR A 591 -11.53 -32.98 39.39
C TYR A 591 -12.73 -32.19 39.94
N ASN A 592 -13.93 -32.74 39.85
CA ASN A 592 -15.15 -32.13 40.42
C ASN A 592 -14.99 -31.96 41.93
N TYR A 593 -15.13 -30.72 42.42
CA TYR A 593 -15.09 -30.35 43.86
C TYR A 593 -16.39 -29.63 44.20
N GLN A 594 -16.90 -29.87 45.41
CA GLN A 594 -18.02 -29.10 46.03
C GLN A 594 -17.43 -27.97 46.88
N ILE A 595 -17.75 -26.72 46.56
CA ILE A 595 -17.31 -25.52 47.33
C ILE A 595 -18.07 -25.47 48.66
N LYS A 596 -17.35 -25.29 49.78
CA LYS A 596 -17.94 -24.86 51.08
C LYS A 596 -17.32 -23.52 51.49
N THR B 2 37.85 -12.14 -4.10
CA THR B 2 38.31 -12.36 -5.52
C THR B 2 38.54 -10.98 -6.14
N PRO B 3 39.73 -10.67 -6.71
CA PRO B 3 39.95 -9.35 -7.32
C PRO B 3 38.88 -9.07 -8.39
N LEU B 4 38.51 -7.80 -8.55
CA LEU B 4 37.55 -7.29 -9.58
C LEU B 4 38.10 -7.57 -10.99
N LEU B 5 37.29 -8.17 -11.87
CA LEU B 5 37.63 -8.32 -13.30
C LEU B 5 37.48 -6.94 -13.95
N GLN B 6 38.57 -6.44 -14.52
CA GLN B 6 38.61 -5.14 -15.24
C GLN B 6 37.75 -5.27 -16.50
N ASN B 7 36.88 -4.29 -16.74
CA ASN B 7 36.21 -4.08 -18.05
C ASN B 7 35.36 -5.30 -18.43
N VAL B 8 34.70 -5.90 -17.42
CA VAL B 8 33.53 -6.80 -17.63
C VAL B 8 32.48 -6.07 -18.46
N TYR B 9 32.52 -4.73 -18.48
CA TYR B 9 31.61 -3.85 -19.27
C TYR B 9 31.70 -4.21 -20.75
N ASN B 10 32.85 -4.70 -21.25
CA ASN B 10 32.99 -5.07 -22.69
C ASN B 10 33.12 -6.58 -22.91
N ARG B 11 32.95 -7.43 -21.89
CA ARG B 11 32.93 -8.90 -22.09
C ARG B 11 31.51 -9.35 -22.41
N GLU B 12 31.39 -10.52 -23.03
CA GLU B 12 30.12 -11.22 -23.30
C GLU B 12 29.60 -11.73 -21.95
N SER B 13 28.34 -11.42 -21.62
CA SER B 13 27.65 -11.77 -20.36
C SER B 13 26.40 -12.57 -20.71
N THR B 14 25.94 -13.39 -19.75
CA THR B 14 24.53 -13.84 -19.67
C THR B 14 23.84 -13.10 -18.50
N LEU B 15 23.00 -12.10 -18.81
CA LEU B 15 22.26 -11.34 -17.76
C LEU B 15 21.40 -12.34 -16.99
N LEU B 16 21.33 -12.20 -15.68
CA LEU B 16 20.38 -12.96 -14.84
C LEU B 16 19.25 -12.03 -14.40
N ASN B 17 19.21 -10.82 -14.97
CA ASN B 17 18.15 -9.84 -14.66
C ASN B 17 16.81 -10.48 -14.97
N GLY B 18 15.76 -10.05 -14.25
CA GLY B 18 14.37 -10.46 -14.47
C GLY B 18 13.62 -10.45 -13.16
N ASN B 19 12.56 -11.25 -13.06
CA ASN B 19 11.75 -11.43 -11.83
C ASN B 19 12.33 -12.60 -11.07
N TRP B 20 12.77 -12.37 -9.82
CA TRP B 20 13.28 -13.42 -8.92
C TRP B 20 12.27 -13.67 -7.80
N LYS B 21 12.43 -14.80 -7.11
CA LYS B 21 11.68 -15.16 -5.88
C LYS B 21 12.28 -14.37 -4.73
N TYR B 22 11.49 -13.99 -3.73
CA TYR B 22 12.10 -13.32 -2.55
C TYR B 22 11.33 -13.59 -1.28
N VAL B 23 12.05 -13.52 -0.16
CA VAL B 23 11.47 -13.56 1.22
C VAL B 23 12.03 -12.42 2.07
N ILE B 24 11.14 -11.62 2.68
CA ILE B 24 11.54 -10.59 3.68
C ILE B 24 11.84 -11.35 4.97
N ASP B 25 13.02 -11.17 5.57
CA ASP B 25 13.51 -11.99 6.72
C ASP B 25 14.09 -11.10 7.82
N PRO B 26 13.27 -10.30 8.54
CA PRO B 26 13.81 -9.28 9.45
C PRO B 26 14.63 -9.87 10.62
N TYR B 27 14.19 -10.99 11.18
CA TYR B 27 14.82 -11.66 12.36
C TYR B 27 15.94 -12.61 11.91
N GLU B 28 16.22 -12.65 10.60
CA GLU B 28 17.37 -13.40 9.99
C GLU B 28 17.19 -14.90 10.28
N THR B 29 15.93 -15.36 10.26
CA THR B 29 15.47 -16.75 10.56
C THR B 29 16.18 -17.74 9.63
N GLY B 30 16.41 -17.36 8.38
CA GLY B 30 16.97 -18.23 7.32
C GLY B 30 18.49 -18.17 7.25
N TYR B 31 19.13 -17.22 7.95
CA TYR B 31 20.60 -16.99 7.93
C TYR B 31 21.24 -17.44 9.24
N ARG B 32 20.54 -17.27 10.35
CA ARG B 32 21.12 -17.41 11.71
C ARG B 32 20.32 -18.41 12.54
N ASN B 33 21.05 -19.19 13.33
CA ASN B 33 20.47 -19.91 14.49
C ASN B 33 19.71 -18.89 15.36
N HIS B 34 18.43 -19.13 15.63
CA HIS B 34 17.54 -18.20 16.39
C HIS B 34 17.91 -18.15 17.89
N ARG B 35 18.64 -19.16 18.38
CA ARG B 35 18.95 -19.34 19.82
C ARG B 35 20.28 -18.70 20.18
N ASN B 36 21.29 -18.75 19.32
CA ASN B 36 22.65 -18.21 19.62
C ASN B 36 23.09 -17.13 18.63
N TRP B 37 22.30 -16.83 17.61
CA TRP B 37 22.53 -15.74 16.64
C TRP B 37 23.73 -16.04 15.74
N ILE B 38 24.25 -17.28 15.73
CA ILE B 38 25.45 -17.64 14.92
C ILE B 38 24.95 -17.98 13.53
N PRO B 39 25.57 -17.41 12.47
CA PRO B 39 25.21 -17.76 11.11
C PRO B 39 25.39 -19.26 10.84
N PHE B 40 24.41 -19.85 10.13
CA PHE B 40 24.40 -21.24 9.66
C PHE B 40 25.65 -21.52 8.80
N ASP B 41 26.12 -20.49 8.09
CA ASP B 41 27.35 -20.49 7.25
C ASP B 41 28.56 -21.05 7.98
N GLN B 42 28.59 -20.86 9.30
CA GLN B 42 29.82 -20.98 10.14
C GLN B 42 29.84 -22.32 10.89
N MET B 43 28.72 -23.07 10.90
CA MET B 43 28.57 -24.37 11.63
C MET B 43 28.40 -25.50 10.61
N ALA B 50 18.85 -28.15 5.74
CA ALA B 50 17.37 -28.00 5.69
C ALA B 50 16.95 -26.57 6.13
N LYS B 51 17.11 -26.23 7.43
CA LYS B 51 16.78 -24.92 8.07
C LYS B 51 17.34 -23.73 7.28
N PRO B 52 18.64 -23.65 6.92
CA PRO B 52 19.14 -22.49 6.19
C PRO B 52 18.38 -22.31 4.86
N TYR B 53 17.82 -21.13 4.63
CA TYR B 53 17.02 -20.82 3.41
C TYR B 53 17.93 -21.07 2.19
N TYR B 54 19.24 -20.89 2.30
CA TYR B 54 20.18 -21.05 1.15
C TYR B 54 20.28 -22.51 0.66
N THR B 55 19.80 -23.54 1.41
CA THR B 55 19.80 -24.94 0.90
C THR B 55 18.71 -25.08 -0.16
N ASP B 56 17.67 -24.23 -0.11
CA ASP B 56 16.62 -24.12 -1.16
C ASP B 56 15.97 -25.50 -1.37
N LYS B 57 15.74 -26.24 -0.29
CA LYS B 57 15.12 -27.58 -0.30
C LYS B 57 13.63 -27.43 -0.54
N VAL B 58 13.01 -28.51 -1.02
CA VAL B 58 11.54 -28.78 -0.94
C VAL B 58 11.39 -30.12 -0.23
N ILE B 59 10.17 -30.43 0.21
CA ILE B 59 9.85 -31.69 0.95
C ILE B 59 10.11 -32.87 0.01
N LYS B 60 10.55 -34.01 0.55
CA LYS B 60 10.65 -35.29 -0.17
C LYS B 60 9.32 -36.02 0.01
N GLU B 61 8.86 -36.12 1.26
CA GLU B 61 7.59 -36.77 1.65
C GLU B 61 6.62 -35.76 2.26
N ARG B 62 5.33 -36.12 2.30
CA ARG B 62 4.21 -35.24 2.71
C ARG B 62 4.27 -34.96 4.22
N TRP B 63 5.00 -35.78 4.99
CA TRP B 63 5.18 -35.60 6.47
C TRP B 63 6.47 -34.82 6.78
N ASP B 64 7.27 -34.44 5.79
CA ASP B 64 8.44 -33.56 6.02
C ASP B 64 7.94 -32.15 6.33
N ARG B 65 8.82 -31.35 6.94
CA ARG B 65 8.58 -29.95 7.39
C ARG B 65 9.71 -29.05 6.89
N VAL B 66 9.38 -28.07 6.05
CA VAL B 66 10.30 -27.01 5.56
C VAL B 66 9.51 -25.70 5.57
N GLU B 67 9.92 -24.71 6.38
CA GLU B 67 9.12 -23.48 6.69
C GLU B 67 9.53 -22.35 5.72
N TYR B 68 9.86 -22.73 4.49
CA TYR B 68 10.15 -21.79 3.39
C TYR B 68 9.86 -22.53 2.09
N ASN B 69 9.70 -21.82 0.97
CA ASN B 69 9.50 -22.44 -0.38
C ASN B 69 9.65 -21.35 -1.46
N PHE B 70 10.85 -21.17 -2.00
CA PHE B 70 11.15 -20.12 -3.00
C PHE B 70 10.31 -20.35 -4.25
N ASN B 71 9.94 -21.59 -4.55
CA ASN B 71 9.05 -21.96 -5.68
C ASN B 71 7.68 -21.27 -5.57
N THR B 72 7.16 -21.07 -4.35
CA THR B 72 5.79 -20.48 -4.16
C THR B 72 5.88 -19.08 -3.54
N SER B 73 7.07 -18.46 -3.50
CA SER B 73 7.27 -17.13 -2.86
C SER B 73 6.92 -16.00 -3.84
N ALA B 74 6.59 -14.82 -3.32
CA ALA B 74 6.36 -13.56 -4.08
C ALA B 74 7.56 -13.30 -5.02
N GLU B 75 7.34 -12.52 -6.09
CA GLU B 75 8.42 -12.09 -7.02
C GLU B 75 8.79 -10.61 -6.83
N ILE B 76 10.03 -10.27 -7.19
CA ILE B 76 10.61 -8.90 -7.17
C ILE B 76 11.46 -8.74 -8.43
N LYS B 77 11.53 -7.50 -8.95
CA LYS B 77 12.32 -7.18 -10.16
C LYS B 77 13.79 -7.06 -9.77
N VAL B 78 14.66 -7.62 -10.60
CA VAL B 78 16.13 -7.47 -10.50
C VAL B 78 16.63 -7.01 -11.87
N PRO B 79 17.44 -5.95 -11.95
CA PRO B 79 17.93 -5.22 -10.79
C PRO B 79 16.95 -4.14 -10.28
N GLY B 80 17.28 -3.52 -9.14
CA GLY B 80 16.62 -2.31 -8.62
C GLY B 80 16.51 -2.37 -7.11
N ASP B 81 16.45 -1.21 -6.47
CA ASP B 81 16.14 -1.12 -5.01
C ASP B 81 14.80 -1.80 -4.76
N TRP B 82 14.66 -2.44 -3.61
CA TRP B 82 13.37 -3.02 -3.17
C TRP B 82 12.40 -1.90 -2.79
N ASN B 83 12.90 -0.78 -2.28
CA ASN B 83 12.10 0.28 -1.60
C ASN B 83 11.01 0.84 -2.54
N SER B 84 11.33 1.09 -3.80
CA SER B 84 10.39 1.74 -4.75
C SER B 84 9.50 0.68 -5.41
N GLN B 85 9.52 -0.57 -4.94
CA GLN B 85 8.84 -1.68 -5.64
C GLN B 85 7.54 -2.02 -4.93
N ASP B 86 7.40 -1.62 -3.65
CA ASP B 86 6.15 -1.77 -2.85
C ASP B 86 6.18 -0.78 -1.69
N ARG B 87 5.00 -0.28 -1.30
CA ARG B 87 4.85 0.62 -0.12
C ARG B 87 5.38 -0.12 1.11
N MET B 88 5.28 -1.45 1.08
CA MET B 88 5.72 -2.38 2.15
C MET B 88 7.23 -2.25 2.34
N LEU B 89 7.98 -2.01 1.27
CA LEU B 89 9.47 -2.07 1.32
C LEU B 89 10.06 -0.66 1.37
N LEU B 90 9.23 0.37 1.25
CA LEU B 90 9.69 1.80 1.24
C LEU B 90 10.64 2.06 2.42
N TYR B 91 10.29 1.64 3.63
CA TYR B 91 11.09 1.89 4.85
C TYR B 91 11.83 0.61 5.31
N TYR B 92 11.78 -0.49 4.55
CA TYR B 92 12.43 -1.76 4.99
C TYR B 92 13.95 -1.59 5.05
N GLU B 93 14.50 -1.71 6.25
CA GLU B 93 15.96 -1.74 6.52
C GLU B 93 16.23 -3.07 7.23
N GLY B 94 16.95 -3.97 6.61
CA GLY B 94 17.01 -5.38 7.04
C GLY B 94 17.45 -6.31 5.92
N SER B 95 17.18 -7.61 6.07
CA SER B 95 17.67 -8.69 5.18
C SER B 95 16.52 -9.23 4.33
N LEU B 96 16.83 -9.54 3.07
CA LEU B 96 15.86 -10.07 2.09
C LEU B 96 16.57 -11.12 1.23
N TRP B 97 15.92 -12.27 1.01
CA TRP B 97 16.46 -13.38 0.18
C TRP B 97 15.97 -13.22 -1.25
N TYR B 98 16.90 -13.13 -2.21
CA TYR B 98 16.60 -13.24 -3.65
C TYR B 98 16.98 -14.64 -4.13
N ARG B 99 16.09 -15.31 -4.84
CA ARG B 99 16.39 -16.64 -5.41
C ARG B 99 15.99 -16.68 -6.88
N THR B 100 16.84 -17.24 -7.74
CA THR B 100 16.46 -17.57 -9.14
C THR B 100 17.03 -18.95 -9.52
N LYS B 101 16.73 -19.38 -10.74
CA LYS B 101 17.32 -20.62 -11.31
C LYS B 101 17.91 -20.30 -12.68
N PHE B 102 18.98 -21.01 -13.06
CA PHE B 102 19.54 -20.94 -14.44
C PHE B 102 20.16 -22.28 -14.81
N ASP B 103 20.15 -22.57 -16.11
CA ASP B 103 20.96 -23.62 -16.78
C ASP B 103 22.22 -22.96 -17.35
N TYR B 104 23.36 -23.63 -17.34
CA TYR B 104 24.61 -23.15 -17.99
C TYR B 104 25.60 -24.30 -18.16
N THR B 105 26.03 -24.56 -19.40
CA THR B 105 27.14 -25.51 -19.67
C THR B 105 28.39 -24.71 -20.01
N ILE B 106 29.42 -24.85 -19.18
CA ILE B 106 30.75 -24.20 -19.41
C ILE B 106 31.45 -24.97 -20.52
N THR B 107 32.05 -24.26 -21.48
CA THR B 107 32.81 -24.87 -22.59
C THR B 107 34.20 -25.25 -22.07
N ASP B 108 34.62 -26.50 -22.31
CA ASP B 108 36.01 -27.02 -22.10
C ASP B 108 36.39 -26.77 -20.64
N ASN B 109 37.51 -26.12 -20.37
CA ASN B 109 37.95 -25.84 -18.98
C ASN B 109 37.90 -24.34 -18.71
N ASN B 110 36.91 -23.63 -19.25
CA ASN B 110 36.67 -22.19 -18.94
C ASN B 110 36.23 -22.04 -17.47
N ARG B 111 36.34 -20.82 -16.96
CA ARG B 111 35.87 -20.45 -15.60
C ARG B 111 34.55 -19.70 -15.77
N LEU B 112 33.64 -19.83 -14.80
CA LEU B 112 32.35 -19.09 -14.79
C LEU B 112 32.30 -18.16 -13.57
N PHE B 113 32.15 -16.86 -13.80
CA PHE B 113 31.98 -15.85 -12.72
C PHE B 113 30.52 -15.42 -12.61
N ILE B 114 30.08 -15.09 -11.39
CA ILE B 114 28.89 -14.22 -11.18
C ILE B 114 29.41 -12.83 -10.83
N TYR B 115 28.98 -11.82 -11.59
CA TYR B 115 29.38 -10.40 -11.44
C TYR B 115 28.13 -9.62 -11.04
N PHE B 116 28.26 -8.82 -9.98
CA PHE B 116 27.23 -7.92 -9.40
C PHE B 116 27.72 -6.48 -9.58
N GLY B 117 26.96 -5.64 -10.29
CA GLY B 117 27.30 -4.22 -10.46
C GLY B 117 27.32 -3.50 -9.11
N ALA B 118 26.43 -3.92 -8.19
CA ALA B 118 26.30 -3.40 -6.82
C ALA B 118 25.11 -4.06 -6.10
N ALA B 119 25.15 -4.06 -4.77
CA ALA B 119 24.03 -4.48 -3.91
C ALA B 119 24.32 -3.95 -2.52
N ASN B 120 23.31 -3.35 -1.88
CA ASN B 120 23.47 -2.57 -0.63
C ASN B 120 22.73 -3.24 0.51
N TYR B 121 23.44 -3.71 1.55
CA TYR B 121 24.82 -3.35 1.86
C TYR B 121 25.72 -4.58 1.98
N GLN B 122 25.29 -5.59 2.71
CA GLN B 122 26.04 -6.87 2.82
C GLN B 122 25.38 -7.92 1.93
N THR B 123 26.16 -8.57 1.05
CA THR B 123 25.62 -9.61 0.14
C THR B 123 26.28 -10.96 0.44
N ASP B 124 25.45 -11.99 0.63
CA ASP B 124 25.89 -13.39 0.83
C ASP B 124 25.26 -14.20 -0.30
N VAL B 125 26.11 -14.85 -1.09
CA VAL B 125 25.71 -15.51 -2.36
C VAL B 125 25.97 -17.01 -2.22
N TYR B 126 25.02 -17.81 -2.70
CA TYR B 126 25.04 -19.29 -2.58
C TYR B 126 24.64 -19.85 -3.92
N VAL B 127 25.34 -20.88 -4.38
CA VAL B 127 24.97 -21.61 -5.63
C VAL B 127 24.83 -23.09 -5.25
N ASN B 128 23.64 -23.64 -5.45
CA ASN B 128 23.33 -25.07 -5.17
C ASN B 128 23.56 -25.34 -3.68
N GLY B 129 23.12 -24.42 -2.83
CA GLY B 129 23.24 -24.53 -1.36
C GLY B 129 24.69 -24.40 -0.91
N GLN B 130 25.60 -23.90 -1.75
CA GLN B 130 27.04 -23.80 -1.36
C GLN B 130 27.48 -22.34 -1.41
N LYS B 131 28.05 -21.86 -0.32
CA LYS B 131 28.50 -20.46 -0.21
C LYS B 131 29.64 -20.22 -1.19
N VAL B 132 29.52 -19.14 -1.95
CA VAL B 132 30.49 -18.74 -2.99
C VAL B 132 31.12 -17.39 -2.60
N GLY B 133 30.48 -16.57 -1.76
CA GLY B 133 31.08 -15.28 -1.43
C GLY B 133 30.28 -14.41 -0.49
N GLN B 134 30.94 -13.39 0.03
CA GLN B 134 30.33 -12.27 0.79
C GLN B 134 30.88 -10.94 0.24
N HIS B 135 30.06 -9.89 0.18
CA HIS B 135 30.55 -8.52 -0.11
C HIS B 135 29.98 -7.55 0.93
N LEU B 136 30.82 -6.61 1.37
CA LEU B 136 30.48 -5.41 2.19
C LEU B 136 30.79 -4.16 1.36
N GLY B 137 29.88 -3.17 1.40
CA GLY B 137 29.82 -1.99 0.51
C GLY B 137 28.62 -2.02 -0.41
N GLY B 138 27.84 -0.94 -0.46
CA GLY B 138 26.51 -0.93 -1.11
C GLY B 138 26.55 -0.52 -2.56
N PHE B 139 27.68 -0.02 -3.06
CA PHE B 139 27.76 0.71 -4.35
C PHE B 139 28.91 0.26 -5.26
N ASP B 140 29.70 -0.74 -4.88
CA ASP B 140 30.93 -1.12 -5.60
C ASP B 140 30.76 -2.55 -6.11
N PRO B 141 31.23 -2.90 -7.32
CA PRO B 141 30.99 -4.24 -7.88
C PRO B 141 31.83 -5.35 -7.23
N PHE B 142 31.49 -6.58 -7.56
CA PHE B 142 32.14 -7.79 -6.97
C PHE B 142 31.74 -9.00 -7.79
N ASN B 143 32.63 -10.00 -7.79
CA ASN B 143 32.49 -11.20 -8.64
C ASN B 143 33.08 -12.43 -7.94
N PHE B 144 32.47 -13.58 -8.16
CA PHE B 144 32.86 -14.86 -7.54
C PHE B 144 33.01 -15.93 -8.61
N ASP B 145 34.12 -16.68 -8.52
CA ASP B 145 34.35 -17.86 -9.38
C ASP B 145 33.38 -18.95 -8.88
N ILE B 146 32.39 -19.32 -9.67
CA ILE B 146 31.39 -20.37 -9.30
C ILE B 146 31.61 -21.63 -10.15
N THR B 147 32.71 -21.69 -10.91
CA THR B 147 33.01 -22.81 -11.86
C THR B 147 32.72 -24.19 -11.23
N ASN B 148 33.30 -24.47 -10.07
CA ASN B 148 33.31 -25.85 -9.49
C ASN B 148 31.96 -26.21 -8.92
N VAL B 149 31.03 -25.27 -8.82
CA VAL B 149 29.81 -25.48 -8.01
C VAL B 149 28.56 -25.44 -8.90
N VAL B 150 28.69 -25.18 -10.21
CA VAL B 150 27.54 -25.21 -11.16
C VAL B 150 27.37 -26.61 -11.75
N LYS B 151 26.27 -26.80 -12.45
CA LYS B 151 25.94 -28.02 -13.22
C LYS B 151 25.10 -27.58 -14.42
N PRO B 152 25.01 -28.40 -15.48
CA PRO B 152 24.33 -28.00 -16.71
C PRO B 152 22.89 -27.49 -16.50
N LYS B 153 22.12 -28.12 -15.62
CA LYS B 153 20.67 -27.78 -15.48
C LYS B 153 20.31 -27.49 -14.03
N ASP B 154 19.30 -26.63 -13.83
CA ASP B 154 18.52 -26.46 -12.58
C ASP B 154 19.40 -25.93 -11.43
N ASN B 155 20.27 -24.94 -11.70
CA ASN B 155 21.14 -24.31 -10.67
C ASN B 155 20.28 -23.42 -9.77
N SER B 156 20.36 -23.63 -8.46
CA SER B 156 19.87 -22.71 -7.41
C SER B 156 20.87 -21.56 -7.20
N LEU B 157 20.41 -20.34 -7.37
CA LEU B 157 21.21 -19.12 -7.09
C LEU B 157 20.47 -18.34 -6.02
N MET B 158 21.09 -18.21 -4.85
CA MET B 158 20.49 -17.58 -3.66
C MET B 158 21.37 -16.38 -3.30
N VAL B 159 20.82 -15.16 -3.34
CA VAL B 159 21.62 -13.99 -2.90
C VAL B 159 20.83 -13.22 -1.81
N ARG B 160 21.45 -13.14 -0.65
CA ARG B 160 20.89 -12.43 0.53
C ARG B 160 21.56 -11.06 0.51
N VAL B 161 20.75 -10.02 0.64
CA VAL B 161 21.23 -8.63 0.81
C VAL B 161 20.67 -8.13 2.15
N ASP B 162 21.56 -7.55 2.94
CA ASP B 162 21.24 -6.94 4.25
C ASP B 162 21.67 -5.48 4.19
N ASN B 163 20.76 -4.56 4.46
CA ASN B 163 21.03 -3.11 4.43
C ASN B 163 20.81 -2.52 5.82
N ARG B 164 20.76 -3.35 6.87
CA ARG B 164 20.61 -2.82 8.25
C ARG B 164 21.78 -1.85 8.53
N ARG B 165 21.47 -0.69 9.08
CA ARG B 165 22.49 0.27 9.59
C ARG B 165 23.15 -0.38 10.82
N GLU B 166 24.48 -0.35 10.86
CA GLU B 166 25.32 -0.94 11.93
C GLU B 166 26.49 0.02 12.21
N LYS B 167 26.94 0.11 13.47
CA LYS B 167 27.99 1.07 13.89
C LYS B 167 29.21 1.02 12.92
N HIS B 168 29.68 -0.19 12.61
CA HIS B 168 30.95 -0.47 11.89
C HIS B 168 30.85 -0.24 10.38
N ARG B 169 29.64 -0.11 9.81
CA ARG B 169 29.44 -0.02 8.33
C ARG B 169 29.77 1.38 7.80
N VAL B 170 30.04 1.47 6.49
CA VAL B 170 30.42 2.72 5.78
C VAL B 170 29.47 2.89 4.59
N PRO B 171 28.36 3.68 4.71
CA PRO B 171 28.06 4.53 5.85
C PRO B 171 27.38 3.78 7.01
N ASN B 172 27.25 4.43 8.16
CA ASN B 172 26.67 3.80 9.38
C ASN B 172 25.28 4.40 9.70
N TYR B 173 25.09 5.06 10.86
CA TYR B 173 23.79 5.30 11.52
C TYR B 173 22.96 6.37 10.77
N THR B 174 23.58 7.42 10.25
CA THR B 174 22.82 8.44 9.48
C THR B 174 23.66 8.94 8.29
N THR B 175 22.98 9.11 7.16
CA THR B 175 23.37 9.93 5.98
C THR B 175 22.19 10.82 5.58
N ASP B 176 22.40 11.73 4.64
CA ASP B 176 21.30 12.58 4.11
C ASP B 176 20.75 12.00 2.81
N TRP B 177 20.59 10.67 2.73
CA TRP B 177 19.96 10.04 1.55
C TRP B 177 19.29 8.73 1.96
N TRP B 178 18.30 8.28 1.19
CA TRP B 178 17.47 7.07 1.46
C TRP B 178 18.32 5.80 1.42
N ASN B 179 18.04 4.90 2.36
CA ASN B 179 18.75 3.58 2.42
C ASN B 179 18.07 2.66 1.40
N TYR B 180 18.49 2.72 0.15
CA TYR B 180 17.90 1.84 -0.91
C TYR B 180 18.59 0.47 -0.84
N GLY B 181 17.85 -0.53 -0.36
CA GLY B 181 18.35 -1.92 -0.21
C GLY B 181 18.23 -2.71 -1.50
N GLY B 182 19.06 -3.77 -1.63
CA GLY B 182 18.86 -4.87 -2.58
C GLY B 182 19.88 -4.88 -3.71
N ILE B 183 19.61 -5.69 -4.74
CA ILE B 183 20.49 -5.84 -5.93
C ILE B 183 20.15 -4.69 -6.88
N THR B 184 20.98 -3.65 -6.91
CA THR B 184 20.59 -2.31 -7.47
C THR B 184 21.10 -2.14 -8.91
N ARG B 185 21.91 -3.08 -9.39
CA ARG B 185 22.54 -3.01 -10.74
C ARG B 185 22.60 -4.41 -11.34
N ASP B 186 22.94 -4.50 -12.62
CA ASP B 186 22.87 -5.75 -13.42
C ASP B 186 23.62 -6.88 -12.71
N VAL B 187 23.09 -8.09 -12.85
CA VAL B 187 23.72 -9.36 -12.37
C VAL B 187 23.93 -10.28 -13.57
N LYS B 188 25.14 -10.79 -13.75
CA LYS B 188 25.42 -11.60 -14.96
C LYS B 188 26.41 -12.72 -14.65
N LEU B 189 26.31 -13.79 -15.42
CA LEU B 189 27.36 -14.82 -15.52
C LEU B 189 28.40 -14.32 -16.52
N VAL B 190 29.69 -14.59 -16.28
CA VAL B 190 30.79 -14.21 -17.20
C VAL B 190 31.75 -15.39 -17.34
N GLU B 191 31.82 -15.95 -18.57
CA GLU B 191 32.66 -17.11 -18.93
C GLU B 191 33.97 -16.61 -19.53
N VAL B 192 35.10 -17.09 -19.00
CA VAL B 192 36.47 -16.61 -19.35
C VAL B 192 37.41 -17.82 -19.42
N PRO B 193 38.49 -17.77 -20.25
CA PRO B 193 39.38 -18.93 -20.37
C PRO B 193 40.05 -19.29 -19.02
N SER B 194 40.57 -20.53 -18.92
CA SER B 194 41.20 -21.09 -17.69
C SER B 194 42.25 -20.10 -17.18
N THR B 195 42.95 -19.41 -18.08
CA THR B 195 43.77 -18.22 -17.80
C THR B 195 43.13 -17.02 -18.49
N TYR B 196 43.07 -15.87 -17.82
CA TYR B 196 42.23 -14.72 -18.24
C TYR B 196 42.88 -13.41 -17.81
N ILE B 197 42.59 -12.35 -18.55
CA ILE B 197 43.00 -10.97 -18.18
C ILE B 197 42.15 -10.58 -16.97
N GLN B 198 42.77 -10.46 -15.79
CA GLN B 198 42.10 -10.08 -14.51
C GLN B 198 42.11 -8.55 -14.32
N ASP B 199 43.23 -7.87 -14.63
CA ASP B 199 43.34 -6.40 -14.40
C ASP B 199 44.31 -5.79 -15.41
N TYR B 200 44.25 -4.48 -15.62
CA TYR B 200 45.16 -3.75 -16.51
C TYR B 200 44.93 -2.24 -16.34
N ALA B 201 46.03 -1.50 -16.25
CA ALA B 201 46.05 -0.02 -16.34
C ALA B 201 46.73 0.34 -17.67
N ILE B 202 46.07 1.17 -18.49
CA ILE B 202 46.63 1.73 -19.75
C ILE B 202 46.28 3.23 -19.76
N GLN B 203 47.12 4.05 -19.14
CA GLN B 203 46.92 5.51 -18.96
C GLN B 203 48.27 6.19 -19.23
N LEU B 204 48.29 7.52 -19.46
CA LEU B 204 49.56 8.28 -19.64
C LEU B 204 50.30 8.33 -18.29
N ASP B 205 51.61 8.37 -18.34
CA ASP B 205 52.52 8.60 -17.18
C ASP B 205 52.38 10.06 -16.76
N LYS B 206 52.06 10.34 -15.49
CA LYS B 206 51.93 11.74 -15.00
C LYS B 206 53.31 12.38 -14.93
N ASP B 207 54.37 11.57 -14.82
CA ASP B 207 55.77 12.06 -14.77
C ASP B 207 56.33 12.22 -16.19
N ASN B 208 55.65 11.67 -17.20
CA ASN B 208 56.21 11.59 -18.57
C ASN B 208 55.07 11.37 -19.57
N PRO B 209 54.30 12.42 -19.92
CA PRO B 209 53.16 12.31 -20.84
C PRO B 209 53.46 11.79 -22.27
N LYS B 210 54.73 11.64 -22.67
CA LYS B 210 55.13 11.01 -23.96
C LYS B 210 54.75 9.51 -23.96
N ASN B 211 54.65 8.90 -22.77
CA ASN B 211 54.46 7.44 -22.60
C ASN B 211 53.10 7.08 -21.98
N ILE B 212 52.46 6.09 -22.58
CA ILE B 212 51.47 5.20 -21.93
C ILE B 212 52.22 4.32 -20.92
N LYS B 213 51.77 4.31 -19.66
CA LYS B 213 52.35 3.51 -18.54
C LYS B 213 51.25 2.70 -17.85
N GLY B 214 51.52 1.41 -17.56
CA GLY B 214 50.51 0.53 -16.94
C GLY B 214 51.02 -0.88 -16.74
N TYR B 215 50.11 -1.85 -16.79
CA TYR B 215 50.40 -3.27 -16.46
C TYR B 215 49.25 -4.16 -16.94
N VAL B 216 49.53 -5.45 -17.02
CA VAL B 216 48.47 -6.47 -17.23
C VAL B 216 48.67 -7.52 -16.15
N GLN B 217 47.58 -7.90 -15.46
CA GLN B 217 47.57 -8.96 -14.42
C GLN B 217 46.65 -10.09 -14.88
N LEU B 218 47.23 -11.28 -15.00
CA LEU B 218 46.52 -12.54 -15.39
C LEU B 218 46.15 -13.28 -14.11
N ALA B 219 45.20 -14.20 -14.21
CA ALA B 219 44.77 -15.08 -13.10
C ALA B 219 44.30 -16.38 -13.71
N GLY B 220 44.08 -17.41 -12.90
CA GLY B 220 43.65 -18.75 -13.32
C GLY B 220 44.78 -19.76 -13.25
N SER B 221 44.79 -20.70 -14.19
CA SER B 221 45.48 -22.02 -14.08
C SER B 221 46.98 -21.89 -14.31
N SER B 222 47.43 -21.31 -15.42
CA SER B 222 48.88 -21.15 -15.70
C SER B 222 49.14 -19.73 -16.20
N LEU B 223 49.80 -18.94 -15.37
CA LEU B 223 49.89 -17.46 -15.47
C LEU B 223 51.05 -17.02 -16.37
N GLU B 224 51.93 -17.94 -16.79
CA GLU B 224 53.08 -17.62 -17.69
C GLU B 224 52.62 -17.86 -19.13
N THR B 225 52.31 -16.78 -19.85
CA THR B 225 51.74 -16.85 -21.22
C THR B 225 52.09 -15.57 -21.97
N ASN B 226 51.60 -15.45 -23.20
CA ASN B 226 51.90 -14.29 -24.08
C ASN B 226 50.76 -13.29 -23.92
N VAL B 227 51.15 -12.03 -23.75
CA VAL B 227 50.25 -10.86 -23.52
C VAL B 227 50.53 -9.86 -24.64
N SER B 228 49.48 -9.32 -25.27
CA SER B 228 49.59 -8.21 -26.23
C SER B 228 48.59 -7.10 -25.91
N ILE B 229 49.04 -5.84 -25.99
CA ILE B 229 48.18 -4.62 -26.00
C ILE B 229 48.32 -4.01 -27.39
N ASN B 230 47.20 -3.83 -28.09
CA ASN B 230 47.17 -3.21 -29.44
C ASN B 230 46.29 -1.96 -29.40
N ILE B 231 46.82 -0.81 -29.82
CA ILE B 231 46.04 0.43 -30.11
C ILE B 231 46.23 0.76 -31.59
N PRO B 232 45.46 0.11 -32.49
CA PRO B 232 45.71 0.16 -33.91
C PRO B 232 45.85 1.59 -34.48
N GLU B 233 44.84 2.43 -34.23
CA GLU B 233 44.74 3.80 -34.80
C GLU B 233 45.96 4.62 -34.39
N ALA B 234 46.69 4.24 -33.34
CA ALA B 234 47.88 4.97 -32.85
C ALA B 234 49.18 4.31 -33.33
N LYS B 235 49.09 3.19 -34.06
CA LYS B 235 50.27 2.37 -34.49
C LYS B 235 51.05 1.95 -33.23
N ILE B 236 50.36 1.72 -32.12
CA ILE B 236 51.00 1.33 -30.83
C ILE B 236 50.87 -0.18 -30.67
N ASN B 237 52.00 -0.82 -30.35
CA ASN B 237 52.08 -2.28 -30.09
C ASN B 237 53.04 -2.58 -28.94
N PHE B 238 52.60 -3.48 -28.07
CA PHE B 238 53.39 -4.11 -26.98
C PHE B 238 52.96 -5.57 -26.87
N SER B 239 53.95 -6.44 -26.67
CA SER B 239 53.75 -7.91 -26.55
C SER B 239 54.98 -8.51 -25.90
N THR B 240 54.76 -9.46 -24.99
CA THR B 240 55.84 -10.13 -24.24
C THR B 240 55.27 -11.31 -23.46
N THR B 241 56.13 -11.92 -22.65
CA THR B 241 55.83 -13.07 -21.79
C THR B 241 55.53 -12.58 -20.36
N THR B 242 54.71 -13.35 -19.65
CA THR B 242 54.46 -13.10 -18.22
C THR B 242 55.25 -14.13 -17.44
N ASP B 243 55.56 -13.84 -16.19
CA ASP B 243 56.31 -14.79 -15.32
C ASP B 243 55.33 -15.52 -14.40
N ARG B 244 55.84 -16.03 -13.28
CA ARG B 244 55.05 -16.86 -12.34
C ARG B 244 53.93 -16.01 -11.72
N THR B 245 54.09 -14.70 -11.70
CA THR B 245 53.16 -13.77 -11.02
C THR B 245 51.92 -13.47 -11.87
N GLY B 246 52.01 -13.69 -13.19
CA GLY B 246 50.98 -13.30 -14.17
C GLY B 246 50.94 -11.80 -14.43
N ARG B 247 51.89 -11.04 -13.86
CA ARG B 247 51.92 -9.56 -13.97
C ARG B 247 53.09 -9.13 -14.88
N VAL B 248 52.90 -8.07 -15.66
CA VAL B 248 54.00 -7.40 -16.39
C VAL B 248 53.72 -5.89 -16.45
N HIS B 249 54.71 -5.08 -16.12
CA HIS B 249 54.73 -3.60 -16.25
C HIS B 249 55.26 -3.22 -17.64
N PHE B 250 54.88 -2.05 -18.13
CA PHE B 250 55.36 -1.48 -19.42
C PHE B 250 55.30 0.04 -19.36
N GLU B 251 56.35 0.72 -19.85
CA GLU B 251 56.36 2.17 -20.18
C GLU B 251 56.65 2.32 -21.68
N ILE B 252 55.59 2.55 -22.47
CA ILE B 252 55.55 2.52 -23.96
C ILE B 252 55.22 3.93 -24.46
N PRO B 253 55.98 4.51 -25.43
CA PRO B 253 55.70 5.87 -25.89
C PRO B 253 54.46 5.96 -26.81
N ALA B 254 53.76 7.10 -26.80
CA ALA B 254 52.63 7.44 -27.73
C ALA B 254 52.82 8.87 -28.28
N LYS B 256 51.93 9.92 -31.39
CA LYS B 256 51.16 11.00 -32.06
C LYS B 256 49.68 10.87 -31.70
N ILE B 257 49.38 10.56 -30.44
CA ILE B 257 48.00 10.23 -29.96
C ILE B 257 47.22 11.53 -29.75
N LYS B 258 45.97 11.57 -30.22
CA LYS B 258 45.03 12.71 -30.04
C LYS B 258 44.44 12.61 -28.62
N LYS B 259 44.66 13.63 -27.78
CA LYS B 259 44.34 13.61 -26.32
C LYS B 259 42.85 13.91 -26.08
N TRP B 260 42.33 13.50 -24.91
CA TRP B 260 40.88 13.56 -24.56
C TRP B 260 40.61 14.91 -23.89
N TYR B 261 39.59 15.60 -24.40
CA TYR B 261 39.07 16.92 -23.93
C TYR B 261 37.54 16.88 -23.87
N PRO B 262 36.89 17.62 -22.94
CA PRO B 262 35.44 17.79 -22.95
C PRO B 262 34.89 18.09 -24.36
N LYS B 263 35.46 19.09 -25.05
CA LYS B 263 34.96 19.55 -26.38
C LYS B 263 35.32 18.50 -27.45
N ARG B 264 36.36 17.67 -27.24
CA ARG B 264 36.89 16.65 -28.19
C ARG B 264 37.21 15.35 -27.44
N PRO B 265 36.20 14.53 -27.09
CA PRO B 265 36.44 13.37 -26.23
C PRO B 265 36.88 12.10 -26.96
N LYS B 266 38.05 12.14 -27.59
CA LYS B 266 38.61 11.02 -28.40
C LYS B 266 38.82 9.76 -27.53
N LEU B 267 38.15 8.67 -27.90
CA LEU B 267 38.34 7.33 -27.33
C LEU B 267 39.06 6.44 -28.35
N TYR B 268 40.20 5.87 -27.97
CA TYR B 268 40.91 4.87 -28.81
C TYR B 268 40.40 3.48 -28.50
N ASP B 269 40.10 2.74 -29.56
CA ASP B 269 39.84 1.28 -29.51
C ASP B 269 41.15 0.60 -29.08
N VAL B 270 41.06 -0.22 -28.02
CA VAL B 270 42.21 -0.97 -27.44
C VAL B 270 41.86 -2.46 -27.42
N GLN B 271 42.80 -3.29 -27.82
CA GLN B 271 42.75 -4.78 -27.80
C GLN B 271 43.75 -5.29 -26.76
N ILE B 272 43.24 -5.98 -25.75
CA ILE B 272 44.03 -6.64 -24.68
C ILE B 272 43.82 -8.14 -24.86
N GLN B 273 44.94 -8.86 -24.98
CA GLN B 273 44.95 -10.29 -25.33
C GLN B 273 45.97 -10.98 -24.42
N ALA B 274 45.61 -12.17 -23.97
CA ALA B 274 46.51 -13.11 -23.25
C ALA B 274 46.00 -14.52 -23.49
N GLY B 275 46.91 -15.44 -23.84
CA GLY B 275 46.55 -16.82 -24.22
C GLY B 275 45.33 -16.79 -25.12
N ASN B 276 44.21 -17.34 -24.65
CA ASN B 276 42.96 -17.50 -25.43
C ASN B 276 41.95 -16.38 -25.09
N ASP B 277 42.28 -15.49 -24.16
CA ASP B 277 41.38 -14.39 -23.73
C ASP B 277 41.59 -13.17 -24.62
N LYS B 278 40.50 -12.64 -25.21
CA LYS B 278 40.49 -11.36 -26.00
C LYS B 278 39.42 -10.43 -25.41
N LEU B 279 39.76 -9.15 -25.32
CA LEU B 279 39.03 -8.12 -24.56
C LEU B 279 39.22 -6.79 -25.30
N GLU B 280 38.13 -6.09 -25.62
CA GLU B 280 38.21 -4.77 -26.30
C GLU B 280 37.77 -3.69 -25.30
N ASP B 281 38.40 -2.52 -25.36
CA ASP B 281 38.15 -1.40 -24.41
C ASP B 281 38.21 -0.08 -25.20
N GLN B 282 37.62 0.98 -24.66
CA GLN B 282 37.64 2.35 -25.24
C GLN B 282 38.30 3.27 -24.21
N ILE B 283 39.51 3.74 -24.50
CA ILE B 283 40.35 4.47 -23.51
C ILE B 283 40.77 5.82 -24.10
N GLY B 284 40.43 6.90 -23.43
CA GLY B 284 40.90 8.26 -23.78
C GLY B 284 42.16 8.57 -23.00
N LEU B 285 43.05 9.37 -23.57
CA LEU B 285 44.34 9.65 -22.92
C LEU B 285 44.51 11.16 -22.72
N ARG B 286 44.91 11.57 -21.52
CA ARG B 286 44.99 12.99 -21.08
C ARG B 286 45.78 13.09 -19.77
N THR B 287 46.31 14.27 -19.50
CA THR B 287 47.02 14.57 -18.23
C THR B 287 46.18 15.56 -17.44
N ILE B 288 46.05 15.35 -16.13
CA ILE B 288 45.43 16.33 -15.22
C ILE B 288 46.46 16.70 -14.16
N GLU B 289 46.62 17.98 -13.91
CA GLU B 289 47.63 18.47 -12.97
C GLU B 289 47.24 19.85 -12.42
N THR B 290 48.00 20.24 -11.41
CA THR B 290 48.02 21.56 -10.72
C THR B 290 49.22 22.32 -11.29
N LYS B 291 49.09 23.62 -11.55
CA LYS B 291 50.27 24.52 -11.71
C LYS B 291 50.00 25.79 -10.90
N GLY B 292 50.47 25.79 -9.66
CA GLY B 292 50.04 26.74 -8.61
C GLY B 292 48.53 26.67 -8.46
N ALA B 293 47.84 27.74 -8.86
CA ALA B 293 46.39 27.96 -8.67
C ALA B 293 45.61 27.36 -9.82
N ASP B 294 46.28 27.08 -10.94
CA ASP B 294 45.59 26.65 -12.18
C ASP B 294 45.38 25.12 -12.18
N ILE B 295 44.30 24.67 -12.82
CA ILE B 295 44.05 23.24 -13.19
C ILE B 295 44.34 23.12 -14.69
N LEU B 296 45.27 22.24 -15.05
CA LEU B 296 45.72 22.04 -16.45
C LEU B 296 45.28 20.67 -16.93
N LEU B 297 44.33 20.66 -17.87
CA LEU B 297 43.95 19.49 -18.70
C LEU B 297 44.79 19.50 -19.98
N ASN B 298 45.84 18.69 -20.05
CA ASN B 298 46.71 18.56 -21.24
C ASN B 298 47.48 19.87 -21.46
N GLY B 299 47.83 20.54 -20.36
CA GLY B 299 48.64 21.77 -20.37
C GLY B 299 47.78 23.01 -20.49
N GLN B 300 46.49 22.86 -20.79
CA GLN B 300 45.52 23.97 -20.95
C GLN B 300 44.83 24.25 -19.60
N SER B 301 44.69 25.53 -19.23
CA SER B 301 43.97 26.01 -18.02
C SER B 301 42.45 25.88 -18.21
N ILE B 302 41.79 25.11 -17.35
CA ILE B 302 40.33 24.86 -17.37
C ILE B 302 39.69 25.42 -16.10
N PHE B 303 38.38 25.60 -16.16
CA PHE B 303 37.47 25.85 -15.00
C PHE B 303 36.44 24.73 -14.98
N LEU B 304 36.19 24.15 -13.79
CA LEU B 304 35.19 23.09 -13.59
C LEU B 304 33.80 23.68 -13.35
N ARG B 305 33.00 23.78 -14.42
CA ARG B 305 31.56 24.18 -14.37
C ARG B 305 30.73 22.92 -14.07
N GLY B 306 30.53 22.63 -12.80
CA GLY B 306 30.06 21.31 -12.37
C GLY B 306 28.72 21.41 -11.68
N ILE B 307 28.10 20.25 -11.42
CA ILE B 307 26.91 20.08 -10.56
C ILE B 307 27.04 18.75 -9.79
N SER B 308 26.55 18.74 -8.55
CA SER B 308 26.46 17.52 -7.71
C SER B 308 25.27 16.69 -8.21
N LEU B 309 25.27 15.39 -7.97
CA LEU B 309 24.19 14.47 -8.43
C LEU B 309 24.22 13.16 -7.65
N HIS B 310 23.09 12.77 -7.07
CA HIS B 310 22.86 11.43 -6.44
C HIS B 310 22.47 10.43 -7.53
N GLU B 311 22.69 9.14 -7.26
CA GLU B 311 22.37 8.02 -8.20
C GLU B 311 20.88 7.69 -8.07
N GLU B 312 20.02 8.65 -8.36
CA GLU B 312 18.57 8.45 -8.16
C GLU B 312 17.81 8.86 -9.42
N ASN B 313 16.78 8.09 -9.75
CA ASN B 313 15.77 8.39 -10.79
C ASN B 313 14.53 8.89 -10.07
N PRO B 314 14.31 10.23 -10.06
CA PRO B 314 13.29 10.85 -9.23
C PRO B 314 11.86 10.65 -9.77
N ILE B 315 11.70 10.37 -11.06
CA ILE B 315 10.38 9.99 -11.66
C ILE B 315 10.00 8.61 -11.10
N LYS B 316 10.94 7.66 -11.04
CA LYS B 316 10.72 6.31 -10.48
C LYS B 316 10.66 6.39 -8.95
N ILE B 317 11.35 7.40 -8.38
CA ILE B 317 11.70 7.51 -6.94
C ILE B 317 12.39 6.22 -6.52
N GLY B 318 13.47 5.85 -7.21
CA GLY B 318 14.34 4.70 -6.88
C GLY B 318 15.74 4.84 -7.45
N ARG B 319 16.55 3.81 -7.31
CA ARG B 319 17.99 3.86 -7.66
C ARG B 319 18.15 3.92 -9.18
N ALA B 320 18.90 4.89 -9.71
CA ALA B 320 19.44 4.89 -11.09
C ALA B 320 20.45 3.74 -11.27
N ARG B 321 20.56 3.19 -12.49
CA ARG B 321 21.37 1.97 -12.79
C ARG B 321 21.70 1.82 -14.27
N SER B 322 20.91 2.39 -15.18
CA SER B 322 21.00 2.07 -16.62
C SER B 322 21.70 3.17 -17.43
N ILE B 323 22.14 2.83 -18.64
CA ILE B 323 22.59 3.78 -19.70
C ILE B 323 21.49 4.83 -19.99
N GLU B 324 20.19 4.47 -19.92
CA GLU B 324 19.07 5.42 -20.17
C GLU B 324 19.06 6.51 -19.08
N ASP B 325 19.14 6.12 -17.80
CA ASP B 325 19.32 7.04 -16.64
C ASP B 325 20.52 7.96 -16.88
N ALA B 326 21.65 7.40 -17.31
CA ALA B 326 22.92 8.12 -17.53
C ALA B 326 22.73 9.18 -18.62
N GLN B 327 22.04 8.83 -19.71
CA GLN B 327 21.72 9.80 -20.79
C GLN B 327 20.85 10.93 -20.23
N MET B 328 19.79 10.61 -19.49
CA MET B 328 18.85 11.64 -18.99
C MET B 328 19.59 12.61 -18.04
N GLN B 329 20.33 12.09 -17.06
CA GLN B 329 21.07 12.92 -16.07
C GLN B 329 22.11 13.80 -16.78
N MET B 330 22.88 13.24 -17.70
CA MET B 330 23.97 14.01 -18.38
C MET B 330 23.38 15.05 -19.35
N GLY B 331 22.23 14.77 -20.00
CA GLY B 331 21.50 15.73 -20.85
C GLY B 331 21.05 16.97 -20.07
N TRP B 332 20.64 16.78 -18.81
CA TRP B 332 20.34 17.86 -17.85
C TRP B 332 21.62 18.63 -17.47
N ALA B 333 22.71 17.95 -17.15
CA ALA B 333 24.03 18.59 -16.91
C ALA B 333 24.39 19.48 -18.09
N LYS B 334 24.12 19.04 -19.32
CA LYS B 334 24.55 19.76 -20.56
C LYS B 334 23.63 20.97 -20.81
N GLU B 335 22.34 20.86 -20.50
CA GLU B 335 21.40 22.01 -20.54
C GLU B 335 21.87 23.11 -19.58
N LEU B 336 22.54 22.72 -18.49
CA LEU B 336 23.12 23.61 -17.43
C LEU B 336 24.49 24.11 -17.88
N ASN B 337 24.98 23.59 -19.01
CA ASN B 337 26.30 23.96 -19.59
C ASN B 337 27.43 23.54 -18.62
N CYS B 338 27.35 22.32 -18.07
CA CYS B 338 28.43 21.73 -17.23
C CYS B 338 29.48 21.03 -18.09
N ASN B 339 30.74 21.13 -17.68
CA ASN B 339 31.84 20.30 -18.24
C ASN B 339 32.28 19.28 -17.17
N PHE B 340 31.56 19.22 -16.04
CA PHE B 340 31.97 18.46 -14.83
C PHE B 340 30.74 18.08 -14.00
N ILE B 341 30.81 16.88 -13.41
CA ILE B 341 29.79 16.36 -12.45
C ILE B 341 30.52 15.73 -11.27
N ARG B 342 30.17 16.18 -10.05
CA ARG B 342 30.41 15.47 -8.77
C ARG B 342 29.31 14.41 -8.54
N LEU B 343 29.68 13.12 -8.57
CA LEU B 343 28.75 11.98 -8.46
C LEU B 343 28.61 11.57 -6.98
N ALA B 344 27.40 11.81 -6.45
CA ALA B 344 26.70 11.30 -5.23
C ALA B 344 27.57 11.36 -4.02
N HIS B 345 27.56 10.29 -3.19
CA HIS B 345 28.49 10.06 -2.06
C HIS B 345 29.05 8.65 -2.09
N TYR B 346 29.05 8.03 -3.25
CA TYR B 346 29.36 6.60 -3.45
C TYR B 346 29.66 6.42 -4.93
N PRO B 347 30.34 5.32 -5.32
CA PRO B 347 30.47 5.00 -6.74
C PRO B 347 29.07 4.84 -7.35
N HIS B 348 28.74 5.59 -8.41
CA HIS B 348 27.57 5.32 -9.27
C HIS B 348 27.85 4.06 -10.11
N ASN B 349 26.81 3.53 -10.76
CA ASN B 349 26.88 2.44 -11.75
C ASN B 349 27.86 2.83 -12.87
N GLU B 350 28.51 1.85 -13.49
CA GLU B 350 29.67 2.07 -14.38
C GLU B 350 29.23 2.77 -15.66
N ASN B 351 27.94 2.74 -16.04
CA ASN B 351 27.44 3.52 -17.21
C ASN B 351 27.79 5.01 -17.07
N MET B 352 27.85 5.56 -15.86
CA MET B 352 28.14 7.00 -15.65
C MET B 352 29.51 7.33 -16.24
N PRO B 353 30.64 6.77 -15.71
CA PRO B 353 31.97 7.07 -16.24
C PRO B 353 32.19 6.62 -17.70
N ARG B 354 31.54 5.53 -18.11
CA ARG B 354 31.59 5.08 -19.51
C ARG B 354 30.95 6.15 -20.41
N LEU B 355 29.75 6.62 -20.07
CA LEU B 355 29.03 7.61 -20.91
C LEU B 355 29.76 8.96 -20.82
N ALA B 356 30.31 9.33 -19.65
CA ALA B 356 31.11 10.57 -19.45
C ALA B 356 32.34 10.56 -20.38
N ASP B 357 33.00 9.43 -20.56
CA ASP B 357 34.13 9.26 -21.51
C ASP B 357 33.63 9.58 -22.93
N LYS B 358 32.46 9.09 -23.33
CA LYS B 358 31.93 9.32 -24.70
C LYS B 358 31.44 10.77 -24.89
N LEU B 359 30.77 11.38 -23.91
CA LEU B 359 30.07 12.69 -24.10
C LEU B 359 30.97 13.88 -23.76
N GLY B 360 32.03 13.71 -22.97
CA GLY B 360 32.97 14.83 -22.67
C GLY B 360 32.57 15.56 -21.41
N LEU B 361 32.24 14.81 -20.36
CA LEU B 361 32.03 15.34 -19.00
C LEU B 361 33.16 14.79 -18.12
N LEU B 362 33.85 15.67 -17.40
CA LEU B 362 34.85 15.27 -16.39
C LEU B 362 34.08 14.84 -15.12
N LEU B 363 34.68 14.00 -14.27
CA LEU B 363 33.95 13.40 -13.12
C LEU B 363 34.76 13.51 -11.84
N TRP B 364 34.04 13.62 -10.73
CA TRP B 364 34.51 13.40 -9.34
C TRP B 364 33.77 12.18 -8.78
N GLU B 365 34.52 11.23 -8.23
CA GLU B 365 33.98 9.96 -7.70
C GLU B 365 34.42 9.83 -6.23
N GLU B 366 33.54 9.26 -5.41
CA GLU B 366 33.52 9.40 -3.94
C GLU B 366 33.09 8.07 -3.32
N ILE B 367 33.68 7.73 -2.18
CA ILE B 367 33.21 6.63 -1.30
C ILE B 367 32.42 7.25 -0.15
N PRO B 368 31.47 6.48 0.47
CA PRO B 368 30.61 7.04 1.51
C PRO B 368 31.22 7.24 2.92
N VAL B 369 32.44 7.78 3.02
CA VAL B 369 33.02 8.16 4.34
C VAL B 369 32.33 9.48 4.67
N TYR B 370 31.30 9.42 5.49
CA TYR B 370 30.33 10.53 5.63
C TYR B 370 29.92 10.72 7.07
N TRP B 371 30.29 11.86 7.67
CA TRP B 371 29.92 12.20 9.06
C TRP B 371 30.63 11.30 10.07
N GLY B 372 29.88 10.68 10.99
CA GLY B 372 30.47 9.93 12.12
C GLY B 372 30.77 8.47 11.88
N ILE B 373 31.49 8.13 10.83
CA ILE B 373 32.11 6.80 10.63
C ILE B 373 32.96 6.46 11.86
N ASP B 374 32.98 5.19 12.28
CA ASP B 374 33.79 4.70 13.43
C ASP B 374 35.26 4.57 12.99
N TYR B 375 36.03 5.67 13.08
CA TYR B 375 37.42 5.81 12.55
C TYR B 375 38.42 4.95 13.33
N GLU B 376 38.19 4.79 14.63
CA GLU B 376 39.04 3.99 15.54
C GLU B 376 38.89 2.49 15.24
N ASN B 377 37.85 2.08 14.48
CA ASN B 377 37.41 0.67 14.38
C ASN B 377 38.08 0.01 13.17
N PRO B 378 38.98 -0.99 13.39
CA PRO B 378 39.60 -1.69 12.28
C PRO B 378 38.60 -2.14 11.21
N GLU B 379 37.45 -2.67 11.65
CA GLU B 379 36.38 -3.26 10.78
C GLU B 379 35.85 -2.20 9.82
N ALA B 380 35.59 -0.99 10.34
CA ALA B 380 35.09 0.16 9.57
C ALA B 380 36.15 0.55 8.53
N PHE B 381 37.39 0.65 8.98
CA PHE B 381 38.52 1.00 8.10
C PHE B 381 38.58 -0.01 6.96
N ALA B 382 38.44 -1.30 7.27
CA ALA B 382 38.56 -2.40 6.28
C ALA B 382 37.47 -2.24 5.21
N GLN B 383 36.25 -1.84 5.61
CA GLN B 383 35.12 -1.66 4.65
C GLN B 383 35.34 -0.42 3.79
N ALA B 384 35.81 0.70 4.36
CA ALA B 384 36.10 1.93 3.59
C ALA B 384 37.20 1.63 2.56
N LYS B 385 38.20 0.86 2.98
CA LYS B 385 39.38 0.46 2.17
C LYS B 385 38.92 -0.36 0.96
N SER B 386 38.07 -1.37 1.13
CA SER B 386 37.68 -2.26 0.01
C SER B 386 36.82 -1.49 -1.02
N GLN B 387 36.01 -0.53 -0.55
CA GLN B 387 35.12 0.32 -1.40
C GLN B 387 35.98 1.24 -2.30
N LEU B 388 37.01 1.88 -1.74
CA LEU B 388 37.96 2.76 -2.45
C LEU B 388 38.81 1.94 -3.43
N GLU B 389 39.45 0.87 -2.96
CA GLU B 389 40.17 -0.08 -3.83
C GLU B 389 39.28 -0.51 -5.00
N THR B 390 38.05 -0.96 -4.74
CA THR B 390 37.15 -1.43 -5.81
C THR B 390 36.86 -0.28 -6.78
N MET B 391 36.59 0.92 -6.26
CA MET B 391 36.19 2.12 -7.06
C MET B 391 37.35 2.58 -7.96
N VAL B 392 38.55 2.80 -7.40
CA VAL B 392 39.72 3.25 -8.20
C VAL B 392 40.03 2.16 -9.23
N HIS B 393 40.04 0.88 -8.86
CA HIS B 393 40.35 -0.24 -9.79
C HIS B 393 39.34 -0.27 -10.94
N ARG B 394 38.04 -0.09 -10.67
CA ARG B 394 37.00 -0.16 -11.75
C ARG B 394 37.24 0.89 -12.85
N ASP B 395 37.63 2.09 -12.45
CA ASP B 395 37.47 3.34 -13.26
C ASP B 395 38.84 3.95 -13.58
N LYS B 396 39.94 3.29 -13.22
CA LYS B 396 41.33 3.84 -13.36
C LYS B 396 41.71 3.99 -14.85
N ASN B 397 40.94 3.43 -15.79
CA ASN B 397 41.22 3.63 -17.25
C ASN B 397 40.24 4.65 -17.84
N ARG B 398 39.50 5.38 -17.01
CA ARG B 398 38.46 6.34 -17.49
C ARG B 398 39.05 7.76 -17.58
N ALA B 399 39.26 8.27 -18.80
CA ALA B 399 39.65 9.67 -19.07
C ALA B 399 38.72 10.66 -18.32
N SER B 400 37.41 10.39 -18.25
CA SER B 400 36.41 11.34 -17.67
C SER B 400 36.74 11.66 -16.19
N VAL B 401 37.21 10.68 -15.42
CA VAL B 401 37.42 10.83 -13.95
C VAL B 401 38.76 11.53 -13.70
N ILE B 402 38.75 12.67 -13.02
CA ILE B 402 39.98 13.43 -12.68
C ILE B 402 40.10 13.61 -11.17
N VAL B 403 39.10 13.21 -10.39
CA VAL B 403 39.15 13.32 -8.90
C VAL B 403 38.63 12.05 -8.23
N TRP B 404 39.39 11.49 -7.29
CA TRP B 404 38.91 10.50 -6.29
C TRP B 404 38.74 11.24 -4.97
N SER B 405 37.50 11.30 -4.48
CA SER B 405 37.17 11.89 -3.15
C SER B 405 37.08 10.80 -2.08
N VAL B 406 37.72 11.06 -0.96
CA VAL B 406 38.00 10.00 0.04
C VAL B 406 37.06 10.19 1.23
N ALA B 407 36.46 11.39 1.35
CA ALA B 407 35.62 11.75 2.50
C ALA B 407 34.78 13.00 2.23
N ASN B 408 33.63 13.09 2.89
CA ASN B 408 32.73 14.26 2.81
C ASN B 408 32.32 14.61 4.23
N GLU B 409 32.62 15.82 4.71
CA GLU B 409 32.21 16.30 6.06
C GLU B 409 32.61 15.32 7.16
N THR B 410 33.86 15.34 7.57
CA THR B 410 34.41 14.41 8.59
C THR B 410 34.93 15.20 9.78
N PRO B 411 34.79 14.71 11.04
CA PRO B 411 35.23 15.45 12.22
C PRO B 411 36.75 15.62 12.25
N ASP B 412 37.24 16.73 12.82
CA ASP B 412 38.69 17.05 12.93
C ASP B 412 39.27 16.40 14.19
N THR B 413 39.38 15.05 14.18
CA THR B 413 40.04 14.20 15.22
C THR B 413 41.37 13.62 14.68
N GLU B 414 42.29 13.23 15.57
CA GLU B 414 43.55 12.50 15.22
C GLU B 414 43.17 11.19 14.54
N SER B 415 42.30 10.40 15.20
CA SER B 415 41.63 9.19 14.64
C SER B 415 41.28 9.44 13.16
N ARG B 416 40.53 10.52 12.87
CA ARG B 416 40.05 10.87 11.51
C ARG B 416 41.23 11.22 10.58
N LEU B 417 42.15 12.07 11.00
CA LEU B 417 43.26 12.53 10.10
C LEU B 417 44.02 11.33 9.52
N GLU B 418 44.32 10.33 10.36
CA GLU B 418 45.14 9.14 10.02
C GLU B 418 44.35 8.28 9.03
N PHE B 419 43.07 8.03 9.32
CA PHE B 419 42.08 7.34 8.44
C PHE B 419 42.15 7.89 7.01
N LEU B 420 42.13 9.22 6.86
CA LEU B 420 42.05 9.89 5.53
C LEU B 420 43.41 9.83 4.85
N ARG B 421 44.49 9.92 5.63
CA ARG B 421 45.88 9.82 5.10
C ARG B 421 46.15 8.39 4.65
N GLN B 422 45.64 7.40 5.38
CA GLN B 422 45.78 5.96 4.99
C GLN B 422 45.01 5.72 3.69
N LEU B 423 43.80 6.26 3.57
CA LEU B 423 42.96 6.08 2.36
C LEU B 423 43.67 6.73 1.17
N LYS B 424 44.23 7.93 1.37
CA LYS B 424 45.01 8.62 0.32
C LYS B 424 46.03 7.65 -0.25
N LYS B 425 46.87 7.07 0.61
CA LYS B 425 47.98 6.15 0.22
C LYS B 425 47.41 4.93 -0.52
N ILE B 426 46.23 4.42 -0.14
CA ILE B 426 45.62 3.23 -0.82
C ILE B 426 45.24 3.63 -2.25
N ALA B 427 44.69 4.84 -2.43
CA ALA B 427 44.28 5.35 -3.74
C ALA B 427 45.53 5.56 -4.59
N ILE B 428 46.51 6.29 -4.07
CA ILE B 428 47.77 6.66 -4.80
C ILE B 428 48.50 5.38 -5.25
N ASP B 429 48.65 4.39 -4.39
CA ASP B 429 49.44 3.17 -4.69
C ASP B 429 48.77 2.35 -5.81
N ILE B 430 47.46 2.48 -6.01
CA ILE B 430 46.77 1.84 -7.18
C ILE B 430 46.85 2.75 -8.41
N ASP B 431 46.53 4.04 -8.26
CA ASP B 431 46.45 5.03 -9.37
C ASP B 431 47.00 6.36 -8.85
N ASN B 432 47.96 6.94 -9.56
CA ASN B 432 48.59 8.22 -9.14
C ASN B 432 48.29 9.28 -10.19
N THR B 433 47.47 8.97 -11.20
CA THR B 433 47.21 9.88 -12.34
C THR B 433 46.26 11.02 -11.95
N ARG B 434 45.40 10.84 -10.94
CA ARG B 434 44.25 11.77 -10.70
C ARG B 434 44.45 12.57 -9.40
N PHE B 435 43.62 13.60 -9.21
CA PHE B 435 43.59 14.40 -7.95
C PHE B 435 43.02 13.55 -6.82
N ILE B 436 43.60 13.68 -5.63
CA ILE B 436 43.00 13.19 -4.36
C ILE B 436 42.35 14.39 -3.67
N SER B 437 41.07 14.30 -3.38
CA SER B 437 40.36 15.33 -2.60
C SER B 437 39.56 14.68 -1.48
N ALA B 438 39.00 15.57 -0.68
CA ALA B 438 37.95 15.34 0.32
C ALA B 438 37.16 16.66 0.41
N ALA B 439 35.84 16.58 0.30
CA ALA B 439 34.91 17.70 0.62
C ALA B 439 35.04 18.03 2.11
N LEU B 440 35.63 19.21 2.40
CA LEU B 440 35.87 19.77 3.76
C LEU B 440 34.82 20.83 4.14
N GLU B 441 35.05 21.43 5.31
CA GLU B 441 34.19 22.49 5.92
C GLU B 441 35.08 23.64 6.39
N ARG B 442 34.48 24.82 6.55
CA ARG B 442 35.19 26.10 6.83
C ARG B 442 35.28 26.35 8.35
N ASN B 443 35.62 27.59 8.76
CA ASN B 443 35.82 28.00 10.17
C ASN B 443 35.71 29.53 10.29
N GLU B 444 34.90 30.02 11.24
CA GLU B 444 34.48 31.45 11.37
C GLU B 444 34.71 31.95 12.82
N ASP B 449 32.85 37.02 10.32
CA ASP B 449 33.55 38.03 9.46
C ASP B 449 34.17 37.29 8.26
N VAL B 450 35.28 36.57 8.49
CA VAL B 450 36.18 35.99 7.44
C VAL B 450 36.27 34.46 7.60
N VAL B 451 36.58 33.77 6.49
CA VAL B 451 36.44 32.30 6.33
C VAL B 451 37.82 31.72 6.05
N LYS B 452 38.21 30.73 6.85
CA LYS B 452 39.48 29.98 6.73
C LYS B 452 39.15 28.47 6.62
N ILE B 453 40.11 27.68 6.13
CA ILE B 453 40.11 26.19 6.28
C ILE B 453 41.44 25.82 6.93
N PRO B 454 41.47 25.69 8.28
CA PRO B 454 42.69 25.27 8.98
C PRO B 454 42.89 23.74 8.97
N ASP B 455 41.92 23.00 8.41
CA ASP B 455 41.94 21.51 8.31
C ASP B 455 43.36 21.07 7.95
N PRO B 456 44.01 20.22 8.79
CA PRO B 456 45.35 19.73 8.49
C PRO B 456 45.40 18.88 7.20
N PHE B 457 44.33 18.13 6.90
CA PHE B 457 44.20 17.28 5.70
C PHE B 457 44.18 18.16 4.42
N ALA B 458 43.98 19.47 4.55
CA ALA B 458 44.06 20.41 3.41
C ALA B 458 45.48 20.45 2.86
N GLU B 459 46.49 20.10 3.67
CA GLU B 459 47.89 20.00 3.19
C GLU B 459 47.99 18.87 2.16
N ASP B 460 47.10 17.86 2.26
CA ASP B 460 47.25 16.53 1.60
C ASP B 460 46.42 16.43 0.30
N VAL B 461 45.63 17.45 -0.06
CA VAL B 461 44.72 17.43 -1.25
C VAL B 461 45.36 18.22 -2.40
N ASP B 462 45.22 17.73 -3.63
CA ASP B 462 45.77 18.38 -4.85
C ASP B 462 44.86 19.56 -5.21
N MET B 463 43.55 19.42 -4.96
CA MET B 463 42.50 20.47 -5.16
C MET B 463 41.79 20.73 -3.83
N LEU B 464 41.82 21.97 -3.36
CA LEU B 464 41.21 22.38 -2.08
C LEU B 464 39.69 22.51 -2.25
N ALA B 465 38.93 21.54 -1.72
CA ALA B 465 37.47 21.38 -1.88
C ALA B 465 36.77 21.74 -0.56
N CYS B 466 35.77 22.62 -0.63
CA CYS B 466 34.97 23.01 0.57
C CYS B 466 33.48 23.00 0.27
N ASN B 467 32.71 22.54 1.26
CA ASN B 467 31.23 22.66 1.34
C ASN B 467 30.94 23.94 2.13
N GLU B 468 29.86 24.65 1.82
CA GLU B 468 29.45 25.87 2.56
C GLU B 468 28.05 26.32 2.14
N TYR B 469 27.24 26.69 3.12
CA TYR B 469 25.79 26.97 2.93
C TYR B 469 25.50 28.34 3.54
N ILE B 470 26.34 29.30 3.22
CA ILE B 470 26.23 30.69 3.76
C ILE B 470 24.84 31.22 3.44
N GLY B 471 24.30 31.04 2.26
CA GLY B 471 22.97 31.66 2.09
C GLY B 471 21.83 30.93 2.81
N TRP B 472 22.08 29.78 3.46
CA TRP B 472 21.00 28.78 3.72
C TRP B 472 20.99 28.31 5.18
N TYR B 473 22.08 27.71 5.65
CA TYR B 473 22.21 27.17 7.03
C TYR B 473 22.86 28.22 7.94
N SER B 474 23.71 29.07 7.35
CA SER B 474 24.47 30.11 8.08
C SER B 474 24.12 31.48 7.51
N GLY B 475 23.27 32.25 8.19
CA GLY B 475 22.84 33.57 7.73
C GLY B 475 21.93 33.49 6.53
N LEU B 476 21.37 34.61 6.12
CA LEU B 476 20.49 34.75 4.94
C LEU B 476 21.37 35.19 3.79
N PRO B 477 20.87 35.22 2.54
CA PRO B 477 21.75 35.46 1.38
C PRO B 477 22.57 36.76 1.40
N GLU B 478 22.16 37.80 2.13
CA GLU B 478 22.93 39.09 2.16
C GLU B 478 24.30 38.87 2.82
N LYS B 479 24.47 37.80 3.61
CA LYS B 479 25.76 37.50 4.30
C LYS B 479 26.86 37.16 3.29
N CYS B 480 26.49 36.63 2.11
CA CYS B 480 27.45 36.21 1.05
C CYS B 480 28.35 37.39 0.63
N ASP B 481 27.79 38.59 0.44
CA ASP B 481 28.56 39.79 0.02
C ASP B 481 29.43 40.36 1.15
N LYS B 482 29.10 40.09 2.42
CA LYS B 482 29.80 40.65 3.62
C LYS B 482 31.09 39.88 3.88
N VAL B 483 31.20 38.71 3.27
CA VAL B 483 32.16 37.63 3.65
C VAL B 483 33.44 37.77 2.80
N THR B 484 34.59 37.57 3.42
CA THR B 484 35.92 37.55 2.76
C THR B 484 36.57 36.18 3.07
N TRP B 485 36.94 35.43 2.02
CA TRP B 485 37.61 34.10 2.09
C TRP B 485 39.12 34.32 2.16
N GLN B 486 39.82 33.55 3.00
CA GLN B 486 41.30 33.61 3.18
C GLN B 486 41.89 32.25 2.80
N LEU B 487 42.58 32.17 1.65
CA LEU B 487 42.92 30.88 0.99
C LEU B 487 44.37 30.82 0.52
N PRO B 488 45.04 29.64 0.59
CA PRO B 488 46.36 29.47 -0.04
C PRO B 488 46.34 29.88 -1.53
N GLU B 489 47.35 30.67 -1.95
CA GLU B 489 47.42 31.33 -3.29
C GLU B 489 47.94 30.35 -4.36
N ASP B 490 48.44 29.18 -3.94
CA ASP B 490 49.27 28.24 -4.75
C ASP B 490 48.52 26.93 -5.06
N LYS B 491 47.20 26.91 -4.87
CA LYS B 491 46.38 25.69 -4.99
C LYS B 491 44.99 26.06 -5.51
N PRO B 492 44.48 25.32 -6.53
CA PRO B 492 43.12 25.51 -7.01
C PRO B 492 42.15 25.45 -5.82
N PHE B 493 41.17 26.35 -5.82
CA PHE B 493 40.00 26.31 -4.91
C PHE B 493 38.77 25.79 -5.66
N PHE B 494 38.00 24.95 -4.98
CA PHE B 494 36.81 24.25 -5.53
C PHE B 494 35.72 24.19 -4.44
N VAL B 495 34.49 24.59 -4.77
CA VAL B 495 33.29 24.50 -3.86
C VAL B 495 32.53 23.20 -4.18
N SER B 496 32.77 22.17 -3.36
CA SER B 496 32.20 20.81 -3.57
C SER B 496 30.69 20.82 -3.24
N GLU B 497 30.22 21.83 -2.49
CA GLU B 497 28.77 22.06 -2.21
C GLU B 497 28.50 23.50 -1.74
N PHE B 498 27.48 24.12 -2.34
CA PHE B 498 26.62 25.21 -1.78
C PHE B 498 25.24 25.02 -2.40
N GLY B 499 24.20 25.62 -1.81
CA GLY B 499 22.87 25.68 -2.44
C GLY B 499 21.78 25.93 -1.42
N GLY B 500 20.52 25.80 -1.85
CA GLY B 500 19.34 26.09 -0.99
C GLY B 500 18.14 25.28 -1.42
N GLY B 501 17.27 24.95 -0.46
CA GLY B 501 16.03 24.19 -0.69
C GLY B 501 14.96 25.08 -1.30
N ALA B 502 14.20 24.56 -2.26
CA ALA B 502 13.01 25.24 -2.81
C ALA B 502 12.05 24.18 -3.34
N LEU B 503 10.79 24.27 -2.96
CA LEU B 503 9.68 23.51 -3.57
C LEU B 503 9.34 24.12 -4.93
N TYR B 504 9.47 23.35 -6.01
CA TYR B 504 9.10 23.75 -7.38
C TYR B 504 7.67 24.35 -7.40
N ASN B 505 7.57 25.54 -8.00
CA ASN B 505 6.32 26.27 -8.25
C ASN B 505 5.71 26.76 -6.93
N HIS B 506 6.48 26.72 -5.84
CA HIS B 506 6.20 27.50 -4.62
C HIS B 506 6.83 28.88 -4.80
N HIS B 507 6.04 29.90 -5.11
CA HIS B 507 6.59 31.24 -5.46
C HIS B 507 6.32 32.23 -4.36
N GLY B 508 7.19 33.24 -4.25
CA GLY B 508 6.89 34.44 -3.47
C GLY B 508 8.02 35.45 -3.55
N ASP B 509 8.11 36.26 -2.51
CA ASP B 509 9.18 37.26 -2.29
C ASP B 509 10.50 36.51 -2.02
N LYS B 510 11.64 37.11 -2.37
CA LYS B 510 12.98 36.44 -2.32
C LYS B 510 13.41 36.12 -0.88
N LEU B 511 12.75 36.71 0.12
CA LEU B 511 13.06 36.42 1.54
C LEU B 511 12.14 35.34 2.07
N THR B 512 11.16 34.86 1.30
CA THR B 512 10.24 33.76 1.74
C THR B 512 10.94 32.43 1.52
N ARG B 513 11.41 31.78 2.59
CA ARG B 513 12.22 30.55 2.48
C ARG B 513 11.40 29.43 1.84
N TRP B 514 12.05 28.67 0.96
CA TRP B 514 11.54 27.48 0.23
C TRP B 514 10.91 27.90 -1.10
N THR B 515 10.70 29.21 -1.31
CA THR B 515 10.24 29.71 -2.64
C THR B 515 11.40 29.59 -3.61
N GLU B 516 11.07 29.46 -4.89
CA GLU B 516 12.02 29.50 -6.03
C GLU B 516 12.81 30.81 -5.99
N GLU B 517 12.18 31.90 -5.53
CA GLU B 517 12.74 33.29 -5.56
C GLU B 517 13.85 33.39 -4.51
N TYR B 518 13.71 32.70 -3.37
CA TYR B 518 14.75 32.69 -2.32
C TYR B 518 15.96 31.93 -2.87
N GLN B 519 15.73 30.76 -3.47
CA GLN B 519 16.84 29.95 -4.03
C GLN B 519 17.53 30.75 -5.13
N GLU B 520 16.77 31.42 -6.00
CA GLU B 520 17.29 32.29 -7.09
C GLU B 520 18.18 33.39 -6.50
N TYR B 521 17.70 34.06 -5.45
CA TYR B 521 18.44 35.14 -4.76
C TYR B 521 19.74 34.55 -4.21
N LEU B 522 19.65 33.41 -3.51
CA LEU B 522 20.80 32.75 -2.83
C LEU B 522 21.88 32.49 -3.88
N TYR B 523 21.52 31.95 -5.05
CA TYR B 523 22.51 31.52 -6.08
C TYR B 523 23.20 32.78 -6.63
N GLN B 524 22.41 33.85 -6.80
CA GLN B 524 22.91 35.15 -7.29
C GLN B 524 24.02 35.60 -6.34
N GLU B 525 23.73 35.70 -5.04
CA GLU B 525 24.68 36.26 -4.04
C GLU B 525 25.90 35.34 -3.88
N GLN B 526 25.64 34.03 -3.88
CA GLN B 526 26.65 32.97 -3.74
C GLN B 526 27.66 33.08 -4.90
N ILE B 527 27.17 33.29 -6.12
CA ILE B 527 28.06 33.41 -7.30
C ILE B 527 28.86 34.71 -7.17
N LYS B 528 28.25 35.81 -6.70
CA LYS B 528 28.98 37.11 -6.51
C LYS B 528 30.09 36.92 -5.48
N MET B 529 29.83 36.24 -4.38
CA MET B 529 30.83 36.02 -3.31
C MET B 529 32.03 35.20 -3.83
N LEU B 530 31.79 34.16 -4.64
CA LEU B 530 32.84 33.20 -5.08
C LEU B 530 33.68 33.84 -6.20
N LYS B 531 33.07 34.74 -6.97
CA LYS B 531 33.74 35.48 -8.08
C LYS B 531 34.86 36.37 -7.53
N LYS B 532 34.87 36.65 -6.21
CA LYS B 532 35.93 37.49 -5.57
C LYS B 532 37.18 36.68 -5.25
N ILE B 533 37.13 35.35 -5.32
CA ILE B 533 38.26 34.46 -4.91
C ILE B 533 39.13 34.20 -6.14
N PRO B 534 40.34 34.79 -6.20
CA PRO B 534 41.20 34.61 -7.38
C PRO B 534 41.52 33.13 -7.67
N THR B 535 41.68 32.27 -6.65
CA THR B 535 42.07 30.84 -6.84
C THR B 535 40.87 29.93 -7.08
N LEU B 536 39.67 30.48 -7.29
CA LEU B 536 38.47 29.64 -7.60
C LEU B 536 38.66 29.02 -8.98
N ARG B 537 38.36 27.73 -9.12
CA ARG B 537 38.53 26.99 -10.39
C ARG B 537 37.39 26.02 -10.68
N GLY B 538 36.42 25.88 -9.78
CA GLY B 538 35.26 25.05 -10.09
C GLY B 538 34.28 24.97 -8.94
N MET B 539 33.10 24.42 -9.22
CA MET B 539 32.02 24.24 -8.21
C MET B 539 31.06 23.12 -8.66
N THR B 540 30.50 22.42 -7.69
CA THR B 540 29.47 21.38 -7.88
C THR B 540 28.36 21.68 -6.88
N PRO B 541 27.54 22.72 -7.14
CA PRO B 541 26.45 23.10 -6.26
C PRO B 541 25.55 21.90 -5.95
N TRP B 542 24.95 21.95 -4.76
CA TRP B 542 24.09 20.86 -4.22
C TRP B 542 22.64 21.31 -4.41
N ILE B 543 21.94 20.79 -5.43
CA ILE B 543 22.31 19.64 -6.24
C ILE B 543 21.59 19.82 -7.58
N LEU B 544 21.83 18.97 -8.57
CA LEU B 544 21.11 19.05 -9.87
C LEU B 544 19.62 18.78 -9.68
N VAL B 545 19.26 17.76 -8.89
CA VAL B 545 17.83 17.37 -8.82
C VAL B 545 17.45 16.89 -7.43
N ASP B 546 16.27 17.31 -6.99
CA ASP B 546 15.67 16.84 -5.73
C ASP B 546 15.88 15.33 -5.57
N PHE B 547 16.15 14.87 -4.36
CA PHE B 547 16.43 13.44 -4.09
C PHE B 547 15.83 13.06 -2.74
N ARG B 548 15.50 11.79 -2.60
CA ARG B 548 14.90 11.28 -1.35
C ARG B 548 15.92 11.30 -0.20
N SER B 549 15.49 11.80 0.97
CA SER B 549 16.22 11.64 2.26
C SER B 549 15.22 11.61 3.41
N PRO B 550 15.38 10.66 4.36
CA PRO B 550 14.47 10.56 5.50
C PRO B 550 14.81 11.56 6.60
N ARG B 551 15.77 12.47 6.37
CA ARG B 551 16.12 13.56 7.32
C ARG B 551 15.28 14.80 6.99
N ARG B 552 14.53 14.78 5.90
CA ARG B 552 13.80 15.95 5.36
C ARG B 552 12.28 15.76 5.53
N ASN B 553 11.75 16.07 6.71
CA ASN B 553 10.38 15.67 7.11
C ASN B 553 9.43 16.88 7.22
N LEU B 554 9.74 18.03 6.64
CA LEU B 554 8.78 19.15 6.55
C LEU B 554 7.65 18.74 5.61
N PRO B 555 6.41 18.55 6.12
CA PRO B 555 5.27 18.34 5.24
C PRO B 555 5.10 19.47 4.19
N ILE B 556 4.51 19.14 3.03
CA ILE B 556 4.13 20.11 1.95
C ILE B 556 5.42 20.54 1.22
N ILE B 557 6.45 20.99 1.95
CA ILE B 557 7.73 21.44 1.33
C ILE B 557 8.57 20.22 0.95
N GLN B 558 8.91 19.38 1.92
CA GLN B 558 9.92 18.30 1.75
C GLN B 558 9.24 16.96 1.51
N ASP B 559 8.38 16.50 2.43
CA ASP B 559 7.70 15.17 2.32
C ASP B 559 8.74 14.09 1.96
N GLY B 560 9.96 14.17 2.51
CA GLY B 560 11.00 13.14 2.36
C GLY B 560 11.94 13.40 1.18
N TRP B 561 11.81 14.57 0.53
CA TRP B 561 12.77 15.05 -0.50
C TRP B 561 13.69 16.12 0.10
N ASN B 562 14.99 15.96 -0.14
CA ASN B 562 15.96 17.08 -0.17
C ASN B 562 15.54 17.95 -1.36
N ARG B 563 15.26 19.23 -1.14
CA ARG B 563 14.67 20.13 -2.17
C ARG B 563 15.73 21.10 -2.74
N LYS B 564 17.01 20.85 -2.55
CA LYS B 564 18.08 21.76 -3.05
C LYS B 564 18.38 21.53 -4.54
N GLY B 565 17.62 20.68 -5.24
CA GLY B 565 17.70 20.53 -6.70
C GLY B 565 17.55 21.88 -7.41
N LEU B 566 18.22 22.04 -8.54
CA LEU B 566 17.87 23.08 -9.54
C LEU B 566 16.69 22.57 -10.35
N ILE B 567 16.43 21.25 -10.31
CA ILE B 567 15.33 20.58 -11.05
C ILE B 567 14.45 19.83 -10.03
N SER B 568 13.14 19.85 -10.25
CA SER B 568 12.13 19.29 -9.31
C SER B 568 12.13 17.76 -9.43
N ASP B 569 11.44 17.09 -8.52
CA ASP B 569 11.29 15.61 -8.50
C ASP B 569 10.54 15.17 -9.77
N GLY B 570 9.68 16.05 -10.31
CA GLY B 570 8.93 15.80 -11.55
C GLY B 570 9.79 16.03 -12.80
N GLY B 571 10.90 16.76 -12.67
CA GLY B 571 11.86 16.99 -13.77
C GLY B 571 11.73 18.38 -14.35
N PHE B 572 11.30 19.35 -13.54
CA PHE B 572 10.99 20.73 -13.97
C PHE B 572 12.07 21.67 -13.41
N LYS B 573 12.60 22.53 -14.29
CA LYS B 573 13.66 23.51 -13.93
C LYS B 573 13.08 24.63 -13.06
N LYS B 574 13.75 24.92 -11.94
CA LYS B 574 13.44 26.03 -11.04
C LYS B 574 14.23 27.27 -11.51
N LYS B 575 13.85 28.45 -11.04
CA LYS B 575 14.49 29.72 -11.49
C LYS B 575 16.02 29.69 -11.29
N ALA B 576 16.53 29.06 -10.22
CA ALA B 576 17.99 29.06 -9.91
C ALA B 576 18.80 28.37 -11.01
N PHE B 577 18.20 27.47 -11.78
CA PHE B 577 18.91 26.76 -12.88
C PHE B 577 19.48 27.81 -13.84
N HIS B 578 18.68 28.81 -14.17
CA HIS B 578 19.03 29.88 -15.16
C HIS B 578 20.11 30.82 -14.61
N VAL B 579 20.15 31.04 -13.30
CA VAL B 579 21.21 31.85 -12.65
C VAL B 579 22.56 31.15 -12.87
N LEU B 580 22.66 29.87 -12.49
CA LEU B 580 23.93 29.09 -12.61
C LEU B 580 24.31 28.93 -14.08
N LYS B 581 23.35 28.63 -14.95
CA LYS B 581 23.62 28.41 -16.41
C LYS B 581 24.29 29.66 -16.98
N ALA B 582 23.72 30.84 -16.73
CA ALA B 582 24.21 32.14 -17.21
C ALA B 582 25.66 32.34 -16.75
N TYR B 583 25.96 32.16 -15.46
CA TYR B 583 27.35 32.20 -14.94
C TYR B 583 28.23 31.19 -15.71
N TYR B 584 27.72 29.98 -15.99
CA TYR B 584 28.54 28.92 -16.66
C TYR B 584 28.80 29.32 -18.11
N ASP B 585 27.81 29.89 -18.81
CA ASP B 585 27.96 30.46 -20.18
C ASP B 585 29.09 31.50 -20.18
N GLU B 586 29.17 32.29 -19.12
CA GLU B 586 30.19 33.36 -18.94
C GLU B 586 31.56 32.68 -18.75
N MET B 587 31.64 31.64 -17.91
CA MET B 587 32.92 30.96 -17.61
C MET B 587 33.40 30.17 -18.84
N GLU B 588 32.48 29.57 -19.60
CA GLU B 588 32.80 28.88 -20.86
C GLU B 588 33.53 29.89 -21.77
N LYS B 589 32.90 31.03 -22.04
CA LYS B 589 33.45 32.16 -22.83
C LYS B 589 34.85 32.55 -22.32
N LYS B 590 35.06 32.68 -21.00
CA LYS B 590 36.34 33.19 -20.45
C LYS B 590 37.47 32.17 -20.67
N TYR B 591 37.28 30.90 -20.29
CA TYR B 591 38.32 29.83 -20.40
C TYR B 591 38.26 29.14 -21.78
N ASN B 592 37.63 29.75 -22.79
CA ASN B 592 37.54 29.19 -24.17
C ASN B 592 38.96 29.03 -24.72
N TYR B 593 39.32 27.85 -25.22
CA TYR B 593 40.70 27.54 -25.67
C TYR B 593 40.71 26.77 -27.00
N GLN B 594 41.87 26.78 -27.67
CA GLN B 594 42.13 26.12 -28.97
C GLN B 594 42.91 24.81 -28.73
N ILE B 595 42.39 23.71 -29.28
CA ILE B 595 42.96 22.32 -29.17
C ILE B 595 44.09 22.18 -30.20
N LYS B 596 45.25 21.65 -29.76
CA LYS B 596 46.55 21.57 -30.49
C LYS B 596 46.38 22.03 -31.95
N THR C 2 -14.14 26.05 -27.40
CA THR C 2 -12.99 26.99 -27.57
C THR C 2 -11.94 26.36 -28.47
N PRO C 3 -11.73 26.89 -29.70
CA PRO C 3 -10.70 26.37 -30.61
C PRO C 3 -9.33 26.20 -29.94
N LEU C 4 -8.56 25.17 -30.36
CA LEU C 4 -7.21 24.86 -29.83
C LEU C 4 -6.18 25.88 -30.34
N LEU C 5 -5.44 26.52 -29.43
CA LEU C 5 -4.34 27.45 -29.80
C LEU C 5 -3.19 26.65 -30.41
N GLN C 6 -2.93 26.85 -31.70
CA GLN C 6 -1.78 26.26 -32.44
C GLN C 6 -0.49 26.74 -31.79
N ASN C 7 0.44 25.81 -31.56
CA ASN C 7 1.87 26.07 -31.27
C ASN C 7 2.02 26.82 -29.93
N VAL C 8 1.14 26.51 -28.98
CA VAL C 8 1.35 26.73 -27.51
C VAL C 8 2.71 26.17 -27.10
N TYR C 9 3.17 25.07 -27.72
CA TYR C 9 4.50 24.45 -27.49
C TYR C 9 5.61 25.50 -27.48
N ASN C 10 5.51 26.53 -28.34
CA ASN C 10 6.51 27.63 -28.47
C ASN C 10 6.00 28.95 -27.88
N ARG C 11 4.89 28.97 -27.15
CA ARG C 11 4.41 30.22 -26.49
C ARG C 11 4.99 30.27 -25.06
N GLU C 12 5.36 31.46 -24.59
CA GLU C 12 5.78 31.69 -23.19
C GLU C 12 4.59 31.27 -22.31
N SER C 13 4.82 30.42 -21.30
CA SER C 13 3.72 29.93 -20.42
C SER C 13 4.14 29.97 -18.96
N THR C 14 3.15 30.02 -18.10
CA THR C 14 3.30 29.82 -16.64
C THR C 14 2.78 28.42 -16.34
N LEU C 15 3.70 27.47 -16.16
CA LEU C 15 3.40 26.07 -15.77
C LEU C 15 2.70 26.10 -14.40
N LEU C 16 1.66 25.30 -14.26
CA LEU C 16 0.95 25.05 -12.96
C LEU C 16 1.35 23.69 -12.38
N ASN C 17 2.30 22.99 -13.00
CA ASN C 17 2.77 21.67 -12.51
C ASN C 17 3.33 21.83 -11.09
N GLY C 18 3.06 20.83 -10.23
CA GLY C 18 3.65 20.68 -8.89
C GLY C 18 2.80 19.73 -8.06
N ASN C 19 2.62 20.05 -6.78
CA ASN C 19 1.76 19.25 -5.87
C ASN C 19 0.42 19.96 -5.75
N TRP C 20 -0.66 19.25 -6.02
CA TRP C 20 -2.05 19.76 -5.89
C TRP C 20 -2.75 19.02 -4.75
N LYS C 21 -3.84 19.61 -4.26
CA LYS C 21 -4.75 19.01 -3.25
C LYS C 21 -5.71 18.11 -3.99
N TYR C 22 -6.15 17.02 -3.39
CA TYR C 22 -7.10 16.12 -4.07
C TYR C 22 -8.02 15.43 -3.06
N VAL C 23 -9.18 15.04 -3.57
CA VAL C 23 -10.19 14.21 -2.88
C VAL C 23 -10.64 13.12 -3.86
N ILE C 24 -10.58 11.85 -3.46
CA ILE C 24 -11.21 10.74 -4.24
C ILE C 24 -12.74 10.84 -4.03
N ASP C 25 -13.56 10.79 -5.08
CA ASP C 25 -15.01 11.05 -4.95
C ASP C 25 -15.84 10.08 -5.80
N PRO C 26 -15.83 8.77 -5.47
CA PRO C 26 -16.49 7.78 -6.31
C PRO C 26 -18.00 8.01 -6.55
N TYR C 27 -18.72 8.53 -5.55
CA TYR C 27 -20.20 8.67 -5.60
C TYR C 27 -20.57 10.05 -6.15
N GLU C 28 -19.56 10.85 -6.46
CA GLU C 28 -19.71 12.17 -7.11
C GLU C 28 -20.51 13.07 -6.18
N THR C 29 -20.23 12.97 -4.88
CA THR C 29 -20.79 13.81 -3.80
C THR C 29 -20.48 15.30 -4.02
N GLY C 30 -19.35 15.62 -4.66
CA GLY C 30 -18.93 17.03 -4.82
C GLY C 30 -19.47 17.67 -6.09
N TYR C 31 -20.15 16.89 -6.95
CA TYR C 31 -20.47 17.19 -8.36
C TYR C 31 -21.99 17.07 -8.63
N ARG C 32 -22.60 15.98 -8.16
CA ARG C 32 -24.06 15.69 -8.32
C ARG C 32 -24.77 15.74 -6.96
N ASN C 33 -25.93 16.40 -6.97
CA ASN C 33 -27.01 16.18 -5.98
C ASN C 33 -27.21 14.68 -5.78
N HIS C 34 -27.07 14.20 -4.54
CA HIS C 34 -27.14 12.76 -4.18
C HIS C 34 -28.57 12.20 -4.31
N ARG C 35 -29.60 13.07 -4.28
CA ARG C 35 -31.03 12.64 -4.33
C ARG C 35 -31.44 12.36 -5.78
N ASN C 36 -31.12 13.27 -6.71
CA ASN C 36 -31.65 13.18 -8.11
C ASN C 36 -30.55 13.01 -9.17
N TRP C 37 -29.26 12.93 -8.79
CA TRP C 37 -28.08 12.66 -9.67
C TRP C 37 -27.78 13.81 -10.66
N ILE C 38 -28.44 14.95 -10.51
CA ILE C 38 -28.27 16.13 -11.41
C ILE C 38 -26.99 16.87 -11.00
N PRO C 39 -26.07 17.15 -11.94
CA PRO C 39 -24.88 17.92 -11.60
C PRO C 39 -25.25 19.31 -11.05
N PHE C 40 -24.72 19.69 -9.89
CA PHE C 40 -24.87 21.02 -9.26
C PHE C 40 -24.66 22.14 -10.30
N ASP C 41 -23.77 21.90 -11.27
CA ASP C 41 -23.46 22.73 -12.47
C ASP C 41 -24.71 23.28 -13.17
N GLN C 42 -25.81 22.54 -13.20
CA GLN C 42 -26.94 22.77 -14.13
C GLN C 42 -28.11 23.40 -13.37
N MET C 43 -27.85 24.03 -12.22
CA MET C 43 -28.90 24.51 -11.26
C MET C 43 -28.40 25.78 -10.58
N ALA C 50 -22.93 25.98 -1.28
CA ALA C 50 -21.61 25.59 -0.71
C ALA C 50 -21.37 24.06 -0.75
N LYS C 51 -22.43 23.23 -0.91
CA LYS C 51 -22.34 21.76 -1.19
C LYS C 51 -21.38 21.48 -2.34
N PRO C 52 -21.42 22.21 -3.49
CA PRO C 52 -20.50 21.89 -4.58
C PRO C 52 -19.04 22.00 -4.14
N TYR C 53 -18.21 20.99 -4.43
CA TYR C 53 -16.76 20.98 -4.06
C TYR C 53 -16.06 22.14 -4.78
N TYR C 54 -16.53 22.47 -5.98
CA TYR C 54 -15.87 23.44 -6.89
C TYR C 54 -15.97 24.86 -6.31
N THR C 55 -16.89 25.12 -5.38
CA THR C 55 -16.99 26.44 -4.67
C THR C 55 -15.80 26.63 -3.71
N ASP C 56 -15.10 25.56 -3.34
CA ASP C 56 -13.82 25.60 -2.57
C ASP C 56 -14.01 26.55 -1.38
N LYS C 57 -15.01 26.30 -0.53
CA LYS C 57 -15.41 27.17 0.61
C LYS C 57 -14.73 26.73 1.91
N VAL C 58 -14.56 27.67 2.85
CA VAL C 58 -14.21 27.39 4.26
C VAL C 58 -15.32 27.97 5.16
N ILE C 59 -15.50 27.43 6.37
CA ILE C 59 -16.47 27.96 7.40
C ILE C 59 -16.10 29.42 7.71
N LYS C 60 -17.10 30.26 7.98
CA LYS C 60 -16.88 31.66 8.43
C LYS C 60 -17.06 31.68 9.95
N GLU C 61 -18.15 31.07 10.45
CA GLU C 61 -18.45 30.95 11.90
C GLU C 61 -18.22 29.51 12.35
N ARG C 62 -17.95 29.29 13.62
CA ARG C 62 -17.51 27.96 14.15
C ARG C 62 -18.67 26.95 14.15
N TRP C 63 -19.92 27.41 13.98
CA TRP C 63 -21.12 26.54 13.95
C TRP C 63 -21.45 26.15 12.50
N ASP C 64 -20.73 26.68 11.51
CA ASP C 64 -21.02 26.35 10.08
C ASP C 64 -20.54 24.92 9.84
N ARG C 65 -21.14 24.27 8.83
CA ARG C 65 -20.84 22.88 8.41
C ARG C 65 -20.43 22.84 6.94
N VAL C 66 -19.17 22.44 6.66
CA VAL C 66 -18.61 22.23 5.29
C VAL C 66 -17.84 20.90 5.32
N GLU C 67 -18.31 19.90 4.59
CA GLU C 67 -17.80 18.51 4.69
C GLU C 67 -16.74 18.30 3.61
N TYR C 68 -15.97 19.35 3.35
CA TYR C 68 -14.68 19.24 2.63
C TYR C 68 -13.79 20.41 3.03
N ASN C 69 -12.49 20.24 2.81
CA ASN C 69 -11.48 21.32 2.96
C ASN C 69 -10.26 21.03 2.09
N PHE C 70 -10.13 21.74 0.98
CA PHE C 70 -8.99 21.54 0.06
C PHE C 70 -7.70 21.97 0.75
N ASN C 71 -7.75 22.90 1.71
CA ASN C 71 -6.53 23.39 2.43
C ASN C 71 -5.89 22.25 3.23
N THR C 72 -6.68 21.33 3.79
CA THR C 72 -6.21 20.22 4.66
C THR C 72 -6.25 18.86 3.93
N SER C 73 -6.47 18.85 2.62
CA SER C 73 -6.66 17.59 1.88
C SER C 73 -5.29 16.99 1.56
N ALA C 74 -5.25 15.70 1.26
CA ALA C 74 -4.08 14.97 0.71
C ALA C 74 -3.54 15.66 -0.56
N GLU C 75 -2.26 15.44 -0.87
CA GLU C 75 -1.59 16.06 -2.04
C GLU C 75 -1.22 14.97 -3.04
N ILE C 76 -1.09 15.37 -4.30
CA ILE C 76 -0.77 14.47 -5.44
C ILE C 76 0.03 15.29 -6.46
N LYS C 77 0.93 14.61 -7.20
CA LYS C 77 1.79 15.20 -8.27
C LYS C 77 0.93 15.46 -9.52
N VAL C 78 1.13 16.62 -10.14
CA VAL C 78 0.54 17.04 -11.46
C VAL C 78 1.67 17.64 -12.28
N PRO C 79 1.94 17.19 -13.53
CA PRO C 79 1.19 16.12 -14.18
C PRO C 79 1.58 14.69 -13.83
N GLY C 80 0.67 13.75 -14.08
CA GLY C 80 0.90 12.30 -14.02
C GLY C 80 -0.42 11.57 -13.84
N ASP C 81 -0.50 10.32 -14.31
CA ASP C 81 -1.62 9.41 -13.97
C ASP C 81 -1.74 9.34 -12.44
N TRP C 82 -2.94 9.13 -11.90
CA TRP C 82 -3.05 8.90 -10.44
C TRP C 82 -2.66 7.47 -10.06
N ASN C 83 -2.76 6.53 -11.00
CA ASN C 83 -2.68 5.07 -10.77
C ASN C 83 -1.33 4.67 -10.16
N SER C 84 -0.26 5.31 -10.59
CA SER C 84 1.15 4.91 -10.29
C SER C 84 1.69 5.71 -9.10
N GLN C 85 0.86 6.56 -8.49
CA GLN C 85 1.29 7.47 -7.40
C GLN C 85 0.94 6.85 -6.04
N ASP C 86 0.15 5.78 -6.01
CA ASP C 86 -0.27 5.10 -4.76
C ASP C 86 -0.93 3.77 -5.13
N ARG C 87 -0.74 2.73 -4.32
CA ARG C 87 -1.31 1.37 -4.56
C ARG C 87 -2.84 1.47 -4.57
N MET C 88 -3.37 2.38 -3.74
CA MET C 88 -4.79 2.71 -3.54
C MET C 88 -5.44 3.18 -4.85
N LEU C 89 -4.67 3.83 -5.75
CA LEU C 89 -5.21 4.41 -6.99
C LEU C 89 -4.94 3.49 -8.21
N LEU C 90 -4.13 2.45 -8.06
CA LEU C 90 -3.76 1.52 -9.17
C LEU C 90 -4.99 1.15 -10.02
N TYR C 91 -6.08 0.68 -9.40
CA TYR C 91 -7.31 0.24 -10.09
C TYR C 91 -8.44 1.29 -9.98
N TYR C 92 -8.15 2.55 -9.60
CA TYR C 92 -9.26 3.51 -9.34
C TYR C 92 -9.86 3.98 -10.66
N GLU C 93 -11.15 3.73 -10.81
CA GLU C 93 -11.93 4.05 -12.02
C GLU C 93 -13.14 4.88 -11.59
N GLY C 94 -12.98 6.20 -11.54
CA GLY C 94 -14.06 7.14 -11.15
C GLY C 94 -13.61 8.58 -11.21
N SER C 95 -14.23 9.42 -10.39
CA SER C 95 -13.96 10.87 -10.34
C SER C 95 -13.03 11.22 -9.17
N LEU C 96 -12.23 12.26 -9.35
CA LEU C 96 -11.24 12.74 -8.37
C LEU C 96 -11.06 14.24 -8.56
N TRP C 97 -11.05 15.02 -7.47
CA TRP C 97 -10.92 16.50 -7.52
C TRP C 97 -9.45 16.89 -7.35
N TYR C 98 -8.91 17.63 -8.31
CA TYR C 98 -7.61 18.32 -8.18
C TYR C 98 -7.92 19.78 -7.83
N ARG C 99 -7.13 20.36 -6.92
CA ARG C 99 -7.27 21.79 -6.57
C ARG C 99 -5.88 22.37 -6.31
N THR C 100 -5.63 23.60 -6.77
CA THR C 100 -4.43 24.42 -6.44
C THR C 100 -4.83 25.89 -6.42
N LYS C 101 -3.94 26.76 -5.99
CA LYS C 101 -4.17 28.22 -5.99
C LYS C 101 -3.06 28.87 -6.81
N PHE C 102 -3.31 30.04 -7.43
CA PHE C 102 -2.31 30.77 -8.24
C PHE C 102 -2.57 32.28 -8.23
N ASP C 103 -1.49 33.03 -8.21
CA ASP C 103 -1.55 34.50 -8.34
C ASP C 103 -1.16 34.79 -9.78
N TYR C 104 -1.71 35.85 -10.38
CA TYR C 104 -1.42 36.19 -11.80
C TYR C 104 -2.10 37.52 -12.16
N THR C 105 -1.33 38.46 -12.71
CA THR C 105 -1.87 39.78 -13.08
C THR C 105 -1.81 39.93 -14.62
N ILE C 106 -2.96 39.89 -15.27
CA ILE C 106 -3.08 39.98 -16.76
C ILE C 106 -2.57 41.37 -17.20
N THR C 107 -1.72 41.45 -18.24
CA THR C 107 -1.22 42.75 -18.78
C THR C 107 -2.29 43.42 -19.66
N ASP C 108 -2.70 44.64 -19.28
CA ASP C 108 -3.53 45.55 -20.11
C ASP C 108 -4.81 44.83 -20.51
N ASN C 109 -5.09 44.66 -21.80
CA ASN C 109 -6.33 44.00 -22.28
C ASN C 109 -6.01 42.63 -22.90
N ASN C 110 -4.86 42.04 -22.55
CA ASN C 110 -4.47 40.68 -23.00
C ASN C 110 -5.50 39.66 -22.50
N ARG C 111 -5.55 38.51 -23.16
CA ARG C 111 -6.46 37.38 -22.78
C ARG C 111 -5.60 36.33 -22.07
N LEU C 112 -6.20 35.61 -21.12
CA LEU C 112 -5.53 34.53 -20.35
C LEU C 112 -6.26 33.23 -20.59
N PHE C 113 -5.51 32.23 -21.04
CA PHE C 113 -5.98 30.86 -21.28
C PHE C 113 -5.35 29.93 -20.24
N ILE C 114 -6.09 28.90 -19.84
CA ILE C 114 -5.54 27.69 -19.17
C ILE C 114 -5.50 26.60 -20.24
N TYR C 115 -4.35 25.96 -20.38
CA TYR C 115 -4.07 24.95 -21.42
C TYR C 115 -3.68 23.66 -20.75
N PHE C 116 -4.38 22.59 -21.12
CA PHE C 116 -4.21 21.22 -20.60
C PHE C 116 -3.71 20.32 -21.74
N GLY C 117 -2.50 19.77 -21.60
CA GLY C 117 -1.94 18.84 -22.60
C GLY C 117 -2.86 17.64 -22.75
N ALA C 118 -3.39 17.14 -21.63
CA ALA C 118 -4.37 16.02 -21.63
C ALA C 118 -4.84 15.67 -20.22
N ALA C 119 -6.03 15.09 -20.15
CA ALA C 119 -6.58 14.46 -18.94
C ALA C 119 -7.67 13.45 -19.34
N ASN C 120 -7.61 12.28 -18.72
CA ASN C 120 -8.47 11.11 -18.99
C ASN C 120 -9.50 10.90 -17.84
N TYR C 121 -10.79 11.03 -18.14
CA TYR C 121 -11.32 11.08 -19.49
C TYR C 121 -12.23 12.30 -19.69
N GLN C 122 -13.09 12.60 -18.70
CA GLN C 122 -13.92 13.84 -18.66
C GLN C 122 -13.35 14.83 -17.64
N THR C 123 -13.11 16.08 -18.06
CA THR C 123 -12.46 17.13 -17.22
C THR C 123 -13.41 18.30 -17.11
N ASP C 124 -13.74 18.68 -15.89
CA ASP C 124 -14.66 19.81 -15.60
C ASP C 124 -13.83 20.84 -14.82
N VAL C 125 -13.63 22.01 -15.41
CA VAL C 125 -12.64 23.00 -14.90
C VAL C 125 -13.43 24.16 -14.33
N TYR C 126 -12.99 24.68 -13.18
CA TYR C 126 -13.63 25.81 -12.48
C TYR C 126 -12.55 26.78 -12.02
N VAL C 127 -12.90 28.06 -11.91
CA VAL C 127 -11.98 29.12 -11.40
C VAL C 127 -12.79 30.06 -10.50
N ASN C 128 -12.47 30.10 -9.20
CA ASN C 128 -13.17 30.91 -8.19
C ASN C 128 -14.65 30.55 -8.26
N GLY C 129 -14.92 29.25 -8.27
CA GLY C 129 -16.27 28.67 -8.13
C GLY C 129 -17.10 28.83 -9.40
N GLN C 130 -16.49 29.23 -10.51
CA GLN C 130 -17.25 29.38 -11.79
C GLN C 130 -16.72 28.38 -12.82
N LYS C 131 -17.63 27.59 -13.36
CA LYS C 131 -17.34 26.63 -14.45
C LYS C 131 -16.78 27.40 -15.67
N VAL C 132 -15.72 26.87 -16.25
CA VAL C 132 -14.95 27.57 -17.33
C VAL C 132 -14.86 26.66 -18.56
N GLY C 133 -15.27 25.40 -18.45
CA GLY C 133 -15.33 24.48 -19.59
C GLY C 133 -15.30 23.02 -19.18
N GLN C 134 -15.61 22.15 -20.12
CA GLN C 134 -15.62 20.69 -19.93
C GLN C 134 -14.86 20.10 -21.11
N HIS C 135 -14.02 19.09 -20.92
CA HIS C 135 -13.41 18.35 -22.05
C HIS C 135 -13.88 16.90 -21.99
N LEU C 136 -14.20 16.31 -23.14
CA LEU C 136 -14.39 14.83 -23.30
C LEU C 136 -13.35 14.31 -24.28
N GLY C 137 -12.51 13.37 -23.82
CA GLY C 137 -11.39 12.83 -24.59
C GLY C 137 -10.17 12.73 -23.70
N GLY C 138 -9.61 11.53 -23.59
CA GLY C 138 -8.59 11.23 -22.56
C GLY C 138 -7.18 11.66 -22.96
N PHE C 139 -6.93 12.04 -24.23
CA PHE C 139 -5.55 12.22 -24.73
C PHE C 139 -5.36 13.45 -25.62
N ASP C 140 -6.36 14.33 -25.73
CA ASP C 140 -6.28 15.48 -26.67
C ASP C 140 -6.27 16.76 -25.85
N PRO C 141 -5.37 17.72 -26.16
CA PRO C 141 -5.24 18.95 -25.38
C PRO C 141 -6.53 19.77 -25.49
N PHE C 142 -6.67 20.79 -24.66
CA PHE C 142 -7.84 21.72 -24.65
C PHE C 142 -7.46 22.95 -23.83
N ASN C 143 -8.00 24.11 -24.21
CA ASN C 143 -7.70 25.40 -23.57
C ASN C 143 -9.02 26.12 -23.33
N PHE C 144 -9.13 26.81 -22.20
CA PHE C 144 -10.34 27.60 -21.86
C PHE C 144 -9.88 29.03 -21.68
N ASP C 145 -10.70 29.97 -22.15
CA ASP C 145 -10.47 31.41 -21.92
C ASP C 145 -10.93 31.73 -20.49
N ILE C 146 -10.04 32.19 -19.61
CA ILE C 146 -10.41 32.43 -18.19
C ILE C 146 -10.21 33.90 -17.81
N THR C 147 -9.89 34.78 -18.78
CA THR C 147 -9.65 36.24 -18.58
C THR C 147 -10.64 36.88 -17.60
N ASN C 148 -11.95 36.62 -17.70
CA ASN C 148 -12.96 37.43 -16.96
C ASN C 148 -13.27 36.85 -15.58
N VAL C 149 -12.43 35.97 -15.05
CA VAL C 149 -12.82 35.22 -13.83
C VAL C 149 -11.58 35.04 -12.93
N VAL C 150 -10.39 35.38 -13.41
CA VAL C 150 -9.15 35.44 -12.59
C VAL C 150 -9.11 36.80 -11.87
N LYS C 151 -8.63 36.81 -10.64
CA LYS C 151 -8.24 38.03 -9.89
C LYS C 151 -6.73 37.94 -9.72
N PRO C 152 -6.02 39.05 -9.43
CA PRO C 152 -4.57 39.02 -9.29
C PRO C 152 -4.03 38.07 -8.20
N LYS C 153 -4.78 37.83 -7.12
CA LYS C 153 -4.27 37.05 -5.95
C LYS C 153 -5.27 36.00 -5.47
N ASP C 154 -4.74 34.89 -4.96
CA ASP C 154 -5.46 33.74 -4.38
C ASP C 154 -6.57 33.23 -5.32
N ASN C 155 -6.26 32.88 -6.58
CA ASN C 155 -7.20 32.17 -7.50
C ASN C 155 -7.29 30.67 -7.14
N SER C 156 -8.51 30.18 -6.96
CA SER C 156 -8.87 28.76 -6.76
C SER C 156 -9.05 28.11 -8.13
N LEU C 157 -8.23 27.11 -8.45
CA LEU C 157 -8.34 26.32 -9.68
C LEU C 157 -8.79 24.91 -9.29
N MET C 158 -9.96 24.53 -9.74
CA MET C 158 -10.52 23.20 -9.45
C MET C 158 -10.71 22.44 -10.78
N VAL C 159 -10.03 21.30 -10.92
CA VAL C 159 -10.24 20.42 -12.11
C VAL C 159 -10.65 19.05 -11.61
N ARG C 160 -11.88 18.68 -11.90
CA ARG C 160 -12.43 17.34 -11.58
C ARG C 160 -12.11 16.47 -12.78
N VAL C 161 -11.54 15.29 -12.55
CA VAL C 161 -11.24 14.31 -13.64
C VAL C 161 -11.94 12.98 -13.32
N ASP C 162 -12.75 12.54 -14.26
CA ASP C 162 -13.50 11.26 -14.18
C ASP C 162 -13.01 10.40 -15.33
N ASN C 163 -12.47 9.21 -15.02
CA ASN C 163 -12.03 8.20 -16.02
C ASN C 163 -13.00 7.02 -16.03
N ARG C 164 -14.22 7.13 -15.48
CA ARG C 164 -15.15 5.98 -15.41
C ARG C 164 -15.46 5.47 -16.84
N ARG C 165 -15.47 4.14 -17.03
CA ARG C 165 -15.82 3.51 -18.33
C ARG C 165 -17.33 3.62 -18.56
N GLU C 166 -17.76 4.17 -19.70
CA GLU C 166 -19.19 4.31 -20.08
C GLU C 166 -19.39 3.88 -21.53
N LYS C 167 -20.60 3.45 -21.88
CA LYS C 167 -20.96 2.90 -23.23
C LYS C 167 -20.64 3.92 -24.33
N HIS C 168 -20.99 5.18 -24.14
CA HIS C 168 -20.95 6.25 -25.16
C HIS C 168 -19.53 6.82 -25.31
N ARG C 169 -18.58 6.46 -24.42
CA ARG C 169 -17.22 7.08 -24.43
C ARG C 169 -16.32 6.43 -25.48
N VAL C 170 -15.20 7.08 -25.79
CA VAL C 170 -14.25 6.64 -26.85
C VAL C 170 -12.85 6.68 -26.22
N PRO C 171 -12.29 5.61 -25.64
CA PRO C 171 -12.85 4.26 -25.73
C PRO C 171 -13.88 3.95 -24.64
N ASN C 172 -14.30 2.69 -24.54
CA ASN C 172 -15.44 2.37 -23.63
C ASN C 172 -15.14 1.19 -22.69
N TYR C 173 -15.93 0.13 -22.77
CA TYR C 173 -15.93 -0.95 -21.75
C TYR C 173 -14.58 -1.65 -21.64
N THR C 174 -13.92 -1.93 -22.77
CA THR C 174 -12.63 -2.64 -22.73
C THR C 174 -11.70 -2.16 -23.86
N THR C 175 -10.43 -1.94 -23.52
CA THR C 175 -9.28 -1.82 -24.43
C THR C 175 -8.21 -2.79 -23.91
N ASP C 176 -7.08 -2.95 -24.60
CA ASP C 176 -5.96 -3.81 -24.11
C ASP C 176 -4.85 -2.95 -23.48
N TRP C 177 -5.22 -1.89 -22.77
CA TRP C 177 -4.25 -1.05 -22.01
C TRP C 177 -4.88 -0.55 -20.70
N TRP C 178 -4.02 -0.14 -19.77
CA TRP C 178 -4.40 0.33 -18.40
C TRP C 178 -5.17 1.65 -18.51
N ASN C 179 -6.25 1.79 -17.77
CA ASN C 179 -7.08 3.02 -17.73
C ASN C 179 -6.41 4.02 -16.77
N TYR C 180 -5.36 4.69 -17.23
CA TYR C 180 -4.61 5.67 -16.41
C TYR C 180 -5.43 6.95 -16.31
N GLY C 181 -5.89 7.30 -15.11
CA GLY C 181 -6.71 8.50 -14.86
C GLY C 181 -5.93 9.73 -14.48
N GLY C 182 -6.50 10.91 -14.72
CA GLY C 182 -6.08 12.18 -14.11
C GLY C 182 -5.48 13.14 -15.11
N ILE C 183 -4.77 14.16 -14.61
CA ILE C 183 -4.10 15.20 -15.44
C ILE C 183 -2.72 14.66 -15.80
N THR C 184 -2.60 14.07 -16.99
CA THR C 184 -1.42 13.26 -17.45
C THR C 184 -0.36 14.08 -18.19
N ARG C 185 -0.62 15.35 -18.49
CA ARG C 185 0.37 16.23 -19.16
C ARG C 185 0.37 17.62 -18.53
N ASP C 186 1.40 18.38 -18.87
CA ASP C 186 1.65 19.76 -18.40
C ASP C 186 0.33 20.51 -18.44
N VAL C 187 0.08 21.34 -17.44
CA VAL C 187 -1.02 22.34 -17.36
C VAL C 187 -0.35 23.70 -17.29
N LYS C 188 -0.81 24.69 -18.07
CA LYS C 188 -0.13 26.00 -18.04
C LYS C 188 -1.10 27.10 -18.36
N LEU C 189 -0.73 28.31 -17.96
CA LEU C 189 -1.43 29.57 -18.28
C LEU C 189 -0.72 30.19 -19.48
N VAL C 190 -1.48 30.67 -20.44
CA VAL C 190 -0.93 31.23 -21.71
C VAL C 190 -1.57 32.61 -21.90
N GLU C 191 -0.76 33.66 -21.80
CA GLU C 191 -1.15 35.08 -22.02
C GLU C 191 -0.86 35.46 -23.48
N VAL C 192 -1.85 36.04 -24.16
CA VAL C 192 -1.76 36.47 -25.59
C VAL C 192 -2.43 37.83 -25.73
N PRO C 193 -2.08 38.66 -26.75
CA PRO C 193 -2.72 39.97 -26.92
C PRO C 193 -4.22 39.85 -27.24
N SER C 194 -4.96 40.97 -27.19
CA SER C 194 -6.43 41.04 -27.36
C SER C 194 -6.83 40.57 -28.76
N THR C 195 -5.88 40.57 -29.70
CA THR C 195 -5.97 39.94 -31.06
C THR C 195 -4.76 39.02 -31.20
N TYR C 196 -4.98 37.72 -31.39
CA TYR C 196 -3.91 36.70 -31.31
C TYR C 196 -4.04 35.72 -32.47
N ILE C 197 -2.92 35.07 -32.78
CA ILE C 197 -2.80 33.93 -33.72
C ILE C 197 -3.41 32.71 -33.02
N GLN C 198 -4.59 32.29 -33.45
CA GLN C 198 -5.32 31.13 -32.88
C GLN C 198 -4.90 29.85 -33.60
N ASP C 199 -4.64 29.93 -34.91
CA ASP C 199 -4.29 28.76 -35.74
C ASP C 199 -3.59 29.21 -37.02
N TYR C 200 -2.91 28.28 -37.67
CA TYR C 200 -2.30 28.46 -39.00
C TYR C 200 -1.90 27.10 -39.55
N ALA C 201 -1.79 27.01 -40.88
CA ALA C 201 -1.20 25.86 -41.60
C ALA C 201 -0.08 26.39 -42.50
N ILE C 202 1.05 25.69 -42.54
CA ILE C 202 2.22 26.02 -43.40
C ILE C 202 2.84 24.70 -43.83
N GLN C 203 2.51 24.23 -45.04
CA GLN C 203 2.99 22.95 -45.64
C GLN C 203 3.20 23.19 -47.13
N LEU C 204 4.09 22.43 -47.78
CA LEU C 204 4.31 22.48 -49.24
C LEU C 204 3.00 22.18 -49.96
N ASP C 205 2.67 22.91 -51.02
CA ASP C 205 1.47 22.65 -51.85
C ASP C 205 1.71 21.29 -52.52
N LYS C 206 0.92 20.27 -52.16
CA LYS C 206 1.14 18.89 -52.66
C LYS C 206 0.88 18.88 -54.17
N ASP C 207 0.16 19.88 -54.70
CA ASP C 207 -0.15 20.00 -56.14
C ASP C 207 0.92 20.79 -56.89
N ASN C 208 1.83 21.46 -56.19
CA ASN C 208 3.01 22.15 -56.80
C ASN C 208 4.04 22.44 -55.71
N PRO C 209 4.95 21.50 -55.41
CA PRO C 209 5.86 21.64 -54.27
C PRO C 209 6.95 22.71 -54.41
N LYS C 210 6.87 23.59 -55.42
CA LYS C 210 7.75 24.78 -55.54
C LYS C 210 7.29 25.82 -54.51
N ASN C 211 6.00 25.73 -54.13
CA ASN C 211 5.25 26.74 -53.33
C ASN C 211 4.87 26.17 -51.96
N ILE C 212 4.91 27.05 -50.94
CA ILE C 212 4.25 26.89 -49.61
C ILE C 212 2.83 27.45 -49.69
N LYS C 213 1.82 26.67 -49.29
CA LYS C 213 0.41 27.14 -49.21
C LYS C 213 -0.01 27.14 -47.73
N GLY C 214 -1.18 27.71 -47.43
CA GLY C 214 -1.82 27.59 -46.11
C GLY C 214 -2.60 28.82 -45.71
N TYR C 215 -2.78 29.03 -44.40
CA TYR C 215 -3.61 30.12 -43.87
C TYR C 215 -3.12 30.53 -42.49
N VAL C 216 -3.57 31.69 -42.06
CA VAL C 216 -3.49 32.19 -40.65
C VAL C 216 -4.91 32.54 -40.20
N GLN C 217 -5.29 32.15 -38.99
CA GLN C 217 -6.60 32.46 -38.36
C GLN C 217 -6.33 33.23 -37.06
N LEU C 218 -6.74 34.50 -37.01
CA LEU C 218 -6.70 35.36 -35.80
C LEU C 218 -8.03 35.23 -35.04
N ALA C 219 -8.02 35.62 -33.76
CA ALA C 219 -9.20 35.71 -32.86
C ALA C 219 -9.02 36.87 -31.87
N GLY C 220 -10.11 37.28 -31.20
CA GLY C 220 -10.14 38.44 -30.29
C GLY C 220 -10.93 39.60 -30.86
N SER C 221 -10.52 40.85 -30.55
CA SER C 221 -11.33 42.10 -30.68
C SER C 221 -11.33 42.66 -32.09
N SER C 222 -10.15 42.89 -32.69
CA SER C 222 -10.00 43.58 -34.00
C SER C 222 -9.25 42.65 -34.97
N LEU C 223 -10.00 41.93 -35.79
CA LEU C 223 -9.49 40.80 -36.62
C LEU C 223 -8.82 41.30 -37.90
N GLU C 224 -9.08 42.54 -38.33
CA GLU C 224 -8.41 43.17 -39.50
C GLU C 224 -7.07 43.74 -39.03
N THR C 225 -5.94 43.19 -39.48
CA THR C 225 -4.59 43.66 -39.05
C THR C 225 -3.54 43.21 -40.06
N ASN C 226 -2.28 43.52 -39.77
CA ASN C 226 -1.08 43.09 -40.55
C ASN C 226 -0.60 41.73 -40.07
N VAL C 227 -0.43 40.79 -40.99
CA VAL C 227 0.08 39.41 -40.73
C VAL C 227 1.31 39.23 -41.61
N SER C 228 2.38 38.65 -41.04
CA SER C 228 3.62 38.30 -41.77
C SER C 228 4.07 36.87 -41.42
N ILE C 229 4.65 36.19 -42.41
CA ILE C 229 5.32 34.88 -42.26
C ILE C 229 6.75 35.04 -42.79
N ASN C 230 7.72 35.14 -41.88
CA ASN C 230 9.17 35.19 -42.22
C ASN C 230 9.78 33.80 -42.05
N ILE C 231 10.54 33.37 -43.05
CA ILE C 231 11.47 32.21 -42.94
C ILE C 231 12.85 32.70 -43.36
N PRO C 232 13.64 33.31 -42.45
CA PRO C 232 14.90 33.97 -42.82
C PRO C 232 15.95 33.14 -43.58
N GLU C 233 16.11 31.87 -43.20
CA GLU C 233 17.14 31.00 -43.83
C GLU C 233 16.78 30.85 -45.32
N ALA C 234 15.48 30.82 -45.66
CA ALA C 234 14.95 30.61 -47.03
C ALA C 234 14.68 31.95 -47.74
N LYS C 235 15.06 33.07 -47.13
CA LYS C 235 14.80 34.44 -47.66
C LYS C 235 13.34 34.55 -48.12
N ILE C 236 12.41 33.96 -47.34
CA ILE C 236 10.94 34.16 -47.50
C ILE C 236 10.54 35.21 -46.47
N ASN C 237 9.75 36.20 -46.90
CA ASN C 237 9.42 37.41 -46.09
C ASN C 237 8.06 37.92 -46.57
N PHE C 238 7.01 37.11 -46.42
CA PHE C 238 5.64 37.38 -46.91
C PHE C 238 4.94 38.28 -45.89
N SER C 239 4.03 39.12 -46.38
CA SER C 239 3.37 40.21 -45.61
C SER C 239 2.01 40.48 -46.25
N THR C 240 0.93 40.46 -45.47
CA THR C 240 -0.44 40.70 -46.02
C THR C 240 -1.35 41.32 -44.95
N THR C 241 -2.66 41.25 -45.17
CA THR C 241 -3.71 41.89 -44.34
C THR C 241 -4.91 40.96 -44.23
N THR C 242 -5.62 40.99 -43.10
CA THR C 242 -6.82 40.16 -42.87
C THR C 242 -8.08 41.00 -43.03
N ASP C 243 -9.13 40.36 -43.52
CA ASP C 243 -10.52 40.87 -43.56
C ASP C 243 -11.18 40.65 -42.19
N ARG C 244 -12.48 40.91 -42.13
CA ARG C 244 -13.37 40.78 -40.94
C ARG C 244 -13.18 39.42 -40.24
N THR C 245 -12.96 38.33 -40.98
CA THR C 245 -12.91 36.94 -40.43
C THR C 245 -11.60 36.66 -39.69
N GLY C 246 -10.60 37.53 -39.80
CA GLY C 246 -9.23 37.26 -39.32
C GLY C 246 -8.63 35.98 -39.89
N ARG C 247 -9.19 35.44 -41.00
CA ARG C 247 -8.63 34.26 -41.73
C ARG C 247 -8.09 34.75 -43.08
N VAL C 248 -6.80 34.52 -43.36
CA VAL C 248 -6.13 34.86 -44.65
C VAL C 248 -5.47 33.60 -45.22
N HIS C 249 -5.73 33.33 -46.50
CA HIS C 249 -5.09 32.24 -47.30
C HIS C 249 -3.91 32.84 -48.06
N PHE C 250 -2.80 32.10 -48.18
CA PHE C 250 -1.57 32.57 -48.86
C PHE C 250 -0.98 31.43 -49.70
N GLU C 251 -0.10 31.82 -50.62
CA GLU C 251 0.66 30.94 -51.54
C GLU C 251 1.99 31.67 -51.84
N ILE C 252 3.10 31.07 -51.44
CA ILE C 252 4.46 31.70 -51.38
C ILE C 252 5.42 30.84 -52.18
N PRO C 253 6.07 31.38 -53.24
CA PRO C 253 7.26 30.73 -53.80
C PRO C 253 8.28 30.38 -52.71
N ALA C 254 8.65 29.08 -52.65
CA ALA C 254 9.69 28.52 -51.76
C ALA C 254 10.70 27.71 -52.57
N LYS C 256 14.28 27.05 -52.81
CA LYS C 256 15.55 26.91 -52.04
C LYS C 256 15.35 25.93 -50.88
N ILE C 257 14.15 25.92 -50.30
CA ILE C 257 13.81 25.07 -49.13
C ILE C 257 14.42 23.67 -49.24
N LYS C 258 15.28 23.33 -48.28
CA LYS C 258 15.78 21.94 -48.20
C LYS C 258 14.64 21.10 -47.61
N LYS C 259 14.29 19.99 -48.25
CA LYS C 259 13.11 19.19 -47.85
C LYS C 259 13.43 18.25 -46.68
N TRP C 260 12.41 17.94 -45.89
CA TRP C 260 12.53 17.04 -44.70
C TRP C 260 12.53 15.56 -45.13
N TYR C 261 13.56 14.81 -44.73
CA TYR C 261 13.66 13.34 -44.85
C TYR C 261 14.10 12.74 -43.52
N PRO C 262 13.78 11.47 -43.22
CA PRO C 262 14.37 10.81 -42.06
C PRO C 262 15.88 11.07 -41.91
N LYS C 263 16.65 10.92 -42.99
CA LYS C 263 18.14 10.95 -42.97
C LYS C 263 18.64 12.40 -42.97
N ARG C 264 17.75 13.37 -43.24
CA ARG C 264 18.05 14.82 -43.25
C ARG C 264 16.78 15.56 -42.82
N PRO C 265 16.46 15.54 -41.51
CA PRO C 265 15.17 16.02 -41.01
C PRO C 265 15.22 17.54 -40.82
N LYS C 266 15.32 18.25 -41.94
CA LYS C 266 15.61 19.70 -42.02
C LYS C 266 14.39 20.47 -41.53
N LEU C 267 14.57 21.30 -40.49
CA LEU C 267 13.48 22.09 -39.82
C LEU C 267 13.76 23.58 -40.02
N TYR C 268 12.81 24.35 -40.57
CA TYR C 268 12.98 25.81 -40.76
C TYR C 268 12.36 26.55 -39.56
N ASP C 269 13.10 27.56 -39.06
CA ASP C 269 12.63 28.54 -38.04
C ASP C 269 11.64 29.47 -38.74
N VAL C 270 10.37 29.38 -38.37
CA VAL C 270 9.29 30.21 -38.99
C VAL C 270 8.88 31.26 -37.95
N GLN C 271 8.68 32.50 -38.37
CA GLN C 271 8.10 33.56 -37.52
C GLN C 271 6.72 33.88 -38.09
N ILE C 272 5.70 33.83 -37.25
CA ILE C 272 4.31 34.30 -37.57
C ILE C 272 3.99 35.46 -36.64
N GLN C 273 3.54 36.57 -37.21
CA GLN C 273 3.36 37.87 -36.51
C GLN C 273 2.07 38.51 -37.04
N ALA C 274 1.15 38.85 -36.13
CA ALA C 274 -0.13 39.53 -36.42
C ALA C 274 -0.36 40.57 -35.33
N GLY C 275 -0.39 41.85 -35.72
CA GLY C 275 -0.47 42.97 -34.77
C GLY C 275 0.66 42.89 -33.77
N ASN C 276 0.32 42.71 -32.49
CA ASN C 276 1.25 42.71 -31.33
C ASN C 276 1.76 41.29 -31.01
N ASP C 277 1.19 40.27 -31.64
CA ASP C 277 1.47 38.83 -31.33
C ASP C 277 2.57 38.30 -32.26
N LYS C 278 3.74 37.88 -31.74
CA LYS C 278 4.78 37.15 -32.52
C LYS C 278 4.85 35.71 -31.99
N LEU C 279 5.16 34.77 -32.84
CA LEU C 279 5.14 33.33 -32.48
C LEU C 279 6.11 32.59 -33.39
N GLU C 280 7.01 31.81 -32.80
CA GLU C 280 8.06 31.06 -33.53
C GLU C 280 7.70 29.58 -33.57
N ASP C 281 7.86 28.96 -34.75
CA ASP C 281 7.59 27.52 -34.98
C ASP C 281 8.82 26.92 -35.66
N GLN C 282 8.90 25.59 -35.71
CA GLN C 282 10.00 24.78 -36.31
C GLN C 282 9.34 23.78 -37.25
N ILE C 283 9.38 24.07 -38.55
CA ILE C 283 8.56 23.38 -39.57
C ILE C 283 9.48 22.75 -40.62
N GLY C 284 9.28 21.46 -40.83
CA GLY C 284 9.83 20.70 -41.96
C GLY C 284 8.84 20.72 -43.11
N LEU C 285 9.35 20.67 -44.32
CA LEU C 285 8.55 20.80 -45.55
C LEU C 285 8.86 19.59 -46.43
N ARG C 286 7.80 18.83 -46.70
CA ARG C 286 7.91 17.55 -47.42
C ARG C 286 6.53 17.27 -47.98
N THR C 287 6.50 16.52 -49.08
CA THR C 287 5.30 15.87 -49.64
C THR C 287 5.35 14.41 -49.23
N ILE C 288 4.18 13.82 -49.02
CA ILE C 288 4.02 12.36 -48.90
C ILE C 288 2.87 12.00 -49.82
N GLU C 289 2.98 10.89 -50.54
CA GLU C 289 1.95 10.47 -51.51
C GLU C 289 2.14 8.98 -51.83
N THR C 290 1.14 8.44 -52.48
CA THR C 290 1.13 7.05 -52.95
C THR C 290 1.11 7.09 -54.49
N LYS C 291 1.83 6.19 -55.16
CA LYS C 291 1.81 5.99 -56.63
C LYS C 291 1.70 4.49 -56.88
N GLY C 292 0.49 3.99 -57.08
CA GLY C 292 0.21 2.54 -56.99
C GLY C 292 0.58 1.98 -55.62
N ALA C 293 1.45 0.96 -55.57
CA ALA C 293 1.85 0.26 -54.32
C ALA C 293 3.00 0.99 -53.63
N ASP C 294 3.41 2.14 -54.15
CA ASP C 294 4.63 2.85 -53.70
C ASP C 294 4.24 3.99 -52.75
N ILE C 295 5.09 4.23 -51.74
CA ILE C 295 5.05 5.39 -50.82
C ILE C 295 6.17 6.34 -51.24
N LEU C 296 5.82 7.56 -51.59
CA LEU C 296 6.73 8.60 -52.12
C LEU C 296 6.83 9.73 -51.10
N LEU C 297 8.03 9.93 -50.58
CA LEU C 297 8.37 11.06 -49.69
C LEU C 297 9.23 12.02 -50.52
N ASN C 298 8.73 13.21 -50.86
CA ASN C 298 9.41 14.15 -51.80
C ASN C 298 9.73 13.40 -53.11
N GLY C 299 8.81 12.57 -53.58
CA GLY C 299 8.96 11.83 -54.85
C GLY C 299 9.82 10.57 -54.75
N GLN C 300 10.55 10.31 -53.66
CA GLN C 300 11.39 9.07 -53.54
C GLN C 300 10.56 7.93 -52.92
N SER C 301 10.64 6.73 -53.50
CA SER C 301 9.95 5.53 -52.96
C SER C 301 10.65 5.11 -51.67
N ILE C 302 9.90 4.94 -50.59
CA ILE C 302 10.46 4.63 -49.25
C ILE C 302 9.82 3.37 -48.69
N PHE C 303 10.45 2.80 -47.68
CA PHE C 303 9.92 1.70 -46.87
C PHE C 303 9.82 2.15 -45.41
N LEU C 304 8.69 1.85 -44.77
CA LEU C 304 8.44 2.23 -43.36
C LEU C 304 8.87 1.06 -42.48
N ARG C 305 10.12 1.13 -42.01
CA ARG C 305 10.73 0.25 -40.98
C ARG C 305 10.26 0.76 -39.62
N GLY C 306 9.20 0.16 -39.08
CA GLY C 306 8.43 0.80 -37.99
C GLY C 306 8.36 -0.06 -36.75
N ILE C 307 7.76 0.49 -35.71
CA ILE C 307 7.46 -0.28 -34.47
C ILE C 307 6.30 0.42 -33.80
N SER C 308 5.45 -0.35 -33.14
CA SER C 308 4.32 0.19 -32.35
C SER C 308 4.83 0.57 -30.95
N LEU C 309 4.15 1.50 -30.28
CA LEU C 309 4.57 2.06 -28.98
C LEU C 309 3.39 2.69 -28.25
N HIS C 310 3.20 2.32 -26.98
CA HIS C 310 2.23 2.95 -26.04
C HIS C 310 2.91 4.15 -25.35
N GLU C 311 2.12 5.13 -24.90
CA GLU C 311 2.61 6.32 -24.14
C GLU C 311 2.78 5.92 -22.67
N GLU C 312 3.71 5.01 -22.38
CA GLU C 312 3.97 4.48 -21.02
C GLU C 312 5.47 4.43 -20.79
N ASN C 313 5.91 4.91 -19.63
CA ASN C 313 7.28 4.70 -19.08
C ASN C 313 7.24 3.43 -18.23
N PRO C 314 7.75 2.30 -18.76
CA PRO C 314 7.70 1.03 -18.05
C PRO C 314 8.50 0.91 -16.72
N ILE C 315 9.54 1.73 -16.54
CA ILE C 315 10.38 1.78 -15.29
C ILE C 315 9.49 2.29 -14.14
N LYS C 316 8.81 3.41 -14.34
CA LYS C 316 7.92 4.08 -13.36
C LYS C 316 6.54 3.42 -13.40
N ILE C 317 6.25 2.65 -14.44
CA ILE C 317 4.94 1.94 -14.64
C ILE C 317 3.83 2.99 -14.61
N GLY C 318 3.92 3.98 -15.48
CA GLY C 318 2.91 5.06 -15.57
C GLY C 318 2.97 5.74 -16.91
N ARG C 319 2.14 6.78 -17.11
CA ARG C 319 2.02 7.43 -18.44
C ARG C 319 3.31 8.21 -18.75
N ALA C 320 3.88 8.01 -19.93
CA ALA C 320 4.91 8.89 -20.53
C ALA C 320 4.32 10.31 -20.67
N ARG C 321 5.15 11.36 -20.75
CA ARG C 321 4.61 12.75 -20.89
C ARG C 321 5.69 13.76 -21.28
N SER C 322 6.95 13.48 -21.00
CA SER C 322 8.04 14.50 -21.06
C SER C 322 8.91 14.28 -22.30
N ILE C 323 9.70 15.29 -22.64
CA ILE C 323 10.73 15.21 -23.71
C ILE C 323 11.73 14.13 -23.28
N GLU C 324 11.98 13.93 -21.99
CA GLU C 324 12.92 12.85 -21.55
C GLU C 324 12.33 11.48 -21.91
N ASP C 325 11.00 11.27 -21.81
CA ASP C 325 10.33 9.98 -22.15
C ASP C 325 10.46 9.76 -23.67
N ALA C 326 10.18 10.80 -24.46
CA ALA C 326 10.39 10.91 -25.93
C ALA C 326 11.81 10.51 -26.33
N GLN C 327 12.85 11.11 -25.75
CA GLN C 327 14.29 10.77 -25.99
C GLN C 327 14.51 9.27 -25.75
N MET C 328 14.03 8.75 -24.62
CA MET C 328 14.28 7.34 -24.24
C MET C 328 13.62 6.41 -25.26
N GLN C 329 12.37 6.69 -25.63
CA GLN C 329 11.54 5.80 -26.50
C GLN C 329 12.11 5.83 -27.93
N MET C 330 12.48 7.01 -28.40
CA MET C 330 12.98 7.21 -29.78
C MET C 330 14.41 6.65 -29.88
N GLY C 331 15.21 6.75 -28.83
CA GLY C 331 16.53 6.09 -28.78
C GLY C 331 16.37 4.61 -29.07
N TRP C 332 15.43 3.95 -28.39
CA TRP C 332 15.20 2.48 -28.52
C TRP C 332 14.83 2.17 -29.97
N ALA C 333 13.96 2.98 -30.55
CA ALA C 333 13.49 2.79 -31.94
C ALA C 333 14.70 2.92 -32.88
N LYS C 334 15.65 3.79 -32.58
CA LYS C 334 16.85 4.00 -33.43
C LYS C 334 17.83 2.85 -33.25
N GLU C 335 17.92 2.26 -32.05
CA GLU C 335 18.73 1.04 -31.83
C GLU C 335 18.14 -0.08 -32.70
N LEU C 336 16.81 -0.11 -32.81
CA LEU C 336 16.11 -1.14 -33.59
C LEU C 336 16.21 -0.80 -35.08
N ASN C 337 16.65 0.41 -35.42
CA ASN C 337 16.85 0.93 -36.81
C ASN C 337 15.49 1.16 -37.49
N CYS C 338 14.54 1.71 -36.76
CA CYS C 338 13.25 2.20 -37.32
C CYS C 338 13.49 3.57 -37.96
N ASN C 339 12.76 3.87 -39.04
CA ASN C 339 12.55 5.24 -39.54
C ASN C 339 11.09 5.66 -39.29
N PHE C 340 10.30 4.83 -38.60
CA PHE C 340 8.83 5.00 -38.42
C PHE C 340 8.38 4.50 -37.04
N ILE C 341 7.39 5.16 -36.44
CA ILE C 341 6.73 4.70 -35.18
C ILE C 341 5.22 4.83 -35.31
N ARG C 342 4.49 3.74 -35.07
CA ARG C 342 3.02 3.77 -34.88
C ARG C 342 2.71 4.13 -33.42
N LEU C 343 2.25 5.36 -33.16
CA LEU C 343 1.98 5.80 -31.78
C LEU C 343 0.60 5.29 -31.31
N ALA C 344 0.65 4.31 -30.41
CA ALA C 344 -0.29 3.87 -29.34
C ALA C 344 -1.60 3.43 -29.94
N HIS C 345 -2.72 3.84 -29.32
CA HIS C 345 -4.08 3.83 -29.92
C HIS C 345 -4.77 5.18 -29.71
N TYR C 346 -4.00 6.24 -29.46
CA TYR C 346 -4.49 7.58 -29.02
C TYR C 346 -3.41 8.60 -29.35
N PRO C 347 -3.73 9.91 -29.45
CA PRO C 347 -2.70 10.92 -29.61
C PRO C 347 -1.80 10.85 -28.37
N HIS C 348 -0.49 10.88 -28.58
CA HIS C 348 0.52 11.00 -27.51
C HIS C 348 0.70 12.48 -27.15
N ASN C 349 1.45 12.75 -26.08
CA ASN C 349 1.95 14.09 -25.71
C ASN C 349 2.72 14.65 -26.92
N GLU C 350 2.71 15.98 -27.05
CA GLU C 350 3.20 16.70 -28.24
C GLU C 350 4.72 16.58 -28.37
N ASN C 351 5.42 16.14 -27.32
CA ASN C 351 6.90 15.91 -27.38
C ASN C 351 7.22 14.85 -28.42
N MET C 352 6.33 13.89 -28.66
CA MET C 352 6.58 12.80 -29.64
C MET C 352 6.65 13.38 -31.06
N PRO C 353 5.62 14.07 -31.59
CA PRO C 353 5.73 14.59 -32.95
C PRO C 353 6.84 15.66 -33.07
N ARG C 354 6.99 16.56 -32.10
CA ARG C 354 8.02 17.64 -32.13
C ARG C 354 9.43 17.06 -32.14
N LEU C 355 9.70 16.02 -31.35
CA LEU C 355 11.03 15.35 -31.33
C LEU C 355 11.19 14.48 -32.57
N ALA C 356 10.15 13.80 -33.05
CA ALA C 356 10.20 12.99 -34.29
C ALA C 356 10.60 13.90 -35.47
N ASP C 357 10.06 15.11 -35.52
CA ASP C 357 10.49 16.19 -36.45
C ASP C 357 12.01 16.39 -36.37
N LYS C 358 12.60 16.43 -35.17
CA LYS C 358 14.00 16.85 -34.98
C LYS C 358 14.94 15.66 -35.26
N LEU C 359 14.62 14.47 -34.75
CA LEU C 359 15.42 13.23 -34.94
C LEU C 359 15.17 12.61 -36.31
N GLY C 360 14.02 12.88 -36.94
CA GLY C 360 13.72 12.36 -38.30
C GLY C 360 13.19 10.95 -38.24
N LEU C 361 12.12 10.75 -37.49
CA LEU C 361 11.29 9.52 -37.56
C LEU C 361 9.93 9.91 -38.13
N LEU C 362 9.38 9.08 -39.00
CA LEU C 362 8.02 9.24 -39.55
C LEU C 362 7.01 8.64 -38.56
N LEU C 363 5.77 9.11 -38.55
CA LEU C 363 4.77 8.72 -37.52
C LEU C 363 3.40 8.42 -38.10
N TRP C 364 2.74 7.47 -37.46
CA TRP C 364 1.30 7.15 -37.51
C TRP C 364 0.68 7.60 -36.19
N GLU C 365 -0.41 8.39 -36.25
CA GLU C 365 -1.13 8.94 -35.08
C GLU C 365 -2.59 8.53 -35.19
N GLU C 366 -3.21 8.25 -34.06
CA GLU C 366 -4.47 7.45 -34.03
C GLU C 366 -5.37 7.98 -32.91
N ILE C 367 -6.67 7.71 -33.06
CA ILE C 367 -7.71 7.98 -32.03
C ILE C 367 -8.26 6.63 -31.57
N PRO C 368 -8.75 6.53 -30.31
CA PRO C 368 -9.15 5.23 -29.75
C PRO C 368 -10.60 4.81 -30.11
N VAL C 369 -10.94 4.88 -31.40
CA VAL C 369 -12.15 4.17 -31.94
C VAL C 369 -11.72 2.71 -32.03
N TYR C 370 -11.97 1.95 -30.99
CA TYR C 370 -11.26 0.69 -30.71
C TYR C 370 -12.28 -0.33 -30.25
N TRP C 371 -12.40 -1.43 -31.00
CA TRP C 371 -13.33 -2.55 -30.69
C TRP C 371 -14.77 -2.03 -30.71
N GLY C 372 -15.57 -2.38 -29.70
CA GLY C 372 -17.04 -2.28 -29.72
C GLY C 372 -17.54 -0.90 -29.32
N ILE C 373 -17.09 0.15 -30.01
CA ILE C 373 -17.61 1.54 -29.83
C ILE C 373 -19.11 1.50 -30.10
N ASP C 374 -19.86 2.47 -29.56
CA ASP C 374 -21.32 2.59 -29.79
C ASP C 374 -21.54 3.33 -31.11
N TYR C 375 -21.41 2.61 -32.23
CA TYR C 375 -21.36 3.20 -33.61
C TYR C 375 -22.70 3.86 -33.92
N GLU C 376 -23.80 3.39 -33.32
CA GLU C 376 -25.18 3.88 -33.55
C GLU C 376 -25.43 5.18 -32.76
N ASN C 377 -24.57 5.53 -31.82
CA ASN C 377 -24.91 6.55 -30.79
C ASN C 377 -24.28 7.88 -31.18
N PRO C 378 -25.09 8.91 -31.48
CA PRO C 378 -24.58 10.21 -31.89
C PRO C 378 -23.47 10.74 -30.95
N GLU C 379 -23.61 10.51 -29.66
CA GLU C 379 -22.71 11.10 -28.62
C GLU C 379 -21.34 10.43 -28.70
N ALA C 380 -21.29 9.13 -28.94
CA ALA C 380 -20.02 8.41 -29.23
C ALA C 380 -19.36 9.06 -30.44
N PHE C 381 -20.14 9.31 -31.50
CA PHE C 381 -19.62 9.93 -32.74
C PHE C 381 -19.01 11.29 -32.41
N ALA C 382 -19.74 12.13 -31.67
CA ALA C 382 -19.29 13.50 -31.32
C ALA C 382 -17.96 13.41 -30.57
N GLN C 383 -17.78 12.41 -29.72
CA GLN C 383 -16.55 12.27 -28.90
C GLN C 383 -15.40 11.82 -29.79
N ALA C 384 -15.66 10.91 -30.73
CA ALA C 384 -14.65 10.46 -31.71
C ALA C 384 -14.24 11.66 -32.58
N LYS C 385 -15.22 12.44 -33.02
CA LYS C 385 -15.03 13.59 -33.94
C LYS C 385 -14.15 14.65 -33.27
N SER C 386 -14.44 15.04 -32.04
CA SER C 386 -13.68 16.09 -31.34
C SER C 386 -12.23 15.61 -31.08
N GLN C 387 -12.03 14.35 -30.71
CA GLN C 387 -10.66 13.81 -30.47
C GLN C 387 -9.87 13.88 -31.79
N LEU C 388 -10.48 13.51 -32.91
CA LEU C 388 -9.80 13.50 -34.22
C LEU C 388 -9.49 14.95 -34.60
N GLU C 389 -10.47 15.84 -34.44
CA GLU C 389 -10.28 17.26 -34.83
C GLU C 389 -9.09 17.82 -34.06
N THR C 390 -9.07 17.61 -32.75
CA THR C 390 -8.02 18.15 -31.86
C THR C 390 -6.64 17.62 -32.29
N MET C 391 -6.51 16.32 -32.52
CA MET C 391 -5.24 15.67 -32.90
C MET C 391 -4.67 16.24 -34.21
N VAL C 392 -5.50 16.35 -35.25
CA VAL C 392 -5.11 16.81 -36.63
C VAL C 392 -4.76 18.30 -36.55
N HIS C 393 -5.51 19.10 -35.76
CA HIS C 393 -5.21 20.55 -35.59
C HIS C 393 -3.86 20.69 -34.87
N ARG C 394 -3.67 19.88 -33.82
CA ARG C 394 -2.44 20.00 -33.01
C ARG C 394 -1.22 19.77 -33.91
N ASP C 395 -1.26 18.81 -34.83
CA ASP C 395 -0.01 18.26 -35.43
C ASP C 395 0.04 18.46 -36.95
N LYS C 396 -0.89 19.20 -37.55
CA LYS C 396 -0.97 19.41 -39.02
C LYS C 396 0.29 20.13 -39.58
N ASN C 397 1.12 20.76 -38.76
CA ASN C 397 2.37 21.39 -39.27
C ASN C 397 3.58 20.49 -38.99
N ARG C 398 3.36 19.23 -38.58
CA ARG C 398 4.46 18.28 -38.23
C ARG C 398 4.88 17.44 -39.46
N ALA C 399 6.12 17.61 -39.90
CA ALA C 399 6.72 16.85 -41.02
C ALA C 399 6.68 15.35 -40.68
N SER C 400 7.00 15.01 -39.43
CA SER C 400 7.08 13.63 -38.91
C SER C 400 5.80 12.85 -39.24
N VAL C 401 4.64 13.48 -39.05
CA VAL C 401 3.33 12.79 -39.13
C VAL C 401 2.92 12.68 -40.60
N ILE C 402 2.69 11.46 -41.09
CA ILE C 402 2.20 11.18 -42.47
C ILE C 402 0.95 10.29 -42.45
N VAL C 403 0.49 9.74 -41.31
CA VAL C 403 -0.72 8.87 -41.28
C VAL C 403 -1.65 9.32 -40.14
N TRP C 404 -2.91 9.63 -40.46
CA TRP C 404 -4.01 9.75 -39.48
C TRP C 404 -4.76 8.42 -39.48
N SER C 405 -4.76 7.70 -38.37
CA SER C 405 -5.55 6.45 -38.25
C SER C 405 -6.83 6.73 -37.46
N VAL C 406 -7.92 6.17 -37.91
CA VAL C 406 -9.30 6.55 -37.55
C VAL C 406 -9.94 5.39 -36.77
N ALA C 407 -9.27 4.23 -36.71
CA ALA C 407 -9.81 3.01 -36.05
C ALA C 407 -8.74 1.95 -35.85
N ASN C 408 -8.99 1.04 -34.90
CA ASN C 408 -8.18 -0.18 -34.70
C ASN C 408 -9.10 -1.34 -34.33
N GLU C 409 -9.11 -2.37 -35.18
CA GLU C 409 -9.82 -3.65 -34.97
C GLU C 409 -11.29 -3.37 -34.65
N THR C 410 -11.99 -2.72 -35.57
CA THR C 410 -13.42 -2.39 -35.41
C THR C 410 -14.25 -3.39 -36.20
N PRO C 411 -15.53 -3.63 -35.81
CA PRO C 411 -16.32 -4.70 -36.39
C PRO C 411 -16.91 -4.27 -37.74
N ASP C 412 -17.04 -5.22 -38.65
CA ASP C 412 -17.51 -4.93 -40.03
C ASP C 412 -19.03 -4.82 -40.02
N THR C 413 -19.57 -3.64 -39.68
CA THR C 413 -21.02 -3.33 -39.68
C THR C 413 -21.24 -2.10 -40.56
N GLU C 414 -22.49 -1.88 -40.99
CA GLU C 414 -22.92 -0.68 -41.75
C GLU C 414 -22.64 0.56 -40.92
N SER C 415 -23.05 0.53 -39.65
CA SER C 415 -22.87 1.62 -38.64
C SER C 415 -21.38 1.94 -38.55
N ARG C 416 -20.54 0.91 -38.35
CA ARG C 416 -19.09 1.13 -38.19
C ARG C 416 -18.56 1.81 -39.47
N LEU C 417 -18.98 1.35 -40.65
CA LEU C 417 -18.43 1.83 -41.95
C LEU C 417 -18.73 3.33 -42.10
N GLU C 418 -19.99 3.70 -41.91
CA GLU C 418 -20.51 5.09 -42.01
C GLU C 418 -19.75 5.98 -41.03
N PHE C 419 -19.55 5.50 -39.80
CA PHE C 419 -18.80 6.19 -38.72
C PHE C 419 -17.39 6.54 -39.21
N LEU C 420 -16.64 5.52 -39.65
CA LEU C 420 -15.24 5.70 -40.14
C LEU C 420 -15.24 6.69 -41.31
N ARG C 421 -16.14 6.49 -42.27
CA ARG C 421 -16.28 7.37 -43.46
C ARG C 421 -16.49 8.83 -43.04
N GLN C 422 -17.34 9.08 -42.06
CA GLN C 422 -17.61 10.47 -41.59
C GLN C 422 -16.32 11.00 -40.93
N LEU C 423 -15.59 10.13 -40.22
CA LEU C 423 -14.32 10.49 -39.55
C LEU C 423 -13.28 10.82 -40.62
N LYS C 424 -13.18 10.01 -41.66
CA LYS C 424 -12.30 10.36 -42.81
C LYS C 424 -12.59 11.79 -43.27
N LYS C 425 -13.86 12.14 -43.58
CA LYS C 425 -14.24 13.44 -44.19
C LYS C 425 -13.83 14.56 -43.23
N ILE C 426 -14.01 14.35 -41.93
CA ILE C 426 -13.74 15.37 -40.87
C ILE C 426 -12.25 15.72 -40.89
N ALA C 427 -11.40 14.71 -40.99
CA ALA C 427 -9.93 14.84 -41.06
C ALA C 427 -9.54 15.50 -42.38
N ILE C 428 -10.08 15.02 -43.49
CA ILE C 428 -9.76 15.54 -44.86
C ILE C 428 -10.13 17.04 -44.91
N ASP C 429 -11.19 17.43 -44.20
CA ASP C 429 -11.71 18.82 -44.25
C ASP C 429 -10.74 19.71 -43.46
N ILE C 430 -10.03 19.17 -42.47
CA ILE C 430 -8.99 19.95 -41.75
C ILE C 430 -7.66 19.90 -42.51
N ASP C 431 -7.33 18.76 -43.12
CA ASP C 431 -5.98 18.52 -43.71
C ASP C 431 -6.04 17.40 -44.77
N ASN C 432 -5.75 17.74 -46.03
CA ASN C 432 -5.78 16.79 -47.17
C ASN C 432 -4.36 16.35 -47.52
N THR C 433 -3.35 16.71 -46.71
CA THR C 433 -1.91 16.50 -47.07
C THR C 433 -1.36 15.14 -46.64
N ARG C 434 -2.11 14.37 -45.83
CA ARG C 434 -1.59 13.14 -45.19
C ARG C 434 -2.44 11.92 -45.54
N PHE C 435 -1.85 10.74 -45.41
CA PHE C 435 -2.51 9.42 -45.60
C PHE C 435 -3.61 9.25 -44.55
N ILE C 436 -4.76 8.72 -44.97
CA ILE C 436 -5.85 8.32 -44.05
C ILE C 436 -5.83 6.79 -43.96
N SER C 437 -5.88 6.25 -42.75
CA SER C 437 -5.82 4.79 -42.55
C SER C 437 -6.61 4.34 -41.31
N ALA C 438 -6.57 3.04 -41.09
CA ALA C 438 -7.06 2.32 -39.90
C ALA C 438 -6.37 0.98 -39.93
N ALA C 439 -6.22 0.35 -38.76
CA ALA C 439 -5.72 -1.03 -38.66
C ALA C 439 -6.92 -1.94 -38.90
N LEU C 440 -6.90 -2.71 -40.00
CA LEU C 440 -7.98 -3.65 -40.37
C LEU C 440 -7.59 -5.07 -40.01
N GLU C 441 -8.49 -6.02 -40.28
CA GLU C 441 -8.30 -7.44 -39.91
C GLU C 441 -8.64 -8.32 -41.12
N ARG C 442 -8.24 -9.58 -41.06
CA ARG C 442 -8.27 -10.51 -42.22
C ARG C 442 -9.54 -11.38 -42.20
N ASN C 443 -9.62 -12.29 -43.18
CA ASN C 443 -10.68 -13.31 -43.39
C ASN C 443 -10.00 -14.68 -43.55
N GLU C 444 -10.40 -15.69 -42.75
CA GLU C 444 -9.98 -17.13 -42.88
C GLU C 444 -11.12 -18.04 -42.38
N ASP C 449 -6.36 -20.78 -45.07
CA ASP C 449 -5.41 -21.13 -46.17
C ASP C 449 -4.85 -19.83 -46.78
N VAL C 450 -5.71 -19.04 -47.44
CA VAL C 450 -5.35 -17.79 -48.18
C VAL C 450 -6.03 -16.58 -47.52
N VAL C 451 -5.28 -15.47 -47.40
CA VAL C 451 -5.64 -14.29 -46.56
C VAL C 451 -6.17 -13.19 -47.46
N LYS C 452 -7.41 -12.75 -47.24
CA LYS C 452 -8.05 -11.62 -47.95
C LYS C 452 -8.28 -10.50 -46.94
N ILE C 453 -8.58 -9.29 -47.42
CA ILE C 453 -9.13 -8.18 -46.59
C ILE C 453 -10.37 -7.66 -47.29
N PRO C 454 -11.52 -8.38 -47.20
CA PRO C 454 -12.78 -7.90 -47.78
C PRO C 454 -13.39 -6.67 -47.11
N ASP C 455 -12.79 -6.14 -46.03
CA ASP C 455 -13.28 -4.94 -45.30
C ASP C 455 -13.60 -3.85 -46.33
N PRO C 456 -14.88 -3.43 -46.46
CA PRO C 456 -15.24 -2.35 -47.39
C PRO C 456 -14.59 -0.98 -47.11
N PHE C 457 -14.11 -0.72 -45.88
CA PHE C 457 -13.33 0.50 -45.56
C PHE C 457 -11.93 0.38 -46.16
N ALA C 458 -11.54 -0.80 -46.65
CA ALA C 458 -10.24 -0.99 -47.34
C ALA C 458 -10.18 -0.08 -48.57
N GLU C 459 -11.31 0.21 -49.23
CA GLU C 459 -11.40 1.08 -50.44
C GLU C 459 -11.25 2.57 -50.08
N ASP C 460 -11.41 2.93 -48.79
CA ASP C 460 -11.44 4.34 -48.31
C ASP C 460 -10.06 4.76 -47.78
N VAL C 461 -9.12 3.82 -47.64
CA VAL C 461 -7.79 4.11 -47.01
C VAL C 461 -6.77 4.37 -48.12
N ASP C 462 -5.81 5.27 -47.86
CA ASP C 462 -4.67 5.60 -48.76
C ASP C 462 -3.56 4.54 -48.67
N MET C 463 -3.38 3.94 -47.48
CA MET C 463 -2.39 2.87 -47.19
C MET C 463 -3.15 1.74 -46.50
N LEU C 464 -2.97 0.51 -46.97
CA LEU C 464 -3.79 -0.65 -46.52
C LEU C 464 -3.03 -1.35 -45.38
N ALA C 465 -3.55 -1.18 -44.16
CA ALA C 465 -2.89 -1.59 -42.90
C ALA C 465 -3.67 -2.76 -42.31
N CYS C 466 -2.99 -3.85 -41.99
CA CYS C 466 -3.62 -5.05 -41.42
C CYS C 466 -2.93 -5.40 -40.10
N ASN C 467 -3.73 -5.76 -39.10
CA ASN C 467 -3.26 -6.49 -37.88
C ASN C 467 -3.38 -7.98 -38.15
N GLU C 468 -2.37 -8.76 -37.79
CA GLU C 468 -2.43 -10.23 -37.92
C GLU C 468 -1.42 -10.85 -36.97
N TYR C 469 -1.86 -11.91 -36.32
CA TYR C 469 -1.12 -12.64 -35.26
C TYR C 469 -1.05 -14.11 -35.68
N ILE C 470 -0.69 -14.34 -36.94
CA ILE C 470 -0.73 -15.71 -37.52
C ILE C 470 0.14 -16.66 -36.69
N GLY C 471 1.33 -16.30 -36.21
CA GLY C 471 2.06 -17.38 -35.48
C GLY C 471 1.73 -17.48 -33.99
N TRP C 472 0.72 -16.73 -33.50
CA TRP C 472 0.54 -16.48 -32.04
C TRP C 472 -0.89 -16.75 -31.58
N TYR C 473 -1.91 -16.18 -32.22
CA TYR C 473 -3.33 -16.33 -31.82
C TYR C 473 -4.04 -17.37 -32.72
N SER C 474 -3.54 -17.62 -33.92
CA SER C 474 -4.06 -18.69 -34.83
C SER C 474 -2.87 -19.43 -35.44
N GLY C 475 -2.68 -20.69 -35.05
CA GLY C 475 -1.58 -21.54 -35.53
C GLY C 475 -0.29 -21.24 -34.80
N LEU C 476 0.60 -22.22 -34.83
CA LEU C 476 2.02 -22.11 -34.41
C LEU C 476 2.76 -21.35 -35.49
N PRO C 477 4.04 -20.94 -35.29
CA PRO C 477 4.76 -20.14 -36.28
C PRO C 477 4.96 -20.86 -37.63
N GLU C 478 4.95 -22.19 -37.65
CA GLU C 478 5.15 -22.92 -38.93
C GLU C 478 4.04 -22.53 -39.93
N LYS C 479 2.85 -22.15 -39.45
CA LYS C 479 1.69 -21.75 -40.31
C LYS C 479 2.07 -20.53 -41.16
N CYS C 480 3.05 -19.72 -40.74
CA CYS C 480 3.43 -18.44 -41.43
C CYS C 480 3.84 -18.70 -42.88
N ASP C 481 4.53 -19.82 -43.12
CA ASP C 481 5.14 -20.11 -44.43
C ASP C 481 4.19 -20.85 -45.37
N LYS C 482 3.08 -21.39 -44.87
CA LYS C 482 2.10 -22.14 -45.71
C LYS C 482 1.02 -21.18 -46.20
N VAL C 483 1.13 -19.89 -45.90
CA VAL C 483 0.04 -18.90 -46.13
C VAL C 483 0.37 -18.03 -47.34
N THR C 484 -0.66 -17.63 -48.06
CA THR C 484 -0.60 -16.82 -49.30
C THR C 484 -1.51 -15.59 -49.13
N TRP C 485 -0.98 -14.38 -49.35
CA TRP C 485 -1.74 -13.12 -49.15
C TRP C 485 -2.32 -12.67 -50.50
N GLN C 486 -3.62 -12.42 -50.55
CA GLN C 486 -4.30 -11.89 -51.77
C GLN C 486 -4.66 -10.43 -51.50
N LEU C 487 -3.98 -9.49 -52.16
CA LEU C 487 -4.09 -8.03 -51.88
C LEU C 487 -4.28 -7.23 -53.18
N PRO C 488 -4.83 -6.01 -53.14
CA PRO C 488 -4.82 -5.12 -54.30
C PRO C 488 -3.36 -4.88 -54.75
N GLU C 489 -3.15 -4.54 -56.03
CA GLU C 489 -1.78 -4.43 -56.64
C GLU C 489 -1.35 -2.98 -56.76
N ASP C 490 -2.25 -2.03 -56.45
CA ASP C 490 -2.14 -0.58 -56.78
C ASP C 490 -2.27 0.27 -55.51
N LYS C 491 -1.98 -0.31 -54.34
CA LYS C 491 -2.07 0.38 -53.03
C LYS C 491 -1.08 -0.22 -52.06
N PRO C 492 -0.29 0.61 -51.35
CA PRO C 492 0.68 0.13 -50.37
C PRO C 492 0.04 -0.79 -49.32
N PHE C 493 0.71 -1.89 -49.01
CA PHE C 493 0.31 -2.80 -47.92
C PHE C 493 1.23 -2.57 -46.71
N PHE C 494 0.63 -2.56 -45.52
CA PHE C 494 1.27 -2.18 -44.25
C PHE C 494 0.82 -3.16 -43.16
N VAL C 495 1.77 -3.72 -42.41
CA VAL C 495 1.40 -4.58 -41.25
C VAL C 495 1.45 -3.71 -40.01
N SER C 496 0.28 -3.22 -39.60
CA SER C 496 0.08 -2.32 -38.45
C SER C 496 0.30 -3.09 -37.14
N GLU C 497 0.10 -4.43 -37.10
CA GLU C 497 0.51 -5.29 -35.97
C GLU C 497 0.79 -6.74 -36.41
N PHE C 498 1.89 -7.31 -35.90
CA PHE C 498 2.05 -8.76 -35.64
C PHE C 498 2.96 -8.88 -34.43
N GLY C 499 2.98 -10.03 -33.75
CA GLY C 499 3.95 -10.27 -32.66
C GLY C 499 3.62 -11.49 -31.81
N GLY C 500 4.42 -11.67 -30.77
CA GLY C 500 4.21 -12.71 -29.76
C GLY C 500 4.65 -12.23 -28.39
N GLY C 501 4.06 -12.83 -27.36
CA GLY C 501 4.41 -12.62 -25.94
C GLY C 501 5.65 -13.38 -25.53
N ALA C 502 6.56 -12.73 -24.81
CA ALA C 502 7.71 -13.39 -24.15
C ALA C 502 8.00 -12.70 -22.82
N LEU C 503 8.10 -13.50 -21.76
CA LEU C 503 8.72 -13.05 -20.49
C LEU C 503 10.23 -12.94 -20.72
N TYR C 504 10.82 -11.75 -20.53
CA TYR C 504 12.28 -11.52 -20.62
C TYR C 504 13.00 -12.57 -19.77
N ASN C 505 13.91 -13.29 -20.40
CA ASN C 505 14.84 -14.24 -19.75
C ASN C 505 14.11 -15.50 -19.28
N HIS C 506 12.93 -15.78 -19.81
CA HIS C 506 12.37 -17.16 -19.81
C HIS C 506 12.90 -17.87 -21.05
N HIS C 507 13.72 -18.90 -20.86
CA HIS C 507 14.41 -19.62 -21.97
C HIS C 507 13.85 -21.04 -22.05
N GLY C 508 13.91 -21.60 -23.26
CA GLY C 508 13.30 -22.89 -23.60
C GLY C 508 13.57 -23.19 -25.05
N ASP C 509 12.92 -24.23 -25.57
CA ASP C 509 12.96 -24.51 -27.02
C ASP C 509 11.81 -23.72 -27.66
N LYS C 510 11.94 -23.44 -28.97
CA LYS C 510 11.12 -22.49 -29.76
C LYS C 510 9.63 -22.86 -29.80
N LEU C 511 9.23 -24.05 -29.34
CA LEU C 511 7.79 -24.41 -29.26
C LEU C 511 7.29 -24.29 -27.82
N THR C 512 8.14 -23.84 -26.89
CA THR C 512 7.71 -23.47 -25.51
C THR C 512 7.25 -22.00 -25.51
N ARG C 513 5.93 -21.80 -25.54
CA ARG C 513 5.34 -20.45 -25.65
C ARG C 513 5.72 -19.62 -24.42
N TRP C 514 5.95 -18.33 -24.62
CA TRP C 514 6.29 -17.31 -23.59
C TRP C 514 7.81 -17.28 -23.37
N THR C 515 8.57 -18.17 -24.01
CA THR C 515 10.05 -18.11 -23.95
C THR C 515 10.53 -17.07 -24.98
N GLU C 516 11.71 -16.51 -24.81
CA GLU C 516 12.35 -15.64 -25.82
C GLU C 516 12.43 -16.39 -27.15
N GLU C 517 12.72 -17.69 -27.13
CA GLU C 517 13.01 -18.49 -28.35
C GLU C 517 11.71 -18.69 -29.16
N TYR C 518 10.54 -18.84 -28.54
CA TYR C 518 9.27 -18.96 -29.31
C TYR C 518 8.99 -17.65 -30.08
N GLN C 519 9.24 -16.51 -29.43
CA GLN C 519 9.00 -15.16 -29.98
C GLN C 519 10.03 -14.88 -31.09
N GLU C 520 11.28 -15.29 -30.89
CA GLU C 520 12.38 -15.17 -31.91
C GLU C 520 11.98 -15.93 -33.19
N TYR C 521 11.66 -17.21 -33.03
CA TYR C 521 11.08 -18.13 -34.05
C TYR C 521 9.88 -17.47 -34.73
N LEU C 522 8.92 -16.96 -33.96
CA LEU C 522 7.71 -16.29 -34.53
C LEU C 522 8.17 -15.15 -35.47
N TYR C 523 9.09 -14.30 -35.02
CA TYR C 523 9.58 -13.13 -35.81
C TYR C 523 10.26 -13.62 -37.10
N GLN C 524 10.96 -14.76 -37.04
CA GLN C 524 11.68 -15.28 -38.24
C GLN C 524 10.62 -15.66 -39.28
N GLU C 525 9.59 -16.39 -38.87
CA GLU C 525 8.62 -16.99 -39.83
C GLU C 525 7.71 -15.88 -40.37
N GLN C 526 7.42 -14.91 -39.51
CA GLN C 526 6.56 -13.77 -39.84
C GLN C 526 7.27 -12.94 -40.92
N ILE C 527 8.56 -12.74 -40.81
CA ILE C 527 9.33 -11.94 -41.80
C ILE C 527 9.39 -12.73 -43.11
N LYS C 528 9.81 -14.01 -43.08
CA LYS C 528 9.71 -14.95 -44.23
C LYS C 528 8.36 -14.75 -44.92
N MET C 529 7.24 -14.81 -44.19
CA MET C 529 5.88 -14.71 -44.78
C MET C 529 5.74 -13.35 -45.49
N LEU C 530 6.18 -12.26 -44.84
CA LEU C 530 5.88 -10.87 -45.27
C LEU C 530 6.81 -10.42 -46.41
N LYS C 531 8.03 -10.95 -46.48
CA LYS C 531 8.93 -10.75 -47.64
C LYS C 531 8.26 -11.19 -48.95
N LYS C 532 7.35 -12.18 -48.95
CA LYS C 532 6.78 -12.72 -50.22
C LYS C 532 5.80 -11.71 -50.83
N ILE C 533 5.19 -10.82 -50.04
CA ILE C 533 4.10 -9.90 -50.51
C ILE C 533 4.75 -8.73 -51.28
N PRO C 534 4.48 -8.61 -52.61
CA PRO C 534 5.13 -7.57 -53.42
C PRO C 534 4.66 -6.15 -53.07
N THR C 535 3.42 -5.97 -52.57
CA THR C 535 2.83 -4.63 -52.25
C THR C 535 3.27 -4.12 -50.87
N LEU C 536 4.15 -4.84 -50.15
CA LEU C 536 4.55 -4.48 -48.75
C LEU C 536 5.45 -3.24 -48.76
N ARG C 537 5.06 -2.20 -48.02
CA ARG C 537 5.86 -0.94 -47.93
C ARG C 537 6.11 -0.52 -46.48
N GLY C 538 5.76 -1.38 -45.51
CA GLY C 538 6.21 -1.19 -44.13
C GLY C 538 5.45 -2.02 -43.11
N MET C 539 5.98 -2.03 -41.89
CA MET C 539 5.36 -2.69 -40.71
C MET C 539 5.66 -1.91 -39.43
N THR C 540 4.78 -2.04 -38.45
CA THR C 540 4.94 -1.58 -37.05
C THR C 540 4.56 -2.74 -36.12
N PRO C 541 5.47 -3.71 -35.93
CA PRO C 541 5.13 -4.88 -35.13
C PRO C 541 4.77 -4.48 -33.70
N TRP C 542 4.08 -5.39 -33.00
CA TRP C 542 3.50 -5.20 -31.64
C TRP C 542 4.35 -5.99 -30.64
N ILE C 543 5.14 -5.32 -29.77
CA ILE C 543 5.30 -3.87 -29.66
C ILE C 543 6.75 -3.60 -29.23
N LEU C 544 7.16 -2.33 -29.14
CA LEU C 544 8.57 -1.98 -28.81
C LEU C 544 8.96 -2.49 -27.40
N VAL C 545 8.04 -2.39 -26.45
CA VAL C 545 8.34 -2.56 -25.00
C VAL C 545 7.07 -3.02 -24.27
N ASP C 546 7.23 -3.94 -23.32
CA ASP C 546 6.12 -4.47 -22.49
C ASP C 546 5.32 -3.27 -21.97
N PHE C 547 4.00 -3.40 -21.87
CA PHE C 547 3.12 -2.32 -21.36
C PHE C 547 1.98 -2.91 -20.54
N ARG C 548 1.36 -2.08 -19.70
CA ARG C 548 0.36 -2.54 -18.69
C ARG C 548 -1.00 -2.74 -19.35
N SER C 549 -1.60 -3.90 -19.13
CA SER C 549 -2.99 -4.21 -19.55
C SER C 549 -3.62 -5.09 -18.48
N PRO C 550 -4.83 -4.72 -18.00
CA PRO C 550 -5.56 -5.54 -17.05
C PRO C 550 -6.30 -6.70 -17.72
N ARG C 551 -6.12 -6.86 -19.04
CA ARG C 551 -6.59 -8.04 -19.80
C ARG C 551 -5.55 -9.17 -19.73
N ARG C 552 -4.34 -8.88 -19.23
CA ARG C 552 -3.21 -9.85 -19.17
C ARG C 552 -2.94 -10.32 -17.74
N ASN C 553 -3.65 -11.35 -17.28
CA ASN C 553 -3.69 -11.82 -15.87
C ASN C 553 -3.01 -13.19 -15.68
N LEU C 554 -2.13 -13.61 -16.58
CA LEU C 554 -1.39 -14.88 -16.40
C LEU C 554 -0.26 -14.62 -15.39
N PRO C 555 -0.34 -15.23 -14.18
CA PRO C 555 0.64 -14.99 -13.11
C PRO C 555 2.03 -15.47 -13.53
N ILE C 556 3.09 -14.82 -13.06
CA ILE C 556 4.51 -15.14 -13.39
C ILE C 556 4.83 -14.67 -14.80
N ILE C 557 4.01 -15.02 -15.79
CA ILE C 557 4.28 -14.63 -17.20
C ILE C 557 3.93 -13.14 -17.41
N GLN C 558 2.69 -12.71 -17.09
CA GLN C 558 2.21 -11.35 -17.48
C GLN C 558 2.19 -10.42 -16.27
N ASP C 559 1.47 -10.81 -15.21
CA ASP C 559 1.36 -10.00 -13.97
C ASP C 559 0.88 -8.61 -14.38
N GLY C 560 -0.15 -8.53 -15.21
CA GLY C 560 -0.75 -7.26 -15.65
C GLY C 560 0.01 -6.60 -16.80
N TRP C 561 0.99 -7.28 -17.38
CA TRP C 561 1.80 -6.77 -18.51
C TRP C 561 1.39 -7.50 -19.78
N ASN C 562 1.16 -6.77 -20.86
CA ASN C 562 1.30 -7.27 -22.25
C ASN C 562 2.77 -7.57 -22.49
N ARG C 563 3.11 -8.80 -22.89
CA ARG C 563 4.52 -9.26 -22.93
C ARG C 563 5.05 -9.32 -24.36
N LYS C 564 4.39 -8.65 -25.31
CA LYS C 564 4.77 -8.68 -26.74
C LYS C 564 5.81 -7.60 -27.06
N GLY C 565 6.38 -6.96 -26.04
CA GLY C 565 7.54 -6.06 -26.20
C GLY C 565 8.75 -6.79 -26.79
N LEU C 566 9.55 -6.09 -27.60
CA LEU C 566 10.91 -6.55 -27.97
C LEU C 566 11.86 -6.19 -26.83
N ILE C 567 11.40 -5.25 -26.00
CA ILE C 567 12.13 -4.81 -24.78
C ILE C 567 11.26 -5.18 -23.57
N SER C 568 11.92 -5.60 -22.50
CA SER C 568 11.31 -5.99 -21.20
C SER C 568 10.83 -4.73 -20.49
N ASP C 569 9.91 -4.91 -19.54
CA ASP C 569 9.44 -3.83 -18.63
C ASP C 569 10.63 -3.13 -17.96
N GLY C 570 11.75 -3.84 -17.75
CA GLY C 570 12.97 -3.30 -17.09
C GLY C 570 13.88 -2.59 -18.08
N GLY C 571 13.55 -2.64 -19.37
CA GLY C 571 14.30 -1.96 -20.44
C GLY C 571 15.39 -2.84 -21.03
N PHE C 572 15.24 -4.17 -21.02
CA PHE C 572 16.25 -5.13 -21.56
C PHE C 572 15.73 -5.82 -22.82
N LYS C 573 16.59 -5.91 -23.86
CA LYS C 573 16.30 -6.51 -25.19
C LYS C 573 16.18 -8.04 -25.11
N LYS C 574 15.11 -8.56 -25.70
CA LYS C 574 14.79 -9.99 -25.90
C LYS C 574 15.40 -10.41 -27.24
N LYS C 575 15.47 -11.70 -27.59
CA LYS C 575 16.25 -12.09 -28.80
C LYS C 575 15.55 -11.54 -30.03
N ALA C 576 14.21 -11.58 -30.04
CA ALA C 576 13.35 -11.14 -31.15
C ALA C 576 13.81 -9.77 -31.67
N PHE C 577 14.22 -8.86 -30.78
CA PHE C 577 14.73 -7.51 -31.11
C PHE C 577 15.69 -7.59 -32.30
N HIS C 578 16.67 -8.51 -32.21
CA HIS C 578 17.82 -8.63 -33.15
C HIS C 578 17.35 -9.18 -34.50
N VAL C 579 16.30 -10.00 -34.53
CA VAL C 579 15.70 -10.52 -35.79
C VAL C 579 15.10 -9.33 -36.55
N LEU C 580 14.32 -8.47 -35.89
CA LEU C 580 13.67 -7.35 -36.60
C LEU C 580 14.78 -6.40 -37.03
N LYS C 581 15.78 -6.19 -36.18
CA LYS C 581 16.86 -5.19 -36.43
C LYS C 581 17.56 -5.58 -37.74
N ALA C 582 17.83 -6.88 -37.91
CA ALA C 582 18.66 -7.43 -39.01
C ALA C 582 17.88 -7.30 -40.31
N TYR C 583 16.57 -7.56 -40.29
CA TYR C 583 15.64 -7.31 -41.43
C TYR C 583 15.65 -5.81 -41.73
N TYR C 584 15.50 -4.95 -40.73
CA TYR C 584 15.48 -3.48 -40.94
C TYR C 584 16.83 -3.00 -41.53
N ASP C 585 17.99 -3.54 -41.11
CA ASP C 585 19.31 -3.20 -41.72
C ASP C 585 19.26 -3.48 -43.24
N GLU C 586 18.57 -4.55 -43.62
CA GLU C 586 18.60 -5.11 -45.00
C GLU C 586 17.69 -4.21 -45.86
N MET C 587 16.51 -3.84 -45.34
CA MET C 587 15.54 -2.93 -46.01
C MET C 587 16.08 -1.49 -46.07
N GLU C 588 16.93 -1.07 -45.12
CA GLU C 588 17.54 0.28 -45.23
C GLU C 588 18.31 0.32 -46.56
N LYS C 589 19.13 -0.71 -46.82
CA LYS C 589 20.02 -0.82 -48.00
C LYS C 589 19.18 -1.00 -49.26
N LYS C 590 18.18 -1.88 -49.22
CA LYS C 590 17.28 -2.12 -50.38
C LYS C 590 16.75 -0.76 -50.89
N TYR C 591 16.20 0.06 -49.98
CA TYR C 591 15.54 1.36 -50.29
C TYR C 591 16.46 2.55 -50.00
N ASN C 592 17.78 2.39 -50.09
CA ASN C 592 18.76 3.51 -49.98
C ASN C 592 18.38 4.53 -51.06
N TYR C 593 18.72 5.80 -50.90
CA TYR C 593 18.43 6.85 -51.92
C TYR C 593 19.26 8.12 -51.64
N GLN C 594 19.73 8.76 -52.71
CA GLN C 594 20.44 10.06 -52.69
C GLN C 594 19.42 11.19 -52.62
N ILE C 595 19.60 12.08 -51.63
CA ILE C 595 18.79 13.30 -51.40
C ILE C 595 19.22 14.35 -52.45
N LYS C 596 18.27 14.83 -53.26
CA LYS C 596 18.47 15.68 -54.47
C LYS C 596 19.91 15.51 -54.98
N THR D 2 -33.56 -20.51 -7.09
CA THR D 2 -33.84 -21.59 -6.08
C THR D 2 -34.30 -20.94 -4.77
N PRO D 3 -35.33 -21.46 -4.07
CA PRO D 3 -35.74 -20.87 -2.78
C PRO D 3 -34.63 -21.04 -1.72
N LEU D 4 -34.63 -20.15 -0.72
CA LEU D 4 -33.70 -20.15 0.43
C LEU D 4 -34.11 -21.26 1.41
N LEU D 5 -33.26 -22.28 1.60
CA LEU D 5 -33.37 -23.33 2.66
C LEU D 5 -33.51 -22.65 4.03
N GLN D 6 -34.63 -22.85 4.73
CA GLN D 6 -34.86 -22.28 6.09
C GLN D 6 -33.90 -22.96 7.07
N ASN D 7 -33.34 -22.16 7.97
CA ASN D 7 -32.63 -22.65 9.20
C ASN D 7 -31.40 -23.50 8.83
N VAL D 8 -30.70 -23.12 7.75
CA VAL D 8 -29.32 -23.62 7.47
C VAL D 8 -28.42 -23.29 8.68
N TYR D 9 -28.71 -22.21 9.39
CA TYR D 9 -28.01 -21.79 10.63
C TYR D 9 -27.84 -23.01 11.53
N ASN D 10 -28.88 -23.85 11.69
CA ASN D 10 -28.85 -25.07 12.54
C ASN D 10 -28.57 -26.35 11.73
N ARG D 11 -28.36 -26.29 10.41
CA ARG D 11 -28.05 -27.53 9.62
C ARG D 11 -26.54 -27.82 9.67
N GLU D 12 -26.15 -29.10 9.74
CA GLU D 12 -24.74 -29.56 9.62
C GLU D 12 -24.19 -29.00 8.29
N SER D 13 -22.97 -28.46 8.27
CA SER D 13 -22.35 -27.75 7.11
C SER D 13 -20.90 -28.18 6.91
N THR D 14 -20.40 -28.11 5.67
CA THR D 14 -18.95 -28.05 5.39
C THR D 14 -18.60 -26.63 4.95
N LEU D 15 -17.97 -25.84 5.83
CA LEU D 15 -17.49 -24.47 5.52
C LEU D 15 -16.46 -24.56 4.40
N LEU D 16 -16.58 -23.69 3.40
CA LEU D 16 -15.55 -23.54 2.34
C LEU D 16 -14.70 -22.30 2.65
N ASN D 17 -14.86 -21.73 3.85
CA ASN D 17 -14.05 -20.57 4.27
C ASN D 17 -12.58 -20.93 4.26
N GLY D 18 -11.75 -19.91 4.06
CA GLY D 18 -10.29 -20.00 4.09
C GLY D 18 -9.67 -18.99 3.16
N ASN D 19 -8.51 -19.35 2.61
CA ASN D 19 -7.72 -18.55 1.63
C ASN D 19 -8.09 -19.07 0.24
N TRP D 20 -8.61 -18.19 -0.64
CA TRP D 20 -8.98 -18.57 -2.03
C TRP D 20 -8.04 -17.87 -3.01
N LYS D 21 -8.00 -18.34 -4.26
CA LYS D 21 -7.27 -17.69 -5.37
C LYS D 21 -8.14 -16.55 -5.92
N TYR D 22 -7.53 -15.54 -6.49
CA TYR D 22 -8.32 -14.40 -7.03
C TYR D 22 -7.53 -13.72 -8.15
N VAL D 23 -8.29 -12.98 -8.95
CA VAL D 23 -7.85 -12.16 -10.11
C VAL D 23 -8.80 -10.95 -10.20
N ILE D 24 -8.24 -9.74 -10.17
CA ILE D 24 -8.99 -8.48 -10.38
C ILE D 24 -9.23 -8.38 -11.88
N ASP D 25 -10.47 -8.17 -12.33
CA ASP D 25 -10.87 -8.31 -13.77
C ASP D 25 -11.74 -7.13 -14.18
N PRO D 26 -11.19 -5.89 -14.13
CA PRO D 26 -12.00 -4.68 -14.34
C PRO D 26 -12.75 -4.64 -15.68
N TYR D 27 -12.10 -5.01 -16.78
CA TYR D 27 -12.69 -5.03 -18.14
C TYR D 27 -13.33 -6.39 -18.42
N GLU D 28 -13.59 -7.20 -17.39
CA GLU D 28 -14.44 -8.43 -17.47
C GLU D 28 -13.90 -9.36 -18.56
N THR D 29 -12.59 -9.38 -18.72
CA THR D 29 -11.82 -10.19 -19.71
C THR D 29 -12.21 -11.67 -19.56
N GLY D 30 -12.46 -12.11 -18.32
CA GLY D 30 -12.71 -13.52 -18.00
C GLY D 30 -14.15 -13.92 -18.15
N TYR D 31 -15.07 -12.94 -18.22
CA TYR D 31 -16.55 -13.16 -18.19
C TYR D 31 -17.16 -12.91 -19.58
N ARG D 32 -16.61 -11.97 -20.36
CA ARG D 32 -17.28 -11.48 -21.59
C ARG D 32 -16.30 -11.46 -22.75
N ASN D 33 -16.81 -11.75 -23.95
CA ASN D 33 -16.11 -11.49 -25.23
C ASN D 33 -15.84 -10.00 -25.32
N HIS D 34 -14.58 -9.63 -25.53
CA HIS D 34 -14.04 -8.25 -25.50
C HIS D 34 -14.48 -7.46 -26.74
N ARG D 35 -14.95 -8.14 -27.81
CA ARG D 35 -15.39 -7.49 -29.08
C ARG D 35 -16.88 -7.12 -29.01
N ASN D 36 -17.75 -7.98 -28.46
CA ASN D 36 -19.21 -7.77 -28.57
C ASN D 36 -19.88 -7.66 -27.20
N TRP D 37 -19.15 -7.97 -26.12
CA TRP D 37 -19.53 -7.77 -24.69
C TRP D 37 -20.50 -8.88 -24.22
N ILE D 38 -20.60 -10.00 -24.95
CA ILE D 38 -21.50 -11.14 -24.61
C ILE D 38 -20.82 -12.00 -23.56
N PRO D 39 -21.48 -12.27 -22.42
CA PRO D 39 -20.94 -13.23 -21.46
C PRO D 39 -20.65 -14.54 -22.19
N PHE D 40 -19.48 -15.12 -21.97
CA PHE D 40 -19.11 -16.48 -22.43
C PHE D 40 -20.12 -17.52 -21.93
N ASP D 41 -20.76 -17.26 -20.79
CA ASP D 41 -21.93 -18.01 -20.21
C ASP D 41 -22.93 -18.45 -21.26
N GLN D 42 -23.23 -17.60 -22.25
CA GLN D 42 -24.44 -17.70 -23.09
C GLN D 42 -24.08 -18.29 -24.46
N MET D 43 -23.02 -19.12 -24.49
CA MET D 43 -22.40 -19.73 -25.68
C MET D 43 -22.07 -21.20 -25.34
N ALA D 50 -11.71 -22.43 -23.54
CA ALA D 50 -10.56 -22.10 -22.64
C ALA D 50 -10.55 -20.62 -22.24
N LYS D 51 -11.09 -19.72 -23.07
CA LYS D 51 -11.12 -18.25 -22.86
C LYS D 51 -11.77 -17.90 -21.52
N PRO D 52 -12.94 -18.48 -21.13
CA PRO D 52 -13.64 -18.05 -19.93
C PRO D 52 -12.81 -18.46 -18.70
N TYR D 53 -12.72 -17.59 -17.70
CA TYR D 53 -11.93 -17.86 -16.47
C TYR D 53 -12.58 -19.03 -15.73
N TYR D 54 -13.91 -19.10 -15.76
CA TYR D 54 -14.67 -20.14 -15.00
C TYR D 54 -14.29 -21.55 -15.46
N THR D 55 -13.59 -21.75 -16.59
CA THR D 55 -13.28 -23.12 -17.11
C THR D 55 -12.03 -23.66 -16.39
N ASP D 56 -11.28 -22.78 -15.74
CA ASP D 56 -10.21 -23.14 -14.77
C ASP D 56 -9.29 -24.18 -15.43
N LYS D 57 -8.95 -23.92 -16.69
CA LYS D 57 -8.06 -24.76 -17.53
C LYS D 57 -6.60 -24.51 -17.17
N VAL D 58 -5.72 -25.45 -17.52
CA VAL D 58 -4.25 -25.29 -17.57
C VAL D 58 -3.78 -25.86 -18.90
N ILE D 59 -2.68 -25.35 -19.44
CA ILE D 59 -2.08 -25.86 -20.70
C ILE D 59 -1.93 -27.37 -20.59
N LYS D 60 -2.06 -28.06 -21.72
CA LYS D 60 -1.71 -29.50 -21.88
C LYS D 60 -0.33 -29.56 -22.54
N GLU D 61 -0.18 -28.96 -23.72
CA GLU D 61 1.09 -28.96 -24.48
C GLU D 61 1.79 -27.63 -24.21
N ARG D 62 3.12 -27.61 -24.28
CA ARG D 62 3.95 -26.43 -23.95
C ARG D 62 3.75 -25.31 -24.99
N TRP D 63 3.16 -25.60 -26.15
CA TRP D 63 2.88 -24.60 -27.23
C TRP D 63 1.47 -24.00 -27.08
N ASP D 64 0.69 -24.47 -26.12
CA ASP D 64 -0.67 -23.96 -25.82
C ASP D 64 -0.56 -22.59 -25.13
N ARG D 65 -1.66 -21.87 -25.10
CA ARG D 65 -1.75 -20.49 -24.59
C ARG D 65 -3.06 -20.37 -23.79
N VAL D 66 -2.97 -20.25 -22.47
CA VAL D 66 -4.11 -19.82 -21.59
C VAL D 66 -3.64 -18.62 -20.75
N GLU D 67 -4.36 -17.49 -20.81
CA GLU D 67 -3.87 -16.18 -20.28
C GLU D 67 -4.42 -15.94 -18.87
N TYR D 68 -4.45 -17.01 -18.08
CA TYR D 68 -4.82 -17.01 -16.64
C TYR D 68 -4.38 -18.36 -16.08
N ASN D 69 -4.18 -18.42 -14.77
CA ASN D 69 -3.78 -19.65 -14.05
C ASN D 69 -4.07 -19.46 -12.57
N PHE D 70 -5.23 -19.94 -12.14
CA PHE D 70 -5.69 -19.80 -10.74
C PHE D 70 -4.76 -20.57 -9.81
N ASN D 71 -4.04 -21.59 -10.28
CA ASN D 71 -3.13 -22.40 -9.43
C ASN D 71 -2.02 -21.49 -8.91
N THR D 72 -1.60 -20.49 -9.68
CA THR D 72 -0.43 -19.63 -9.32
C THR D 72 -0.86 -18.19 -9.01
N SER D 73 -2.18 -17.95 -8.88
CA SER D 73 -2.77 -16.60 -8.72
C SER D 73 -2.55 -16.15 -7.27
N ALA D 74 -2.70 -14.87 -6.98
CA ALA D 74 -2.61 -14.31 -5.61
C ALA D 74 -3.79 -14.84 -4.77
N GLU D 75 -3.67 -14.74 -3.45
CA GLU D 75 -4.68 -15.32 -2.52
C GLU D 75 -5.32 -14.20 -1.70
N ILE D 76 -6.57 -14.41 -1.29
CA ILE D 76 -7.38 -13.47 -0.47
C ILE D 76 -8.15 -14.30 0.57
N LYS D 77 -8.56 -13.68 1.69
CA LYS D 77 -9.33 -14.36 2.76
C LYS D 77 -10.81 -14.42 2.36
N VAL D 78 -11.44 -15.59 2.51
CA VAL D 78 -12.92 -15.78 2.48
C VAL D 78 -13.40 -16.41 3.80
N PRO D 79 -14.42 -15.84 4.46
CA PRO D 79 -15.07 -14.60 4.01
C PRO D 79 -14.43 -13.28 4.46
N GLY D 80 -14.96 -12.19 3.88
CA GLY D 80 -14.65 -10.80 4.23
C GLY D 80 -14.79 -9.90 3.03
N ASP D 81 -15.17 -8.64 3.22
CA ASP D 81 -15.03 -7.66 2.10
C ASP D 81 -13.59 -7.71 1.59
N TRP D 82 -13.40 -7.42 0.31
CA TRP D 82 -12.05 -7.31 -0.28
C TRP D 82 -11.39 -5.98 0.08
N ASN D 83 -12.18 -4.93 0.30
CA ASN D 83 -11.69 -3.54 0.39
C ASN D 83 -10.65 -3.41 1.51
N SER D 84 -10.85 -4.12 2.60
CA SER D 84 -10.12 -3.94 3.88
C SER D 84 -8.91 -4.86 3.93
N GLN D 85 -8.73 -5.70 2.89
CA GLN D 85 -7.66 -6.73 2.85
C GLN D 85 -6.39 -6.20 2.19
N ASP D 86 -6.50 -5.11 1.40
CA ASP D 86 -5.36 -4.53 0.65
C ASP D 86 -5.67 -3.07 0.27
N ARG D 87 -4.70 -2.18 0.49
CA ARG D 87 -4.83 -0.74 0.10
C ARG D 87 -5.35 -0.66 -1.33
N MET D 88 -4.86 -1.57 -2.18
CA MET D 88 -5.12 -1.64 -3.64
C MET D 88 -6.62 -1.87 -3.91
N LEU D 89 -7.31 -2.56 -2.99
CA LEU D 89 -8.73 -2.96 -3.11
C LEU D 89 -9.68 -1.98 -2.39
N LEU D 90 -9.15 -1.04 -1.62
CA LEU D 90 -9.96 -0.18 -0.72
C LEU D 90 -11.11 0.45 -1.52
N TYR D 91 -10.79 1.00 -2.70
CA TYR D 91 -11.71 1.76 -3.57
C TYR D 91 -12.13 0.93 -4.79
N TYR D 92 -11.81 -0.38 -4.83
CA TYR D 92 -12.08 -1.20 -6.03
C TYR D 92 -13.58 -1.46 -6.18
N GLU D 93 -14.09 -1.01 -7.32
CA GLU D 93 -15.50 -1.18 -7.75
C GLU D 93 -15.47 -1.90 -9.11
N GLY D 94 -15.94 -3.13 -9.19
CA GLY D 94 -15.76 -3.97 -10.38
C GLY D 94 -15.87 -5.45 -10.07
N SER D 95 -15.41 -6.29 -10.97
CA SER D 95 -15.51 -7.77 -10.84
C SER D 95 -14.17 -8.35 -10.39
N LEU D 96 -14.25 -9.45 -9.65
CA LEU D 96 -13.11 -10.13 -9.04
C LEU D 96 -13.44 -11.62 -9.02
N TRP D 97 -12.51 -12.47 -9.42
CA TRP D 97 -12.70 -13.94 -9.50
C TRP D 97 -12.15 -14.56 -8.23
N TYR D 98 -12.99 -15.23 -7.46
CA TYR D 98 -12.55 -16.11 -6.34
C TYR D 98 -12.52 -17.54 -6.88
N ARG D 99 -11.51 -18.32 -6.50
CA ARG D 99 -11.41 -19.75 -6.89
C ARG D 99 -10.92 -20.55 -5.69
N THR D 100 -11.51 -21.72 -5.47
CA THR D 100 -10.96 -22.74 -4.55
C THR D 100 -11.28 -24.14 -5.09
N LYS D 101 -10.69 -25.16 -4.48
CA LYS D 101 -10.96 -26.59 -4.77
C LYS D 101 -11.49 -27.26 -3.49
N PHE D 102 -12.39 -28.23 -3.63
CA PHE D 102 -12.87 -29.07 -2.51
C PHE D 102 -13.11 -30.51 -2.95
N ASP D 103 -13.22 -31.38 -1.94
CA ASP D 103 -13.54 -32.81 -2.05
C ASP D 103 -14.84 -33.02 -1.28
N TYR D 104 -15.86 -33.60 -1.91
CA TYR D 104 -17.11 -33.98 -1.22
C TYR D 104 -17.70 -35.23 -1.87
N THR D 105 -17.64 -36.34 -1.15
CA THR D 105 -18.37 -37.59 -1.49
C THR D 105 -19.80 -37.43 -0.99
N ILE D 106 -20.79 -37.25 -1.88
CA ILE D 106 -22.24 -37.27 -1.49
C ILE D 106 -22.64 -38.70 -1.09
N THR D 107 -23.45 -38.82 -0.02
CA THR D 107 -24.03 -40.12 0.46
C THR D 107 -25.33 -40.42 -0.30
N ASP D 108 -25.42 -41.62 -0.88
CA ASP D 108 -26.65 -42.23 -1.48
C ASP D 108 -27.20 -41.23 -2.50
N ASN D 109 -28.51 -40.95 -2.47
CA ASN D 109 -29.16 -39.99 -3.40
C ASN D 109 -29.58 -38.76 -2.61
N ASN D 110 -28.69 -38.29 -1.72
CA ASN D 110 -28.78 -37.00 -0.98
C ASN D 110 -28.50 -35.83 -1.94
N ARG D 111 -29.07 -34.66 -1.66
CA ARG D 111 -28.83 -33.43 -2.46
C ARG D 111 -27.76 -32.57 -1.75
N LEU D 112 -26.83 -32.00 -2.52
CA LEU D 112 -25.77 -31.07 -2.04
C LEU D 112 -26.04 -29.64 -2.54
N PHE D 113 -26.12 -28.69 -1.61
CA PHE D 113 -26.30 -27.24 -1.90
C PHE D 113 -25.01 -26.51 -1.56
N ILE D 114 -24.64 -25.51 -2.36
CA ILE D 114 -23.73 -24.41 -1.90
C ILE D 114 -24.61 -23.25 -1.39
N TYR D 115 -24.26 -22.74 -0.21
CA TYR D 115 -25.01 -21.71 0.53
C TYR D 115 -24.08 -20.51 0.76
N PHE D 116 -24.53 -19.32 0.38
CA PHE D 116 -23.80 -18.03 0.57
C PHE D 116 -24.59 -17.19 1.56
N GLY D 117 -23.98 -16.68 2.62
CA GLY D 117 -24.65 -15.76 3.57
C GLY D 117 -24.91 -14.42 2.90
N ALA D 118 -23.98 -14.00 2.03
CA ALA D 118 -24.06 -12.76 1.23
C ALA D 118 -22.80 -12.60 0.36
N ALA D 119 -22.96 -11.86 -0.75
CA ALA D 119 -21.85 -11.41 -1.62
C ALA D 119 -22.33 -10.18 -2.40
N ASN D 120 -21.56 -9.08 -2.31
CA ASN D 120 -21.92 -7.77 -2.90
C ASN D 120 -21.20 -7.60 -4.22
N TYR D 121 -21.92 -7.40 -5.35
CA TYR D 121 -23.36 -7.25 -5.44
C TYR D 121 -23.94 -8.33 -6.36
N GLN D 122 -23.29 -8.56 -7.51
CA GLN D 122 -23.70 -9.63 -8.46
C GLN D 122 -22.78 -10.85 -8.30
N THR D 123 -23.36 -12.03 -8.00
CA THR D 123 -22.58 -13.28 -7.83
C THR D 123 -22.93 -14.27 -8.93
N ASP D 124 -21.91 -14.79 -9.61
CA ASP D 124 -22.02 -15.81 -10.68
C ASP D 124 -21.15 -16.97 -10.24
N VAL D 125 -21.73 -18.15 -10.07
CA VAL D 125 -21.04 -19.31 -9.43
C VAL D 125 -20.93 -20.43 -10.44
N TYR D 126 -19.80 -21.14 -10.47
CA TYR D 126 -19.50 -22.23 -11.42
C TYR D 126 -18.85 -23.39 -10.65
N VAL D 127 -19.19 -24.62 -11.01
CA VAL D 127 -18.56 -25.84 -10.44
C VAL D 127 -18.02 -26.66 -11.61
N ASN D 128 -16.74 -27.03 -11.58
CA ASN D 128 -16.11 -27.82 -12.66
C ASN D 128 -16.57 -27.26 -14.01
N GLY D 129 -16.48 -25.93 -14.19
CA GLY D 129 -16.66 -25.24 -15.48
C GLY D 129 -18.12 -25.07 -15.90
N GLN D 130 -19.08 -25.41 -15.04
CA GLN D 130 -20.53 -25.36 -15.40
C GLN D 130 -21.24 -24.37 -14.50
N LYS D 131 -22.00 -23.46 -15.10
CA LYS D 131 -22.69 -22.41 -14.32
C LYS D 131 -23.79 -23.05 -13.47
N VAL D 132 -23.91 -22.59 -12.23
CA VAL D 132 -24.74 -23.25 -11.21
C VAL D 132 -25.82 -22.29 -10.71
N GLY D 133 -25.69 -20.99 -10.96
CA GLY D 133 -26.62 -19.97 -10.42
C GLY D 133 -26.07 -18.55 -10.52
N GLN D 134 -26.94 -17.57 -10.36
CA GLN D 134 -26.60 -16.12 -10.34
C GLN D 134 -27.40 -15.46 -9.20
N HIS D 135 -26.83 -14.48 -8.49
CA HIS D 135 -27.59 -13.72 -7.46
C HIS D 135 -27.40 -12.20 -7.60
N LEU D 136 -28.48 -11.45 -7.44
CA LEU D 136 -28.50 -9.97 -7.35
C LEU D 136 -28.94 -9.62 -5.94
N GLY D 137 -28.22 -8.68 -5.32
CA GLY D 137 -28.38 -8.33 -3.91
C GLY D 137 -27.13 -8.67 -3.15
N GLY D 138 -26.60 -7.70 -2.40
CA GLY D 138 -25.26 -7.80 -1.79
C GLY D 138 -25.32 -8.24 -0.34
N PHE D 139 -26.53 -8.29 0.23
CA PHE D 139 -26.71 -8.50 1.69
C PHE D 139 -27.70 -9.63 2.02
N ASP D 140 -28.23 -10.36 1.04
CA ASP D 140 -29.22 -11.43 1.31
C ASP D 140 -28.63 -12.76 0.84
N PRO D 141 -28.84 -13.87 1.57
CA PRO D 141 -28.27 -15.17 1.18
C PRO D 141 -28.93 -15.87 -0.02
N PHE D 142 -28.32 -16.98 -0.45
CA PHE D 142 -28.75 -17.74 -1.65
C PHE D 142 -28.06 -19.09 -1.67
N ASN D 143 -28.69 -20.06 -2.31
CA ASN D 143 -28.20 -21.47 -2.35
C ASN D 143 -28.49 -22.03 -3.74
N PHE D 144 -27.58 -22.85 -4.25
CA PHE D 144 -27.69 -23.51 -5.57
C PHE D 144 -27.51 -25.02 -5.41
N ASP D 145 -28.44 -25.81 -5.95
CA ASP D 145 -28.33 -27.29 -5.98
C ASP D 145 -27.16 -27.60 -6.94
N ILE D 146 -26.11 -28.25 -6.45
CA ILE D 146 -24.89 -28.57 -7.25
C ILE D 146 -24.69 -30.08 -7.31
N THR D 147 -25.71 -30.86 -6.97
CA THR D 147 -25.67 -32.34 -6.84
C THR D 147 -25.17 -33.01 -8.14
N ASN D 148 -25.60 -32.49 -9.29
CA ASN D 148 -25.36 -33.11 -10.62
C ASN D 148 -23.98 -32.72 -11.18
N VAL D 149 -23.30 -31.72 -10.63
CA VAL D 149 -22.06 -31.16 -11.24
C VAL D 149 -20.83 -31.47 -10.38
N VAL D 150 -20.99 -31.89 -9.12
CA VAL D 150 -19.81 -32.22 -8.27
C VAL D 150 -19.34 -33.64 -8.57
N LYS D 151 -18.08 -33.90 -8.25
CA LYS D 151 -17.48 -35.25 -8.19
C LYS D 151 -16.80 -35.32 -6.83
N PRO D 152 -16.47 -36.52 -6.31
CA PRO D 152 -15.89 -36.62 -4.96
C PRO D 152 -14.51 -35.96 -4.76
N LYS D 153 -13.69 -35.81 -5.81
CA LYS D 153 -12.28 -35.33 -5.71
C LYS D 153 -12.03 -34.11 -6.62
N ASP D 154 -11.24 -33.15 -6.13
CA ASP D 154 -10.65 -32.03 -6.92
C ASP D 154 -11.72 -31.24 -7.70
N ASN D 155 -12.75 -30.73 -7.03
CA ASN D 155 -13.79 -29.84 -7.64
C ASN D 155 -13.32 -28.38 -7.74
N SER D 156 -13.40 -27.81 -8.94
CA SER D 156 -13.18 -26.37 -9.19
C SER D 156 -14.39 -25.57 -8.71
N LEU D 157 -14.24 -24.69 -7.73
CA LEU D 157 -15.32 -23.74 -7.34
C LEU D 157 -14.91 -22.34 -7.80
N MET D 158 -15.64 -21.77 -8.75
CA MET D 158 -15.34 -20.42 -9.30
C MET D 158 -16.50 -19.50 -8.96
N VAL D 159 -16.26 -18.46 -8.15
CA VAL D 159 -17.35 -17.49 -7.84
C VAL D 159 -16.87 -16.08 -8.17
N ARG D 160 -17.54 -15.51 -9.15
CA ARG D 160 -17.29 -14.13 -9.62
C ARG D 160 -18.21 -13.21 -8.83
N VAL D 161 -17.67 -12.09 -8.37
CA VAL D 161 -18.42 -11.01 -7.65
C VAL D 161 -18.07 -9.68 -8.30
N ASP D 162 -19.12 -8.99 -8.75
CA ASP D 162 -19.07 -7.62 -9.31
C ASP D 162 -19.92 -6.72 -8.40
N ASN D 163 -19.31 -5.66 -7.86
CA ASN D 163 -20.01 -4.64 -7.02
C ASN D 163 -20.08 -3.29 -7.75
N ARG D 164 -19.90 -3.27 -9.08
CA ARG D 164 -19.96 -2.03 -9.90
C ARG D 164 -21.32 -1.38 -9.65
N ARG D 165 -21.38 -0.05 -9.53
CA ARG D 165 -22.66 0.68 -9.35
C ARG D 165 -23.35 0.83 -10.71
N GLU D 166 -24.63 0.44 -10.83
CA GLU D 166 -25.44 0.58 -12.08
C GLU D 166 -26.78 1.24 -11.74
N LYS D 167 -27.41 1.87 -12.74
CA LYS D 167 -28.64 2.67 -12.55
C LYS D 167 -29.77 1.78 -12.01
N HIS D 168 -29.79 0.49 -12.39
CA HIS D 168 -30.90 -0.49 -12.17
C HIS D 168 -30.73 -1.25 -10.84
N ARG D 169 -29.53 -1.25 -10.23
CA ARG D 169 -29.22 -2.07 -9.02
C ARG D 169 -29.83 -1.43 -7.77
N VAL D 170 -30.00 -2.23 -6.72
CA VAL D 170 -30.60 -1.76 -5.44
C VAL D 170 -29.65 -2.15 -4.30
N PRO D 171 -28.74 -1.29 -3.79
CA PRO D 171 -28.64 0.13 -4.15
C PRO D 171 -27.96 0.47 -5.49
N ASN D 172 -28.01 1.72 -5.91
CA ASN D 172 -27.51 2.13 -7.25
C ASN D 172 -26.30 3.07 -7.19
N TYR D 173 -26.42 4.31 -7.67
CA TYR D 173 -25.27 5.22 -7.85
C TYR D 173 -24.66 5.68 -6.53
N THR D 174 -25.47 6.07 -5.55
CA THR D 174 -24.83 6.57 -4.30
C THR D 174 -25.64 6.23 -3.05
N THR D 175 -24.92 5.86 -2.01
CA THR D 175 -25.44 5.73 -0.63
C THR D 175 -24.49 6.46 0.31
N ASP D 176 -24.87 6.59 1.58
CA ASP D 176 -23.95 7.12 2.63
C ASP D 176 -23.20 5.97 3.30
N TRP D 177 -22.78 4.93 2.55
CA TRP D 177 -21.86 3.91 3.12
C TRP D 177 -20.87 3.36 2.09
N TRP D 178 -19.81 2.72 2.57
CA TRP D 178 -18.74 2.13 1.74
C TRP D 178 -19.32 0.96 0.93
N ASN D 179 -18.92 0.90 -0.34
CA ASN D 179 -19.27 -0.20 -1.27
C ASN D 179 -18.26 -1.33 -1.02
N TYR D 180 -18.53 -2.13 0.00
CA TYR D 180 -17.72 -3.31 0.37
C TYR D 180 -18.03 -4.47 -0.57
N GLY D 181 -17.14 -4.69 -1.55
CA GLY D 181 -17.21 -5.80 -2.50
C GLY D 181 -16.87 -7.14 -1.88
N GLY D 182 -17.47 -8.22 -2.43
CA GLY D 182 -16.95 -9.60 -2.35
C GLY D 182 -17.81 -10.52 -1.49
N ILE D 183 -17.21 -11.63 -1.05
CA ILE D 183 -17.90 -12.71 -0.29
C ILE D 183 -17.83 -12.35 1.19
N THR D 184 -18.81 -11.56 1.63
CA THR D 184 -18.80 -10.87 2.94
C THR D 184 -19.24 -11.80 4.09
N ARG D 185 -19.76 -12.98 3.79
CA ARG D 185 -20.26 -13.93 4.83
C ARG D 185 -19.90 -15.36 4.45
N ASP D 186 -20.18 -16.29 5.37
CA ASP D 186 -19.74 -17.70 5.30
C ASP D 186 -20.27 -18.37 4.03
N VAL D 187 -19.47 -19.27 3.46
CA VAL D 187 -19.75 -20.06 2.23
C VAL D 187 -19.68 -21.51 2.67
N LYS D 188 -20.68 -22.31 2.39
CA LYS D 188 -20.68 -23.67 2.95
C LYS D 188 -21.51 -24.60 2.06
N LEU D 189 -21.11 -25.87 2.08
CA LEU D 189 -21.84 -27.01 1.47
C LEU D 189 -22.83 -27.51 2.51
N VAL D 190 -24.05 -27.81 2.08
CA VAL D 190 -25.15 -28.34 2.97
C VAL D 190 -25.70 -29.62 2.31
N GLU D 191 -25.50 -30.77 2.94
CA GLU D 191 -26.05 -32.04 2.40
C GLU D 191 -27.45 -32.22 2.98
N VAL D 192 -28.43 -32.58 2.14
CA VAL D 192 -29.79 -32.93 2.64
C VAL D 192 -30.26 -34.25 2.02
N PRO D 193 -31.27 -34.91 2.62
CA PRO D 193 -31.95 -36.02 1.96
C PRO D 193 -32.67 -35.61 0.65
N SER D 194 -32.95 -36.62 -0.19
CA SER D 194 -33.55 -36.51 -1.55
C SER D 194 -34.90 -35.80 -1.43
N THR D 195 -35.56 -35.98 -0.28
CA THR D 195 -36.77 -35.22 0.14
C THR D 195 -36.42 -34.52 1.46
N TYR D 196 -36.52 -33.19 1.51
CA TYR D 196 -35.95 -32.32 2.57
C TYR D 196 -36.93 -31.19 2.90
N ILE D 197 -36.79 -30.61 4.10
CA ILE D 197 -37.58 -29.43 4.54
C ILE D 197 -36.94 -28.19 3.92
N GLN D 198 -37.68 -27.51 3.03
CA GLN D 198 -37.19 -26.34 2.27
C GLN D 198 -37.42 -25.08 3.10
N ASP D 199 -38.59 -25.02 3.74
CA ASP D 199 -39.09 -23.78 4.38
C ASP D 199 -40.15 -24.18 5.39
N TYR D 200 -40.38 -23.31 6.37
CA TYR D 200 -41.48 -23.39 7.36
C TYR D 200 -41.61 -22.05 8.07
N ALA D 201 -42.81 -21.79 8.58
CA ALA D 201 -43.14 -20.73 9.54
C ALA D 201 -43.74 -21.39 10.79
N ILE D 202 -43.21 -21.06 11.96
CA ILE D 202 -43.81 -21.46 13.28
C ILE D 202 -43.84 -20.20 14.13
N GLN D 203 -44.91 -19.41 14.02
CA GLN D 203 -45.17 -18.19 14.83
C GLN D 203 -46.63 -18.20 15.28
N LEU D 204 -46.91 -17.47 16.36
CA LEU D 204 -48.28 -17.12 16.81
C LEU D 204 -49.06 -16.49 15.67
N ASP D 205 -50.33 -16.90 15.52
CA ASP D 205 -51.37 -16.24 14.69
C ASP D 205 -51.56 -14.79 15.16
N LYS D 206 -51.36 -13.82 14.26
CA LYS D 206 -51.62 -12.38 14.48
C LYS D 206 -53.08 -12.19 14.94
N ASP D 207 -53.99 -12.99 14.35
CA ASP D 207 -55.47 -12.88 14.49
C ASP D 207 -55.96 -13.72 15.67
N ASN D 208 -55.10 -14.54 16.30
CA ASN D 208 -55.52 -15.43 17.41
C ASN D 208 -54.31 -15.93 18.20
N PRO D 209 -53.72 -15.09 19.08
CA PRO D 209 -52.50 -15.44 19.80
C PRO D 209 -52.55 -16.77 20.58
N LYS D 210 -53.74 -17.33 20.81
CA LYS D 210 -53.96 -18.68 21.43
C LYS D 210 -53.23 -19.75 20.61
N ASN D 211 -53.09 -19.57 19.29
CA ASN D 211 -52.51 -20.60 18.39
C ASN D 211 -51.18 -20.15 17.77
N ILE D 212 -50.33 -21.14 17.49
CA ILE D 212 -49.24 -21.09 16.48
C ILE D 212 -49.89 -21.29 15.12
N LYS D 213 -49.56 -20.48 14.12
CA LYS D 213 -50.07 -20.63 12.74
C LYS D 213 -48.87 -20.61 11.77
N GLY D 214 -48.85 -21.50 10.79
CA GLY D 214 -47.78 -21.57 9.77
C GLY D 214 -47.84 -22.79 8.86
N TYR D 215 -46.74 -23.09 8.19
CA TYR D 215 -46.62 -24.15 7.15
C TYR D 215 -45.26 -24.83 7.29
N VAL D 216 -45.13 -26.01 6.68
CA VAL D 216 -43.86 -26.68 6.33
C VAL D 216 -43.91 -26.90 4.82
N GLN D 217 -42.87 -26.54 4.07
CA GLN D 217 -42.77 -26.78 2.61
C GLN D 217 -41.58 -27.70 2.36
N LEU D 218 -41.81 -28.85 1.74
CA LEU D 218 -40.76 -29.84 1.37
C LEU D 218 -40.43 -29.68 -0.11
N ALA D 219 -39.27 -30.20 -0.50
CA ALA D 219 -38.80 -30.27 -1.90
C ALA D 219 -38.04 -31.59 -2.09
N GLY D 220 -37.76 -31.96 -3.34
CA GLY D 220 -37.05 -33.20 -3.73
C GLY D 220 -37.96 -34.27 -4.35
N SER D 221 -37.72 -35.54 -3.99
CA SER D 221 -38.09 -36.76 -4.76
C SER D 221 -39.60 -37.04 -4.66
N SER D 222 -40.09 -37.27 -3.45
CA SER D 222 -41.50 -37.63 -3.14
C SER D 222 -42.05 -36.73 -2.03
N LEU D 223 -42.88 -35.77 -2.40
CA LEU D 223 -43.39 -34.67 -1.54
C LEU D 223 -44.57 -35.12 -0.68
N GLU D 224 -45.13 -36.32 -0.94
CA GLU D 224 -46.26 -36.90 -0.18
C GLU D 224 -45.68 -37.82 0.90
N THR D 225 -45.64 -37.34 2.14
CA THR D 225 -44.98 -38.05 3.28
C THR D 225 -45.41 -37.41 4.61
N ASN D 226 -45.03 -38.05 5.72
CA ASN D 226 -45.43 -37.65 7.09
C ASN D 226 -44.46 -36.59 7.60
N VAL D 227 -45.02 -35.59 8.28
CA VAL D 227 -44.29 -34.38 8.76
C VAL D 227 -44.63 -34.23 10.25
N SER D 228 -43.62 -34.15 11.11
CA SER D 228 -43.82 -33.88 12.55
C SER D 228 -43.21 -32.52 12.90
N ILE D 229 -43.86 -31.82 13.82
CA ILE D 229 -43.29 -30.65 14.56
C ILE D 229 -43.41 -30.98 16.04
N ASN D 230 -42.29 -30.92 16.75
CA ASN D 230 -42.19 -31.27 18.19
C ASN D 230 -41.65 -30.04 18.94
N ILE D 231 -42.33 -29.66 20.02
CA ILE D 231 -41.83 -28.67 21.00
C ILE D 231 -41.90 -29.31 22.39
N PRO D 232 -40.97 -30.26 22.68
CA PRO D 232 -41.03 -31.09 23.88
C PRO D 232 -41.46 -30.32 25.13
N GLU D 233 -40.78 -29.21 25.40
CA GLU D 233 -40.91 -28.46 26.66
C GLU D 233 -42.34 -27.91 26.80
N ALA D 234 -43.00 -27.52 25.70
CA ALA D 234 -44.42 -27.06 25.69
C ALA D 234 -45.40 -28.25 25.61
N LYS D 235 -44.91 -29.49 25.69
CA LYS D 235 -45.74 -30.72 25.55
C LYS D 235 -46.52 -30.63 24.23
N ILE D 236 -45.98 -29.94 23.22
CA ILE D 236 -46.61 -29.85 21.87
C ILE D 236 -45.99 -30.94 21.01
N ASN D 237 -46.82 -31.79 20.42
CA ASN D 237 -46.41 -32.90 19.52
C ASN D 237 -47.45 -32.98 18.40
N PHE D 238 -47.09 -32.49 17.23
CA PHE D 238 -48.01 -32.33 16.07
C PHE D 238 -47.54 -33.26 14.96
N SER D 239 -48.51 -33.87 14.25
CA SER D 239 -48.29 -34.87 13.19
C SER D 239 -49.33 -34.68 12.08
N THR D 240 -48.90 -34.75 10.82
CA THR D 240 -49.77 -34.56 9.63
C THR D 240 -49.15 -35.20 8.39
N THR D 241 -49.77 -35.00 7.23
CA THR D 241 -49.23 -35.45 5.91
C THR D 241 -49.17 -34.24 4.96
N THR D 242 -48.39 -34.35 3.89
CA THR D 242 -48.27 -33.32 2.83
C THR D 242 -49.10 -33.75 1.61
N ASP D 243 -49.54 -32.77 0.82
CA ASP D 243 -50.27 -33.01 -0.46
C ASP D 243 -49.25 -33.35 -1.57
N ARG D 244 -49.73 -33.35 -2.81
CA ARG D 244 -48.90 -33.43 -4.05
C ARG D 244 -47.80 -32.34 -3.98
N THR D 245 -48.14 -31.10 -3.56
CA THR D 245 -47.27 -29.89 -3.57
C THR D 245 -46.17 -29.98 -2.50
N GLY D 246 -46.36 -30.76 -1.44
CA GLY D 246 -45.41 -30.87 -0.32
C GLY D 246 -45.61 -29.75 0.69
N ARG D 247 -46.67 -28.97 0.52
CA ARG D 247 -47.00 -27.89 1.49
C ARG D 247 -48.07 -28.37 2.46
N VAL D 248 -47.99 -27.95 3.72
CA VAL D 248 -48.98 -28.31 4.76
C VAL D 248 -49.14 -27.15 5.74
N HIS D 249 -50.30 -26.50 5.75
CA HIS D 249 -50.61 -25.39 6.69
C HIS D 249 -51.17 -26.00 7.98
N PHE D 250 -51.37 -25.20 9.04
CA PHE D 250 -51.67 -25.75 10.38
C PHE D 250 -51.97 -24.64 11.39
N GLU D 251 -52.81 -24.95 12.39
CA GLU D 251 -53.12 -24.12 13.59
C GLU D 251 -52.96 -25.00 14.84
N ILE D 252 -51.95 -24.74 15.67
CA ILE D 252 -51.56 -25.58 16.84
C ILE D 252 -51.80 -24.76 18.11
N PRO D 253 -52.65 -25.21 19.06
CA PRO D 253 -52.83 -24.50 20.33
C PRO D 253 -51.50 -24.40 21.09
N ALA D 254 -51.20 -23.22 21.67
CA ALA D 254 -49.91 -22.92 22.34
C ALA D 254 -49.95 -23.41 23.79
N LYS D 256 -49.20 -23.97 26.92
CA LYS D 256 -48.80 -23.29 28.19
C LYS D 256 -47.55 -22.43 27.94
N ILE D 257 -47.40 -21.95 26.72
CA ILE D 257 -46.12 -21.42 26.18
C ILE D 257 -45.79 -20.09 26.88
N LYS D 258 -44.60 -20.00 27.47
CA LYS D 258 -44.06 -18.75 28.03
C LYS D 258 -43.66 -17.84 26.86
N LYS D 259 -44.14 -16.59 26.84
CA LYS D 259 -43.94 -15.63 25.72
C LYS D 259 -42.54 -14.99 25.80
N TRP D 260 -42.02 -14.56 24.65
CA TRP D 260 -40.70 -13.91 24.50
C TRP D 260 -40.84 -12.43 24.84
N TYR D 261 -40.01 -11.91 25.75
CA TYR D 261 -39.85 -10.46 26.01
C TYR D 261 -38.36 -10.09 25.99
N PRO D 262 -38.02 -8.80 25.80
CA PRO D 262 -36.66 -8.32 26.05
C PRO D 262 -36.09 -8.79 27.39
N LYS D 263 -36.84 -8.65 28.47
CA LYS D 263 -36.36 -8.98 29.84
C LYS D 263 -36.50 -10.49 30.11
N ARG D 264 -37.00 -11.28 29.15
CA ARG D 264 -37.27 -12.74 29.36
C ARG D 264 -37.33 -13.43 28.00
N PRO D 265 -36.21 -13.39 27.25
CA PRO D 265 -36.21 -13.84 25.86
C PRO D 265 -36.30 -15.36 25.75
N LYS D 266 -37.48 -15.91 26.04
CA LYS D 266 -37.67 -17.38 26.16
C LYS D 266 -37.68 -18.00 24.76
N LEU D 267 -36.75 -18.92 24.49
CA LEU D 267 -36.64 -19.66 23.21
C LEU D 267 -36.98 -21.12 23.48
N TYR D 268 -37.84 -21.71 22.66
CA TYR D 268 -38.19 -23.15 22.73
C TYR D 268 -37.33 -23.90 21.70
N ASP D 269 -36.84 -25.08 22.08
CA ASP D 269 -36.25 -26.06 21.12
C ASP D 269 -37.39 -26.69 20.33
N VAL D 270 -37.29 -26.61 19.00
CA VAL D 270 -38.31 -27.07 18.02
C VAL D 270 -37.64 -28.06 17.07
N GLN D 271 -38.12 -29.32 17.05
CA GLN D 271 -37.73 -30.32 16.03
C GLN D 271 -38.82 -30.40 14.95
N ILE D 272 -38.44 -30.13 13.70
CA ILE D 272 -39.25 -30.30 12.45
C ILE D 272 -38.66 -31.53 11.73
N GLN D 273 -39.49 -32.51 11.39
CA GLN D 273 -39.05 -33.80 10.82
C GLN D 273 -40.00 -34.20 9.70
N ALA D 274 -39.42 -34.64 8.58
CA ALA D 274 -40.10 -35.17 7.36
C ALA D 274 -39.17 -36.19 6.73
N GLY D 275 -39.72 -37.31 6.26
CA GLY D 275 -38.94 -38.47 5.83
C GLY D 275 -37.71 -38.64 6.70
N ASN D 276 -36.53 -38.54 6.09
CA ASN D 276 -35.23 -38.82 6.74
C ASN D 276 -34.61 -37.57 7.36
N ASP D 277 -35.28 -36.41 7.24
CA ASP D 277 -34.67 -35.08 7.48
C ASP D 277 -35.20 -34.49 8.80
N LYS D 278 -34.35 -34.45 9.82
CA LYS D 278 -34.62 -33.78 11.13
C LYS D 278 -33.94 -32.42 11.10
N LEU D 279 -34.54 -31.42 11.74
CA LEU D 279 -34.06 -30.02 11.74
C LEU D 279 -34.43 -29.40 13.09
N GLU D 280 -33.44 -28.87 13.81
CA GLU D 280 -33.66 -28.25 15.15
C GLU D 280 -33.70 -26.73 15.01
N ASP D 281 -34.64 -26.07 15.68
CA ASP D 281 -34.72 -24.59 15.68
C ASP D 281 -34.82 -24.10 17.13
N GLN D 282 -34.56 -22.80 17.31
CA GLN D 282 -34.73 -22.05 18.57
C GLN D 282 -35.66 -20.89 18.26
N ILE D 283 -36.94 -21.02 18.65
CA ILE D 283 -38.04 -20.10 18.27
C ILE D 283 -38.64 -19.49 19.54
N GLY D 284 -38.89 -18.18 19.51
CA GLY D 284 -39.64 -17.45 20.55
C GLY D 284 -41.00 -17.05 20.02
N LEU D 285 -41.98 -16.96 20.91
CA LEU D 285 -43.39 -16.71 20.52
C LEU D 285 -43.88 -15.44 21.21
N ARG D 286 -44.40 -14.50 20.45
CA ARG D 286 -44.82 -13.20 21.01
C ARG D 286 -45.73 -12.53 20.01
N THR D 287 -46.44 -11.50 20.46
CA THR D 287 -47.32 -10.68 19.60
C THR D 287 -46.83 -9.24 19.68
N ILE D 288 -46.57 -8.65 18.52
CA ILE D 288 -46.40 -7.18 18.43
C ILE D 288 -47.64 -6.64 17.74
N GLU D 289 -48.17 -5.53 18.22
CA GLU D 289 -49.38 -4.90 17.64
C GLU D 289 -49.41 -3.43 18.06
N THR D 290 -50.33 -2.69 17.45
CA THR D 290 -50.55 -1.25 17.71
C THR D 290 -51.92 -1.12 18.41
N LYS D 291 -52.10 -0.14 19.27
CA LYS D 291 -53.41 0.17 19.90
C LYS D 291 -53.51 1.68 20.06
N GLY D 292 -53.89 2.36 18.99
CA GLY D 292 -53.80 3.83 18.90
C GLY D 292 -52.34 4.22 18.86
N ALA D 293 -51.90 5.05 19.81
CA ALA D 293 -50.50 5.49 20.00
C ALA D 293 -49.63 4.33 20.52
N ASP D 294 -50.23 3.39 21.26
CA ASP D 294 -49.46 2.38 22.03
C ASP D 294 -48.96 1.26 21.10
N ILE D 295 -47.79 0.73 21.44
CA ILE D 295 -47.15 -0.50 20.89
C ILE D 295 -47.29 -1.57 21.97
N LEU D 296 -47.88 -2.72 21.64
CA LEU D 296 -48.15 -3.80 22.63
C LEU D 296 -47.37 -5.04 22.22
N LEU D 297 -46.38 -5.40 23.05
CA LEU D 297 -45.61 -6.66 22.99
C LEU D 297 -46.21 -7.62 24.02
N ASN D 298 -46.84 -8.70 23.53
CA ASN D 298 -47.67 -9.61 24.37
C ASN D 298 -48.70 -8.79 25.17
N GLY D 299 -49.32 -7.78 24.54
CA GLY D 299 -50.39 -6.95 25.14
C GLY D 299 -49.89 -6.03 26.26
N GLN D 300 -48.58 -5.78 26.33
CA GLN D 300 -47.97 -4.83 27.29
C GLN D 300 -47.52 -3.57 26.54
N SER D 301 -47.80 -2.38 27.08
CA SER D 301 -47.35 -1.08 26.49
C SER D 301 -45.83 -0.95 26.64
N ILE D 302 -45.11 -0.73 25.53
CA ILE D 302 -43.61 -0.67 25.56
C ILE D 302 -43.12 0.56 24.76
N PHE D 303 -41.91 0.98 25.11
CA PHE D 303 -41.14 2.07 24.44
C PHE D 303 -39.86 1.46 23.84
N LEU D 304 -39.60 1.74 22.56
CA LEU D 304 -38.40 1.21 21.86
C LEU D 304 -37.27 2.21 22.12
N ARG D 305 -36.39 1.86 23.06
CA ARG D 305 -35.13 2.57 23.38
C ARG D 305 -34.08 2.02 22.41
N GLY D 306 -33.90 2.70 21.29
CA GLY D 306 -33.21 2.14 20.12
C GLY D 306 -31.92 2.86 19.79
N ILE D 307 -31.13 2.26 18.89
CA ILE D 307 -29.95 2.91 18.25
C ILE D 307 -29.79 2.29 16.88
N SER D 308 -29.43 3.10 15.88
CA SER D 308 -29.11 2.66 14.50
C SER D 308 -27.73 1.98 14.49
N LEU D 309 -27.45 1.16 13.46
CA LEU D 309 -26.22 0.31 13.37
C LEU D 309 -26.02 -0.17 11.93
N HIS D 310 -24.88 0.16 11.31
CA HIS D 310 -24.33 -0.48 10.08
C HIS D 310 -23.62 -1.79 10.41
N GLU D 311 -23.48 -2.68 9.41
CA GLU D 311 -22.79 -3.99 9.55
C GLU D 311 -21.27 -3.79 9.37
N GLU D 312 -20.63 -3.05 10.27
CA GLU D 312 -19.19 -2.70 10.17
C GLU D 312 -18.52 -2.93 11.53
N ASN D 313 -17.34 -3.54 11.47
CA ASN D 313 -16.36 -3.61 12.58
C ASN D 313 -15.38 -2.47 12.33
N PRO D 314 -15.49 -1.36 13.10
CA PRO D 314 -14.68 -0.17 12.84
C PRO D 314 -13.21 -0.36 13.25
N ILE D 315 -12.93 -1.39 14.04
CA ILE D 315 -11.54 -1.74 14.45
C ILE D 315 -10.80 -2.32 13.23
N LYS D 316 -11.43 -3.23 12.52
CA LYS D 316 -10.84 -3.83 11.28
C LYS D 316 -11.09 -2.89 10.10
N ILE D 317 -12.08 -2.00 10.20
CA ILE D 317 -12.50 -1.11 9.07
C ILE D 317 -12.94 -2.04 7.92
N GLY D 318 -13.92 -2.87 8.20
CA GLY D 318 -14.44 -3.84 7.23
C GLY D 318 -15.79 -4.36 7.63
N ARG D 319 -16.39 -5.18 6.78
CA ARG D 319 -17.75 -5.71 7.03
C ARG D 319 -17.72 -6.61 8.28
N ALA D 320 -18.71 -6.43 9.15
CA ALA D 320 -18.96 -7.33 10.30
C ALA D 320 -19.68 -8.54 9.71
N ARG D 321 -19.67 -9.71 10.37
CA ARG D 321 -20.23 -10.97 9.80
C ARG D 321 -20.35 -12.09 10.82
N SER D 322 -19.58 -12.05 11.90
CA SER D 322 -19.45 -13.18 12.88
C SER D 322 -20.33 -13.04 14.12
N ILE D 323 -20.56 -14.16 14.82
CA ILE D 323 -21.20 -14.09 16.17
C ILE D 323 -20.35 -13.22 17.11
N GLU D 324 -19.02 -13.24 16.94
CA GLU D 324 -18.09 -12.41 17.75
C GLU D 324 -18.41 -10.94 17.48
N ASP D 325 -18.55 -10.55 16.22
CA ASP D 325 -18.94 -9.15 15.84
C ASP D 325 -20.24 -8.79 16.55
N ALA D 326 -21.24 -9.67 16.48
CA ALA D 326 -22.62 -9.43 16.98
C ALA D 326 -22.58 -9.22 18.50
N GLN D 327 -21.89 -10.09 19.24
CA GLN D 327 -21.71 -9.92 20.72
C GLN D 327 -21.12 -8.53 21.02
N MET D 328 -20.22 -8.01 20.18
CA MET D 328 -19.52 -6.74 20.48
C MET D 328 -20.50 -5.59 20.29
N GLN D 329 -21.15 -5.51 19.13
CA GLN D 329 -22.17 -4.48 18.80
C GLN D 329 -23.28 -4.53 19.86
N MET D 330 -23.72 -5.71 20.26
CA MET D 330 -24.93 -5.83 21.10
C MET D 330 -24.55 -5.52 22.56
N GLY D 331 -23.33 -5.82 22.99
CA GLY D 331 -22.83 -5.39 24.31
C GLY D 331 -22.80 -3.87 24.41
N TRP D 332 -22.40 -3.17 23.35
CA TRP D 332 -22.41 -1.68 23.26
C TRP D 332 -23.85 -1.15 23.37
N ALA D 333 -24.77 -1.72 22.58
CA ALA D 333 -26.22 -1.40 22.63
C ALA D 333 -26.73 -1.54 24.07
N LYS D 334 -26.28 -2.56 24.79
CA LYS D 334 -26.77 -2.82 26.17
C LYS D 334 -26.10 -1.87 27.16
N GLU D 335 -24.84 -1.47 26.93
CA GLU D 335 -24.18 -0.42 27.75
C GLU D 335 -25.01 0.88 27.69
N LEU D 336 -25.69 1.11 26.56
CA LEU D 336 -26.49 2.34 26.27
C LEU D 336 -27.93 2.18 26.80
N ASN D 337 -28.27 0.96 27.25
CA ASN D 337 -29.60 0.61 27.80
C ASN D 337 -30.65 0.75 26.70
N CYS D 338 -30.29 0.24 25.51
CA CYS D 338 -31.20 -0.02 24.36
C CYS D 338 -31.93 -1.35 24.58
N ASN D 339 -33.19 -1.42 24.13
CA ASN D 339 -33.99 -2.68 24.03
C ASN D 339 -34.38 -2.90 22.56
N PHE D 340 -33.85 -2.07 21.66
CA PHE D 340 -34.17 -2.06 20.20
C PHE D 340 -32.92 -1.69 19.40
N ILE D 341 -32.71 -2.32 18.24
CA ILE D 341 -31.66 -1.92 17.25
C ILE D 341 -32.27 -1.85 15.85
N ARG D 342 -32.12 -0.70 15.20
CA ARG D 342 -32.32 -0.53 13.74
C ARG D 342 -31.03 -0.93 13.01
N LEU D 343 -31.12 -2.01 12.25
CA LEU D 343 -29.98 -2.59 11.48
C LEU D 343 -29.92 -1.98 10.09
N ALA D 344 -29.05 -0.95 9.95
CA ALA D 344 -28.27 -0.53 8.76
C ALA D 344 -29.23 -0.04 7.70
N HIS D 345 -28.94 -0.32 6.42
CA HIS D 345 -29.91 -0.07 5.33
C HIS D 345 -30.09 -1.31 4.49
N TYR D 346 -29.77 -2.49 5.04
CA TYR D 346 -29.73 -3.80 4.33
C TYR D 346 -29.83 -4.91 5.37
N PRO D 347 -30.20 -6.15 4.98
CA PRO D 347 -30.19 -7.27 5.92
C PRO D 347 -28.75 -7.62 6.33
N HIS D 348 -28.48 -7.61 7.64
CA HIS D 348 -27.18 -8.00 8.25
C HIS D 348 -27.07 -9.52 8.27
N ASN D 349 -25.88 -10.05 8.56
CA ASN D 349 -25.61 -11.50 8.77
C ASN D 349 -26.60 -12.08 9.77
N GLU D 350 -26.90 -13.37 9.64
CA GLU D 350 -28.00 -14.02 10.41
C GLU D 350 -27.57 -14.22 11.87
N ASN D 351 -26.31 -13.94 12.25
CA ASN D 351 -25.90 -13.98 13.67
C ASN D 351 -26.64 -12.88 14.45
N MET D 352 -26.95 -11.77 13.80
CA MET D 352 -27.58 -10.61 14.49
C MET D 352 -28.98 -10.96 14.97
N PRO D 353 -29.93 -11.41 14.11
CA PRO D 353 -31.26 -11.78 14.60
C PRO D 353 -31.27 -13.02 15.52
N ARG D 354 -30.32 -13.96 15.35
CA ARG D 354 -30.21 -15.17 16.22
C ARG D 354 -29.68 -14.76 17.60
N LEU D 355 -28.64 -13.91 17.65
CA LEU D 355 -28.14 -13.39 18.94
C LEU D 355 -29.19 -12.50 19.59
N ALA D 356 -29.95 -11.72 18.83
CA ALA D 356 -30.95 -10.77 19.39
C ALA D 356 -32.07 -11.55 20.10
N ASP D 357 -32.47 -12.69 19.51
CA ASP D 357 -33.42 -13.70 20.05
C ASP D 357 -32.95 -14.14 21.45
N LYS D 358 -31.65 -14.44 21.61
CA LYS D 358 -31.13 -15.01 22.88
C LYS D 358 -30.94 -13.89 23.92
N LEU D 359 -30.42 -12.71 23.55
CA LEU D 359 -30.03 -11.65 24.51
C LEU D 359 -31.24 -10.79 24.90
N GLY D 360 -32.30 -10.83 24.11
CA GLY D 360 -33.53 -10.07 24.38
C GLY D 360 -33.41 -8.65 23.86
N LEU D 361 -33.06 -8.48 22.58
CA LEU D 361 -33.18 -7.15 21.92
C LEU D 361 -34.12 -7.30 20.72
N LEU D 362 -35.05 -6.34 20.58
CA LEU D 362 -35.97 -6.22 19.44
C LEU D 362 -35.22 -5.57 18.27
N LEU D 363 -35.64 -5.86 17.04
CA LEU D 363 -34.90 -5.49 15.80
C LEU D 363 -35.87 -4.92 14.76
N TRP D 364 -35.42 -3.86 14.10
CA TRP D 364 -35.94 -3.37 12.79
C TRP D 364 -34.93 -3.78 11.72
N GLU D 365 -35.39 -4.52 10.70
CA GLU D 365 -34.55 -4.97 9.56
C GLU D 365 -35.10 -4.30 8.30
N GLU D 366 -34.29 -4.23 7.24
CA GLU D 366 -34.48 -3.20 6.18
C GLU D 366 -33.74 -3.62 4.90
N ILE D 367 -34.26 -3.19 3.75
CA ILE D 367 -33.65 -3.37 2.40
C ILE D 367 -33.11 -2.00 1.95
N PRO D 368 -32.01 -1.94 1.15
CA PRO D 368 -31.45 -0.68 0.68
C PRO D 368 -32.21 -0.04 -0.49
N VAL D 369 -33.50 0.22 -0.28
CA VAL D 369 -34.33 1.08 -1.16
C VAL D 369 -34.18 2.48 -0.58
N TYR D 370 -33.35 3.30 -1.22
CA TYR D 370 -32.53 4.34 -0.56
C TYR D 370 -32.21 5.44 -1.55
N TRP D 371 -32.74 6.63 -1.29
CA TRP D 371 -32.61 7.81 -2.17
C TRP D 371 -33.18 7.48 -3.56
N GLY D 372 -32.45 7.79 -4.64
CA GLY D 372 -32.94 7.81 -6.03
C GLY D 372 -32.76 6.48 -6.77
N ILE D 373 -33.32 5.39 -6.23
CA ILE D 373 -33.50 4.08 -6.93
C ILE D 373 -34.30 4.35 -8.22
N ASP D 374 -34.10 3.54 -9.25
CA ASP D 374 -34.82 3.67 -10.54
C ASP D 374 -36.23 3.03 -10.46
N TYR D 375 -37.17 3.68 -9.77
CA TYR D 375 -38.55 3.19 -9.44
C TYR D 375 -39.35 2.73 -10.66
N GLU D 376 -39.28 3.48 -11.76
CA GLU D 376 -39.99 3.22 -13.05
C GLU D 376 -39.50 1.91 -13.67
N ASN D 377 -38.28 1.47 -13.37
CA ASN D 377 -37.56 0.38 -14.07
C ASN D 377 -37.98 -0.95 -13.46
N PRO D 378 -38.63 -1.84 -14.25
CA PRO D 378 -38.92 -3.20 -13.81
C PRO D 378 -37.74 -3.95 -13.19
N GLU D 379 -36.55 -3.88 -13.79
CA GLU D 379 -35.33 -4.58 -13.30
C GLU D 379 -35.06 -4.17 -11.85
N ALA D 380 -34.92 -2.87 -11.60
CA ALA D 380 -34.78 -2.24 -10.27
C ALA D 380 -35.82 -2.77 -9.30
N PHE D 381 -37.10 -2.83 -9.69
CA PHE D 381 -38.18 -3.40 -8.85
C PHE D 381 -37.93 -4.90 -8.57
N ALA D 382 -37.45 -5.66 -9.55
CA ALA D 382 -37.29 -7.13 -9.47
C ALA D 382 -36.24 -7.43 -8.40
N GLN D 383 -35.22 -6.57 -8.32
CA GLN D 383 -34.05 -6.76 -7.42
C GLN D 383 -34.41 -6.40 -5.97
N ALA D 384 -35.29 -5.43 -5.75
CA ALA D 384 -35.75 -5.01 -4.41
C ALA D 384 -36.76 -6.02 -3.87
N LYS D 385 -37.60 -6.53 -4.77
CA LYS D 385 -38.55 -7.65 -4.54
C LYS D 385 -37.76 -8.83 -3.98
N SER D 386 -36.71 -9.27 -4.70
CA SER D 386 -35.94 -10.51 -4.36
C SER D 386 -35.21 -10.32 -3.02
N GLN D 387 -34.62 -9.15 -2.77
CA GLN D 387 -33.93 -8.89 -1.48
C GLN D 387 -34.95 -9.01 -0.35
N LEU D 388 -36.14 -8.39 -0.51
CA LEU D 388 -37.19 -8.34 0.54
C LEU D 388 -37.75 -9.74 0.78
N GLU D 389 -38.17 -10.45 -0.26
CA GLU D 389 -38.61 -11.85 -0.12
C GLU D 389 -37.55 -12.59 0.70
N THR D 390 -36.28 -12.52 0.29
CA THR D 390 -35.18 -13.34 0.88
C THR D 390 -35.03 -13.01 2.38
N MET D 391 -35.03 -11.72 2.73
CA MET D 391 -34.89 -11.24 4.12
C MET D 391 -36.03 -11.79 4.99
N VAL D 392 -37.28 -11.57 4.55
CA VAL D 392 -38.50 -11.92 5.33
C VAL D 392 -38.50 -13.44 5.49
N HIS D 393 -38.13 -14.19 4.45
CA HIS D 393 -38.13 -15.67 4.54
C HIS D 393 -37.09 -16.12 5.56
N ARG D 394 -35.92 -15.46 5.60
CA ARG D 394 -34.77 -15.89 6.42
C ARG D 394 -35.13 -15.78 7.90
N ASP D 395 -35.81 -14.71 8.28
CA ASP D 395 -35.91 -14.20 9.67
C ASP D 395 -37.38 -14.19 10.15
N LYS D 396 -38.31 -14.82 9.44
CA LYS D 396 -39.75 -14.77 9.80
C LYS D 396 -40.01 -15.56 11.11
N ASN D 397 -39.09 -16.44 11.54
CA ASN D 397 -39.26 -17.23 12.78
C ASN D 397 -38.49 -16.56 13.94
N ARG D 398 -38.09 -15.29 13.82
CA ARG D 398 -37.26 -14.56 14.83
C ARG D 398 -38.13 -13.63 15.68
N ALA D 399 -38.33 -13.98 16.94
CA ALA D 399 -39.10 -13.18 17.92
C ALA D 399 -38.54 -11.76 17.97
N SER D 400 -37.21 -11.64 17.91
CA SER D 400 -36.45 -10.37 18.00
C SER D 400 -37.00 -9.34 16.99
N VAL D 401 -37.05 -9.72 15.72
CA VAL D 401 -37.40 -8.84 14.57
C VAL D 401 -38.89 -8.49 14.68
N ILE D 402 -39.24 -7.20 14.77
CA ILE D 402 -40.67 -6.75 14.79
C ILE D 402 -40.98 -5.78 13.64
N VAL D 403 -39.99 -5.10 13.04
CA VAL D 403 -40.23 -4.16 11.91
C VAL D 403 -39.50 -4.68 10.66
N TRP D 404 -40.24 -4.91 9.57
CA TRP D 404 -39.68 -4.94 8.19
C TRP D 404 -39.73 -3.51 7.64
N SER D 405 -38.58 -2.93 7.28
CA SER D 405 -38.51 -1.59 6.64
C SER D 405 -38.28 -1.77 5.14
N VAL D 406 -39.07 -1.04 4.36
CA VAL D 406 -39.22 -1.28 2.90
C VAL D 406 -38.46 -0.17 2.14
N ALA D 407 -38.08 0.91 2.83
CA ALA D 407 -37.42 2.09 2.23
C ALA D 407 -36.88 3.05 3.30
N ASN D 408 -35.95 3.91 2.88
CA ASN D 408 -35.35 5.01 3.67
C ASN D 408 -35.20 6.22 2.74
N GLU D 409 -35.80 7.35 3.12
CA GLU D 409 -35.51 8.69 2.54
C GLU D 409 -35.77 8.63 1.03
N THR D 410 -37.03 8.38 0.61
CA THR D 410 -37.38 8.17 -0.81
C THR D 410 -38.22 9.33 -1.34
N PRO D 411 -38.10 9.67 -2.65
CA PRO D 411 -38.73 10.86 -3.21
C PRO D 411 -40.23 10.61 -3.33
N ASP D 412 -41.02 11.67 -3.12
CA ASP D 412 -42.50 11.65 -3.12
C ASP D 412 -43.01 11.73 -4.57
N THR D 413 -42.75 10.71 -5.39
CA THR D 413 -43.29 10.58 -6.77
C THR D 413 -44.40 9.53 -6.75
N GLU D 414 -45.27 9.56 -7.77
CA GLU D 414 -46.33 8.54 -8.01
C GLU D 414 -45.66 7.17 -8.16
N SER D 415 -44.65 7.10 -9.03
CA SER D 415 -43.82 5.89 -9.29
C SER D 415 -43.34 5.27 -7.97
N ARG D 416 -42.71 6.07 -7.10
CA ARG D 416 -42.13 5.59 -5.81
C ARG D 416 -43.23 4.94 -4.97
N LEU D 417 -44.34 5.65 -4.79
CA LEU D 417 -45.45 5.28 -3.88
C LEU D 417 -46.01 3.89 -4.26
N GLU D 418 -46.24 3.66 -5.54
CA GLU D 418 -46.71 2.35 -6.08
C GLU D 418 -45.64 1.29 -5.75
N PHE D 419 -44.38 1.66 -5.97
CA PHE D 419 -43.19 0.83 -5.67
C PHE D 419 -43.26 0.35 -4.22
N LEU D 420 -43.41 1.29 -3.28
CA LEU D 420 -43.40 1.01 -1.82
C LEU D 420 -44.64 0.16 -1.48
N ARG D 421 -45.82 0.55 -1.96
CA ARG D 421 -47.07 -0.23 -1.71
C ARG D 421 -46.88 -1.65 -2.24
N GLN D 422 -46.37 -1.82 -3.46
CA GLN D 422 -46.16 -3.19 -4.01
C GLN D 422 -45.28 -3.98 -3.03
N LEU D 423 -44.28 -3.33 -2.43
CA LEU D 423 -43.26 -4.00 -1.57
C LEU D 423 -43.95 -4.46 -0.28
N LYS D 424 -44.79 -3.60 0.31
CA LYS D 424 -45.65 -3.95 1.46
C LYS D 424 -46.43 -5.23 1.15
N LYS D 425 -47.04 -5.35 -0.04
CA LYS D 425 -47.88 -6.52 -0.41
C LYS D 425 -46.99 -7.78 -0.34
N ILE D 426 -45.87 -7.76 -1.06
CA ILE D 426 -44.83 -8.85 -1.12
C ILE D 426 -44.43 -9.28 0.29
N ALA D 427 -44.13 -8.32 1.18
CA ALA D 427 -43.71 -8.60 2.56
C ALA D 427 -44.87 -9.34 3.26
N ILE D 428 -46.05 -8.72 3.27
CA ILE D 428 -47.28 -9.19 3.99
C ILE D 428 -47.67 -10.58 3.49
N ASP D 429 -47.55 -10.86 2.21
CA ASP D 429 -47.95 -12.17 1.64
C ASP D 429 -47.07 -13.28 2.23
N ILE D 430 -45.84 -12.98 2.63
CA ILE D 430 -44.90 -13.95 3.27
C ILE D 430 -45.19 -14.00 4.78
N ASP D 431 -45.23 -12.85 5.43
CA ASP D 431 -45.42 -12.76 6.91
C ASP D 431 -46.28 -11.52 7.23
N ASN D 432 -47.34 -11.71 8.04
CA ASN D 432 -48.31 -10.66 8.44
C ASN D 432 -48.20 -10.37 9.95
N THR D 433 -47.23 -10.99 10.64
CA THR D 433 -47.09 -10.91 12.11
C THR D 433 -46.33 -9.65 12.52
N ARG D 434 -45.67 -8.98 11.58
CA ARG D 434 -44.72 -7.90 11.93
C ARG D 434 -45.21 -6.59 11.30
N PHE D 435 -44.83 -5.47 11.93
CA PHE D 435 -45.07 -4.09 11.44
C PHE D 435 -44.31 -3.89 10.12
N ILE D 436 -44.95 -3.13 9.22
CA ILE D 436 -44.36 -2.60 7.97
C ILE D 436 -44.07 -1.12 8.21
N SER D 437 -42.85 -0.66 7.92
CA SER D 437 -42.52 0.78 7.97
C SER D 437 -41.54 1.14 6.86
N ALA D 438 -41.11 2.38 6.88
CA ALA D 438 -40.16 2.90 5.91
C ALA D 438 -39.71 4.24 6.50
N ALA D 439 -38.42 4.52 6.46
CA ALA D 439 -37.90 5.79 7.02
C ALA D 439 -38.34 6.95 6.12
N LEU D 440 -39.26 7.77 6.61
CA LEU D 440 -39.82 8.91 5.84
C LEU D 440 -39.15 10.23 6.24
N GLU D 441 -39.63 11.33 5.69
CA GLU D 441 -39.02 12.66 5.95
C GLU D 441 -40.16 13.66 6.21
N ARG D 442 -39.81 14.80 6.80
CA ARG D 442 -40.82 15.81 7.24
C ARG D 442 -41.08 16.82 6.12
N ASN D 443 -42.14 17.61 6.27
CA ASN D 443 -42.40 18.88 5.53
C ASN D 443 -42.55 19.99 6.59
N GLU D 444 -41.73 21.06 6.51
CA GLU D 444 -41.67 22.16 7.53
C GLU D 444 -42.52 23.35 7.10
N ASP D 449 -41.09 26.30 11.99
CA ASP D 449 -42.16 26.41 13.02
C ASP D 449 -42.78 25.02 13.28
N VAL D 450 -43.60 24.52 12.35
CA VAL D 450 -44.54 23.38 12.60
C VAL D 450 -44.32 22.26 11.57
N VAL D 451 -44.18 21.04 12.10
CA VAL D 451 -43.63 19.85 11.39
C VAL D 451 -44.77 18.85 11.19
N LYS D 452 -45.02 18.50 9.91
CA LYS D 452 -46.06 17.56 9.42
C LYS D 452 -45.37 16.51 8.53
N ILE D 453 -45.93 15.32 8.41
CA ILE D 453 -45.40 14.32 7.43
C ILE D 453 -46.53 14.01 6.46
N PRO D 454 -46.79 14.84 5.42
CA PRO D 454 -47.90 14.61 4.50
C PRO D 454 -47.76 13.36 3.61
N ASP D 455 -46.56 12.82 3.42
CA ASP D 455 -46.31 11.56 2.66
C ASP D 455 -47.52 10.61 2.73
N PRO D 456 -48.12 10.25 1.57
CA PRO D 456 -49.32 9.40 1.55
C PRO D 456 -49.01 7.93 1.90
N PHE D 457 -47.73 7.58 2.09
CA PHE D 457 -47.33 6.20 2.47
C PHE D 457 -47.47 6.04 3.99
N ALA D 458 -47.66 7.15 4.69
CA ALA D 458 -47.97 7.21 6.14
C ALA D 458 -49.27 6.47 6.43
N GLU D 459 -50.20 6.37 5.48
CA GLU D 459 -51.46 5.61 5.68
C GLU D 459 -51.12 4.11 5.68
N ASP D 460 -49.98 3.73 5.11
CA ASP D 460 -49.60 2.34 4.78
C ASP D 460 -48.70 1.71 5.86
N VAL D 461 -48.04 2.52 6.70
CA VAL D 461 -47.11 2.08 7.80
C VAL D 461 -47.93 1.80 9.07
N ASP D 462 -47.56 0.76 9.82
CA ASP D 462 -48.18 0.35 11.11
C ASP D 462 -47.62 1.25 12.21
N MET D 463 -46.39 1.73 12.01
CA MET D 463 -45.66 2.66 12.92
C MET D 463 -45.12 3.84 12.09
N LEU D 464 -45.44 5.06 12.50
CA LEU D 464 -45.02 6.29 11.79
C LEU D 464 -43.57 6.61 12.17
N ALA D 465 -42.63 6.31 11.25
CA ALA D 465 -41.17 6.48 11.44
C ALA D 465 -40.71 7.67 10.62
N CYS D 466 -39.93 8.57 11.21
CA CYS D 466 -39.40 9.77 10.55
C CYS D 466 -37.91 9.96 10.87
N ASN D 467 -37.12 10.34 9.86
CA ASN D 467 -35.71 10.79 9.95
C ASN D 467 -35.73 12.32 10.06
N GLU D 468 -35.09 12.90 11.08
CA GLU D 468 -34.98 14.38 11.21
C GLU D 468 -33.64 14.76 11.86
N TYR D 469 -33.04 15.84 11.38
CA TYR D 469 -31.66 16.28 11.71
C TYR D 469 -31.71 17.76 12.10
N ILE D 470 -32.76 18.12 12.84
CA ILE D 470 -33.08 19.54 13.13
C ILE D 470 -31.82 20.25 13.64
N GLY D 471 -31.20 19.88 14.74
CA GLY D 471 -30.09 20.75 15.20
C GLY D 471 -28.78 20.59 14.42
N TRP D 472 -28.76 19.80 13.33
CA TRP D 472 -27.51 19.43 12.59
C TRP D 472 -27.52 19.91 11.13
N TYR D 473 -28.43 19.38 10.30
CA TYR D 473 -28.57 19.69 8.85
C TYR D 473 -29.50 20.89 8.65
N SER D 474 -30.46 21.07 9.56
CA SER D 474 -31.46 22.17 9.51
C SER D 474 -31.46 22.96 10.82
N GLY D 475 -30.74 24.08 10.87
CA GLY D 475 -30.67 24.94 12.05
C GLY D 475 -29.62 24.48 13.04
N LEU D 476 -29.33 25.32 14.03
CA LEU D 476 -28.47 25.01 15.19
C LEU D 476 -29.36 24.36 16.24
N PRO D 477 -28.80 23.83 17.35
CA PRO D 477 -29.58 23.05 18.32
C PRO D 477 -30.73 23.81 18.98
N GLU D 478 -30.61 25.14 19.11
CA GLU D 478 -31.66 26.04 19.68
C GLU D 478 -32.98 25.90 18.89
N LYS D 479 -32.93 25.47 17.63
CA LYS D 479 -34.15 25.30 16.79
C LYS D 479 -35.03 24.18 17.34
N CYS D 480 -34.46 23.21 18.08
CA CYS D 480 -35.21 22.04 18.64
C CYS D 480 -36.33 22.51 19.57
N ASP D 481 -36.11 23.55 20.36
CA ASP D 481 -37.09 23.97 21.39
C ASP D 481 -38.21 24.83 20.80
N LYS D 482 -38.02 25.42 19.62
CA LYS D 482 -38.97 26.38 19.00
C LYS D 482 -39.94 25.62 18.09
N VAL D 483 -39.71 24.34 17.90
CA VAL D 483 -40.49 23.55 16.91
C VAL D 483 -41.66 22.88 17.62
N THR D 484 -42.80 22.72 16.93
CA THR D 484 -43.93 21.90 17.39
C THR D 484 -44.22 20.84 16.31
N TRP D 485 -44.50 19.61 16.74
CA TRP D 485 -44.80 18.46 15.85
C TRP D 485 -46.31 18.24 15.81
N GLN D 486 -46.91 18.06 14.63
CA GLN D 486 -48.35 17.72 14.47
C GLN D 486 -48.46 16.36 13.78
N LEU D 487 -48.98 15.36 14.49
CA LEU D 487 -48.99 13.95 14.03
C LEU D 487 -50.33 13.33 14.38
N PRO D 488 -50.73 12.27 13.64
CA PRO D 488 -51.87 11.45 14.00
C PRO D 488 -51.88 11.08 15.50
N GLU D 489 -53.05 11.15 16.12
CA GLU D 489 -53.28 10.71 17.52
C GLU D 489 -53.37 9.18 17.58
N ASP D 490 -53.72 8.53 16.46
CA ASP D 490 -54.14 7.10 16.40
C ASP D 490 -52.99 6.15 16.05
N LYS D 491 -51.73 6.62 16.00
CA LYS D 491 -50.56 5.79 15.58
C LYS D 491 -49.38 6.04 16.52
N PRO D 492 -48.50 5.04 16.76
CA PRO D 492 -47.23 5.30 17.44
C PRO D 492 -46.31 6.13 16.52
N PHE D 493 -45.63 7.12 17.09
CA PHE D 493 -44.56 7.88 16.40
C PHE D 493 -43.17 7.37 16.82
N PHE D 494 -42.28 7.22 15.82
CA PHE D 494 -40.93 6.61 15.95
C PHE D 494 -39.94 7.50 15.20
N VAL D 495 -38.83 7.88 15.82
CA VAL D 495 -37.75 8.65 15.14
C VAL D 495 -36.65 7.69 14.71
N SER D 496 -36.62 7.34 13.42
CA SER D 496 -35.72 6.30 12.84
C SER D 496 -34.30 6.86 12.69
N GLU D 497 -34.13 8.17 12.60
CA GLU D 497 -32.80 8.84 12.74
C GLU D 497 -32.96 10.25 13.31
N PHE D 498 -32.10 10.61 14.26
CA PHE D 498 -31.58 12.00 14.42
C PHE D 498 -30.11 11.88 14.84
N GLY D 499 -29.37 12.99 14.90
CA GLY D 499 -28.04 13.02 15.51
C GLY D 499 -27.12 14.08 14.91
N GLY D 500 -25.83 13.98 15.22
CA GLY D 500 -24.82 14.91 14.69
C GLY D 500 -23.42 14.32 14.71
N GLY D 501 -22.59 14.74 13.76
CA GLY D 501 -21.18 14.34 13.72
C GLY D 501 -20.37 14.94 14.87
N ALA D 502 -19.49 14.15 15.47
CA ALA D 502 -18.44 14.66 16.37
C ALA D 502 -17.20 13.79 16.17
N LEU D 503 -16.03 14.42 16.11
CA LEU D 503 -14.74 13.72 16.20
C LEU D 503 -14.42 13.49 17.67
N TYR D 504 -14.25 12.23 18.07
CA TYR D 504 -13.85 11.79 19.43
C TYR D 504 -12.61 12.55 19.91
N ASN D 505 -12.76 13.24 21.04
CA ASN D 505 -11.69 13.94 21.78
C ASN D 505 -11.32 15.24 21.06
N HIS D 506 -12.18 15.71 20.15
CA HIS D 506 -12.23 17.11 19.70
C HIS D 506 -13.20 17.84 20.64
N HIS D 507 -12.64 18.78 21.41
CA HIS D 507 -13.29 19.49 22.55
C HIS D 507 -13.34 20.98 22.22
N GLY D 508 -14.42 21.65 22.64
CA GLY D 508 -14.63 23.09 22.46
C GLY D 508 -15.89 23.49 23.18
N ASP D 509 -16.40 24.69 22.92
CA ASP D 509 -17.71 25.13 23.44
C ASP D 509 -18.79 24.52 22.54
N LYS D 510 -20.03 24.49 23.01
CA LYS D 510 -21.13 23.65 22.45
C LYS D 510 -21.62 24.19 21.11
N LEU D 511 -21.20 25.39 20.71
CA LEU D 511 -21.57 26.01 19.42
C LEU D 511 -20.45 25.76 18.40
N THR D 512 -19.35 25.12 18.82
CA THR D 512 -18.23 24.73 17.93
C THR D 512 -18.54 23.36 17.32
N ARG D 513 -18.94 23.35 16.05
CA ARG D 513 -19.41 22.14 15.32
C ARG D 513 -18.25 21.14 15.19
N TRP D 514 -18.58 19.85 15.37
CA TRP D 514 -17.71 18.64 15.28
C TRP D 514 -17.03 18.37 16.64
N THR D 515 -17.25 19.21 17.65
CA THR D 515 -16.76 18.92 19.03
C THR D 515 -17.74 18.00 19.73
N GLU D 516 -17.29 17.28 20.76
CA GLU D 516 -18.18 16.40 21.55
C GLU D 516 -19.30 17.25 22.19
N GLU D 517 -18.98 18.49 22.60
CA GLU D 517 -19.93 19.37 23.34
C GLU D 517 -21.10 19.78 22.44
N TYR D 518 -20.85 20.01 21.14
CA TYR D 518 -21.91 20.37 20.16
C TYR D 518 -22.88 19.20 20.09
N GLN D 519 -22.35 17.99 19.86
CA GLN D 519 -23.16 16.73 19.76
C GLN D 519 -23.89 16.46 21.09
N GLU D 520 -23.22 16.68 22.22
CA GLU D 520 -23.82 16.53 23.57
C GLU D 520 -25.02 17.48 23.70
N TYR D 521 -24.78 18.77 23.46
CA TYR D 521 -25.79 19.85 23.33
C TYR D 521 -26.91 19.43 22.38
N LEU D 522 -26.58 19.01 21.16
CA LEU D 522 -27.59 18.58 20.16
C LEU D 522 -28.50 17.51 20.78
N TYR D 523 -27.93 16.53 21.49
CA TYR D 523 -28.68 15.35 21.98
C TYR D 523 -29.62 15.73 23.13
N GLN D 524 -29.20 16.69 23.96
CA GLN D 524 -30.03 17.27 25.04
C GLN D 524 -31.28 17.92 24.41
N GLU D 525 -31.07 18.79 23.42
CA GLU D 525 -32.12 19.65 22.86
C GLU D 525 -33.07 18.81 22.02
N GLN D 526 -32.56 17.74 21.41
CA GLN D 526 -33.36 16.78 20.60
C GLN D 526 -34.26 15.99 21.56
N ILE D 527 -33.78 15.68 22.75
CA ILE D 527 -34.53 14.86 23.73
C ILE D 527 -35.62 15.73 24.37
N LYS D 528 -35.34 17.00 24.69
CA LYS D 528 -36.40 17.96 25.11
C LYS D 528 -37.48 18.04 24.03
N MET D 529 -37.09 18.09 22.75
CA MET D 529 -38.05 18.26 21.63
C MET D 529 -38.98 17.05 21.50
N LEU D 530 -38.44 15.83 21.53
CA LEU D 530 -39.21 14.59 21.22
C LEU D 530 -40.04 14.17 22.43
N LYS D 531 -39.63 14.61 23.64
CA LYS D 531 -40.37 14.42 24.91
C LYS D 531 -41.72 15.16 24.88
N LYS D 532 -41.79 16.33 24.24
CA LYS D 532 -43.06 17.09 24.08
C LYS D 532 -44.10 16.31 23.25
N ILE D 533 -43.68 15.28 22.49
CA ILE D 533 -44.58 14.58 21.51
C ILE D 533 -45.30 13.46 22.23
N PRO D 534 -46.63 13.54 22.36
CA PRO D 534 -47.39 12.59 23.16
C PRO D 534 -47.32 11.18 22.56
N THR D 535 -47.43 11.03 21.24
CA THR D 535 -47.49 9.70 20.55
C THR D 535 -46.09 9.06 20.39
N LEU D 536 -45.01 9.66 20.91
CA LEU D 536 -43.64 9.08 20.71
C LEU D 536 -43.54 7.75 21.47
N ARG D 537 -43.22 6.66 20.77
CA ARG D 537 -43.09 5.32 21.40
C ARG D 537 -41.75 4.67 21.09
N GLY D 538 -40.84 5.34 20.35
CA GLY D 538 -39.49 4.80 20.12
C GLY D 538 -38.57 5.76 19.41
N MET D 539 -37.27 5.43 19.36
CA MET D 539 -36.22 6.16 18.58
C MET D 539 -34.98 5.28 18.40
N THR D 540 -34.33 5.40 17.24
CA THR D 540 -33.03 4.79 16.92
C THR D 540 -32.13 5.89 16.37
N PRO D 541 -31.52 6.67 17.27
CA PRO D 541 -30.56 7.69 16.84
C PRO D 541 -29.46 7.16 15.91
N TRP D 542 -29.04 8.03 15.00
CA TRP D 542 -27.95 7.80 14.02
C TRP D 542 -26.66 8.39 14.59
N ILE D 543 -25.74 7.56 15.12
CA ILE D 543 -25.73 6.11 15.04
C ILE D 543 -24.87 5.58 16.21
N LEU D 544 -24.95 4.29 16.51
CA LEU D 544 -24.19 3.66 17.63
C LEU D 544 -22.70 3.99 17.49
N VAL D 545 -22.10 3.70 16.34
CA VAL D 545 -20.62 3.83 16.14
C VAL D 545 -20.31 4.48 14.79
N ASP D 546 -19.24 5.30 14.75
CA ASP D 546 -18.65 5.88 13.51
C ASP D 546 -18.46 4.74 12.51
N PHE D 547 -18.69 5.05 11.24
CA PHE D 547 -18.68 4.05 10.14
C PHE D 547 -18.23 4.73 8.84
N ARG D 548 -17.83 3.90 7.87
CA ARG D 548 -17.12 4.36 6.64
C ARG D 548 -18.15 4.83 5.61
N SER D 549 -17.90 5.99 5.02
CA SER D 549 -18.67 6.55 3.88
C SER D 549 -17.75 7.38 3.01
N PRO D 550 -17.68 7.11 1.68
CA PRO D 550 -16.89 7.93 0.77
C PRO D 550 -17.56 9.27 0.45
N ARG D 551 -18.70 9.56 1.10
CA ARG D 551 -19.38 10.88 1.00
C ARG D 551 -18.80 11.86 2.02
N ARG D 552 -18.02 11.37 2.98
CA ARG D 552 -17.52 12.17 4.14
C ARG D 552 -16.02 12.43 3.96
N ASN D 553 -15.66 13.53 3.30
CA ASN D 553 -14.25 13.85 2.92
C ASN D 553 -13.72 15.11 3.62
N LEU D 554 -14.31 15.51 4.75
CA LEU D 554 -13.70 16.55 5.61
C LEU D 554 -12.38 16.00 6.15
N PRO D 555 -11.21 16.48 5.71
CA PRO D 555 -9.94 16.04 6.30
C PRO D 555 -9.92 16.35 7.80
N ILE D 556 -9.23 15.51 8.57
CA ILE D 556 -8.97 15.67 10.04
C ILE D 556 -10.23 15.24 10.81
N ILE D 557 -11.41 15.79 10.51
CA ILE D 557 -12.69 15.46 11.20
C ILE D 557 -13.21 14.10 10.72
N GLN D 558 -13.28 13.87 9.40
CA GLN D 558 -14.03 12.74 8.82
C GLN D 558 -13.08 11.68 8.25
N ASP D 559 -12.19 12.07 7.33
CA ASP D 559 -11.26 11.13 6.63
C ASP D 559 -12.05 9.87 6.26
N GLY D 560 -13.23 10.04 5.65
CA GLY D 560 -14.02 8.93 5.10
C GLY D 560 -14.87 8.21 6.13
N TRP D 561 -15.00 8.78 7.34
CA TRP D 561 -15.96 8.28 8.37
C TRP D 561 -17.15 9.24 8.49
N ASN D 562 -18.35 8.67 8.47
CA ASN D 562 -19.54 9.29 9.08
C ASN D 562 -19.23 9.37 10.56
N ARG D 563 -19.31 10.56 11.18
CA ARG D 563 -18.84 10.82 12.56
C ARG D 563 -20.00 10.92 13.56
N LYS D 564 -21.18 10.41 13.21
CA LYS D 564 -22.40 10.54 14.05
C LYS D 564 -22.48 9.42 15.10
N GLY D 565 -21.48 8.55 15.15
CA GLY D 565 -21.35 7.53 16.21
C GLY D 565 -21.50 8.16 17.59
N LEU D 566 -22.15 7.45 18.52
CA LEU D 566 -22.03 7.76 19.97
C LEU D 566 -20.71 7.14 20.45
N ILE D 567 -20.14 6.22 19.65
CA ILE D 567 -18.81 5.59 19.90
C ILE D 567 -17.86 5.96 18.76
N SER D 568 -16.58 6.13 19.08
CA SER D 568 -15.50 6.45 18.12
C SER D 568 -15.18 5.21 17.28
N ASP D 569 -14.57 5.41 16.10
CA ASP D 569 -14.04 4.32 15.24
C ASP D 569 -13.14 3.37 16.05
N GLY D 570 -12.52 3.86 17.11
CA GLY D 570 -11.59 3.09 17.96
C GLY D 570 -12.27 2.40 19.13
N GLY D 571 -13.57 2.64 19.34
CA GLY D 571 -14.39 1.94 20.34
C GLY D 571 -14.58 2.74 21.64
N PHE D 572 -14.43 4.07 21.60
CA PHE D 572 -14.47 4.96 22.79
C PHE D 572 -15.77 5.74 22.81
N LYS D 573 -16.33 5.93 24.01
CA LYS D 573 -17.62 6.61 24.18
C LYS D 573 -17.42 8.13 24.12
N LYS D 574 -18.27 8.82 23.34
CA LYS D 574 -18.32 10.30 23.24
C LYS D 574 -19.28 10.84 24.31
N LYS D 575 -19.19 12.11 24.67
CA LYS D 575 -19.99 12.69 25.80
C LYS D 575 -21.47 12.41 25.56
N ALA D 576 -21.91 12.43 24.30
CA ALA D 576 -23.34 12.38 23.92
C ALA D 576 -23.93 11.02 24.29
N PHE D 577 -23.11 9.97 24.36
CA PHE D 577 -23.54 8.59 24.69
C PHE D 577 -24.23 8.59 26.05
N HIS D 578 -23.70 9.36 27.01
CA HIS D 578 -24.16 9.44 28.42
C HIS D 578 -25.51 10.20 28.49
N VAL D 579 -25.73 11.17 27.61
CA VAL D 579 -27.01 11.91 27.52
C VAL D 579 -28.11 10.91 27.13
N LEU D 580 -27.86 10.05 26.16
CA LEU D 580 -28.91 9.15 25.64
C LEU D 580 -29.15 8.00 26.63
N LYS D 581 -28.10 7.54 27.34
CA LYS D 581 -28.22 6.42 28.31
C LYS D 581 -29.10 6.88 29.48
N ALA D 582 -28.85 8.09 29.96
CA ALA D 582 -29.59 8.78 31.05
C ALA D 582 -31.09 8.74 30.73
N TYR D 583 -31.48 9.18 29.52
CA TYR D 583 -32.88 9.29 29.08
C TYR D 583 -33.50 7.89 28.96
N TYR D 584 -32.74 6.94 28.41
CA TYR D 584 -33.15 5.52 28.29
C TYR D 584 -33.40 4.92 29.69
N ASP D 585 -32.52 5.15 30.67
CA ASP D 585 -32.70 4.68 32.08
C ASP D 585 -34.03 5.23 32.62
N GLU D 586 -34.36 6.46 32.24
CA GLU D 586 -35.57 7.22 32.67
C GLU D 586 -36.80 6.56 32.05
N MET D 587 -36.71 6.18 30.76
CA MET D 587 -37.82 5.55 30.00
C MET D 587 -37.94 4.09 30.42
N GLU D 588 -36.86 3.51 30.93
CA GLU D 588 -36.89 2.11 31.43
C GLU D 588 -37.81 2.10 32.66
N LYS D 589 -37.50 2.95 33.64
CA LYS D 589 -38.28 3.16 34.89
C LYS D 589 -39.74 3.48 34.55
N LYS D 590 -39.98 4.41 33.62
CA LYS D 590 -41.33 4.92 33.31
C LYS D 590 -42.22 3.83 32.69
N TYR D 591 -41.67 2.92 31.88
CA TYR D 591 -42.43 1.84 31.19
C TYR D 591 -42.10 0.48 31.82
N ASN D 592 -41.86 0.43 33.13
CA ASN D 592 -41.56 -0.87 33.79
C ASN D 592 -42.85 -1.70 33.88
N TYR D 593 -42.82 -2.92 33.35
CA TYR D 593 -43.96 -3.87 33.28
C TYR D 593 -43.52 -5.19 33.93
N GLN D 594 -44.45 -5.93 34.54
CA GLN D 594 -44.20 -7.24 35.23
C GLN D 594 -44.84 -8.36 34.40
N ILE D 595 -44.07 -9.43 34.14
CA ILE D 595 -44.37 -10.49 33.12
C ILE D 595 -45.53 -11.37 33.62
N LYS D 596 -46.69 -11.26 32.95
CA LYS D 596 -48.03 -11.83 33.30
C LYS D 596 -48.28 -11.67 34.81
CL CL E . 3.58 -22.80 12.33
C1 GTR F . 7.48 -20.75 21.67
C2 GTR F . 7.49 -19.32 21.15
C3 GTR F . 6.27 -19.08 20.34
C4 GTR F . 6.26 -20.06 19.15
C5 GTR F . 6.40 -21.55 19.56
C6 GTR F . 6.39 -22.41 18.28
O1 GTR F . 8.40 -20.96 22.66
O2 GTR F . 7.40 -18.44 22.25
O3 GTR F . 6.06 -17.62 20.03
O4 GTR F . 7.37 -19.83 18.28
O5 GTR F . 7.60 -21.69 20.48
O6A GTR F . 7.39 -23.02 17.84
O6B GTR F . 5.36 -22.54 17.60
CL CL G . 16.07 20.70 1.79
C1 GTR H . 25.85 17.16 2.09
C2 GTR H . 25.17 15.80 2.03
C3 GTR H . 23.90 15.85 1.28
C4 GTR H . 23.02 16.90 1.93
C5 GTR H . 23.62 18.32 1.87
C6 GTR H . 22.58 19.28 2.41
O1 GTR H . 26.97 17.05 2.87
O2 GTR H . 26.00 14.90 1.31
O3 GTR H . 23.29 14.49 1.01
O4 GTR H . 22.91 16.61 3.33
O5 GTR H . 24.95 18.31 2.55
O6A GTR H . 22.72 19.84 3.53
O6B GTR H . 21.52 19.50 1.74
CL CL I . 0.95 -11.04 -23.95
C1 GTR J . -4.75 -6.05 -30.68
C2 GTR J . -4.76 -4.57 -30.17
C3 GTR J . -3.59 -4.11 -29.33
C4 GTR J . -2.87 -5.20 -28.53
C5 GTR J . -2.55 -6.50 -29.33
C6 GTR J . -2.18 -7.75 -28.53
O1 GTR J . -5.91 -6.72 -30.34
O2 GTR J . -4.85 -3.72 -31.35
O3 GTR J . -4.01 -2.99 -28.47
O4 GTR J . -3.53 -5.51 -27.31
O5 GTR J . -3.61 -6.95 -30.27
O6A GTR J . -1.09 -7.87 -27.90
O6B GTR J . -2.95 -8.75 -28.56
CL CL K . -20.74 13.18 9.77
C1 GTR L . -29.36 9.72 5.90
C2 GTR L . -29.30 8.19 5.85
C3 GTR L . -28.19 7.59 6.66
C4 GTR L . -27.10 8.58 7.02
C5 GTR L . -27.64 9.83 7.80
C6 GTR L . -26.64 10.96 7.84
O1 GTR L . -28.60 10.28 4.91
O2 GTR L . -30.58 7.70 6.30
O3 GTR L . -27.64 6.47 5.90
O4 GTR L . -26.43 9.04 5.84
O5 GTR L . -28.94 10.31 7.23
O6A GTR L . -25.59 10.90 8.51
O6B GTR L . -26.81 12.03 7.24
#